data_5HY7
#
_entry.id   5HY7
#
_cell.length_a   197.083
_cell.length_b   197.083
_cell.length_c   446.453
_cell.angle_alpha   90.00
_cell.angle_beta   90.00
_cell.angle_gamma   120.00
#
_symmetry.space_group_name_H-M   'P 61 2 2'
#
loop_
_entity.id
_entity.type
_entity.pdbx_description
1 polymer 'Putative pre-mRNA splicing protein'
2 polymer YSF3
3 non-polymer 'CALCIUM ION'
#
loop_
_entity_poly.entity_id
_entity_poly.type
_entity_poly.pdbx_seq_one_letter_code
_entity_poly.pdbx_strand_id
1 'polypeptide(L)'
;MATTTSNMFLYSLTIQPPTTITQALLGQFSGTKEQQIITASGSRLTLLQPDPRQGKVNTIVSHDIFGIIRAMAAFRLAGS
HKDYIILATDSGRIAIIEYLPKENRFQRIHLETFGKSGVRRVIPGQYLAADPKGRACLIASVEKNKLVYVLNRNAQAELT
ISSPLEAHKPGVIVLSLVALDVGYSNPVFAALEYEYSEADQDPTGQAAKQLEMQLVYYELDLGLNHVVRKWSDTVDPTSS
LLFQVPGGNDGPSGVLVCGEENITYRHSNQEAFRVPIPRRRGATEDPNRKRTIVAGVMHKLKGSAGAFFFLLQTEDGDLF
KVTIDMVEDEKGNPTGEVKRVKIKYFDTVPIAHSLCILKSGFLFVASEFGNHHFYQFEKLGDDDDEPEFTSDDFPADWNA
PYNPVYFKPRPLENLVLVESIDSMNPLVGCKVANLTGEDAPQIYAICGNGARSSFRMLKHGLEVSEIVASELPGTPSAVW
TTKLTKYDEYDAYIVLSFTNATLVLSIGETVEEVSDSGFLTTVPTLAVQQMGEEGLIQIHPKGIRHIVQGRVNEWPAPQH
RSIVAATTNENQVVIALSSGEIVYFEMDADGSLAEYDEKKQMSGTVTSLSLGKVPEGLRRSSFLAVGCDDCTVRILSLDP
ESTLEMKSIQALTAAPSSLLIMSMEDSTGGTTLYLHIGLHSGVYLRTVLDEITGELTDTRQKFLGPKPTKLFQVTVQNQT
CVLALSSRPWLGYTAPITRNFVMTPLSYTELGYTWSFNSEQCQEGMVGIHANYLRIFTIEKLGQTMIQKSCPLTYTPKRL
VKHPEQPYFYVIEADNNTLPPELRAQLLEQSGAVNGDATVLPPEDFGYPKARGRWASCIEIVDPVSEEQPRVLKRIELEG
NEAAVSAAVVPFASQDGESFLIVGTGKDMVLNPRASTEGAIHVYRFIDDGRDLEFIHKTIIEEPPLAFCPFQGRLLAGIG
KMLRIYDLGLKQLLRKAQAEVSPQLIVSLDTRHNRIVVGDVQHGMTYVVYKPDSNKLIPFADDTIARWTTCTTMVDYESV
AGGDKFGNLWIVRCPERASLESDEPGSEVQLLHARPYLHGAPNRLDLMAHFYPQDLPTSICKTNLVVGGQDVLVWSGIQG
TVGVLIPFVTREDADFFQNLESHMRAEDPPLAGRDHLIYRGYYVPVKGVIDGDLCERFTLLPNDKKQMIAGELDRSVREI
ERKISDIRTRSAF
;
A,B
2 'polypeptide(L)'
;MADKLRNQQELERLQAKYVGTGHPDTTSWEWKTNIHRDTYSSIVGHPPLLSYMALAQNEPVAKFRVQMIRKMLQPVGPPP
PREEDIIMSNTQNGS
;
D,C
#
# COMPACT_ATOMS: atom_id res chain seq x y z
N ASN A 7 50.62 20.06 9.25
CA ASN A 7 49.28 19.60 9.58
C ASN A 7 48.42 19.46 8.32
N MET A 8 48.96 18.78 7.31
CA MET A 8 48.28 18.52 6.06
C MET A 8 47.91 17.05 5.98
N PHE A 9 46.80 16.76 5.31
CA PHE A 9 46.36 15.37 5.24
C PHE A 9 45.60 15.01 3.97
N LEU A 10 45.52 15.89 2.97
CA LEU A 10 44.80 15.58 1.75
C LEU A 10 45.59 16.05 0.53
N TYR A 11 45.47 15.27 -0.55
CA TYR A 11 46.25 15.45 -1.76
C TYR A 11 45.26 15.52 -2.92
N SER A 12 45.18 16.66 -3.58
CA SER A 12 44.19 16.91 -4.61
C SER A 12 44.76 16.56 -5.98
N LEU A 13 44.06 15.71 -6.73
CA LEU A 13 44.47 15.32 -8.06
C LEU A 13 43.31 15.42 -9.02
N THR A 14 43.64 15.53 -10.30
CA THR A 14 42.66 15.65 -11.37
C THR A 14 42.70 14.38 -12.22
N ILE A 15 41.60 13.64 -12.24
CA ILE A 15 41.46 12.46 -13.09
C ILE A 15 41.08 12.87 -14.49
N GLN A 16 40.18 13.83 -14.62
CA GLN A 16 39.70 14.32 -15.91
C GLN A 16 39.69 15.84 -15.86
N PRO A 17 40.39 16.52 -16.76
CA PRO A 17 40.40 17.98 -16.75
C PRO A 17 39.12 18.52 -17.32
N PRO A 18 38.81 19.80 -17.09
CA PRO A 18 37.59 20.36 -17.65
C PRO A 18 37.58 20.26 -19.17
N THR A 19 36.40 19.99 -19.73
CA THR A 19 36.25 19.84 -21.17
C THR A 19 35.47 20.99 -21.79
N THR A 20 35.10 21.99 -21.00
CA THR A 20 34.44 23.16 -21.55
C THR A 20 35.44 24.02 -22.30
N ILE A 21 34.92 24.88 -23.17
CA ILE A 21 35.75 25.84 -23.90
C ILE A 21 35.03 27.18 -23.91
N THR A 22 35.33 28.03 -22.94
CA THR A 22 34.69 29.33 -22.88
C THR A 22 35.21 30.28 -23.95
N GLN A 23 36.29 29.93 -24.63
CA GLN A 23 36.79 30.72 -25.74
C GLN A 23 37.81 29.92 -26.52
N ALA A 24 37.70 29.97 -27.84
CA ALA A 24 38.69 29.42 -28.76
C ALA A 24 39.10 30.51 -29.73
N LEU A 25 40.39 30.54 -30.07
CA LEU A 25 40.96 31.60 -30.87
C LEU A 25 41.92 30.98 -31.88
N LEU A 26 41.98 31.56 -33.07
CA LEU A 26 42.79 31.05 -34.16
C LEU A 26 44.03 31.91 -34.32
N GLY A 27 45.17 31.26 -34.56
CA GLY A 27 46.39 32.01 -34.79
C GLY A 27 47.53 31.10 -35.19
N GLN A 28 48.53 31.71 -35.83
CA GLN A 28 49.76 31.02 -36.20
C GLN A 28 50.71 31.02 -35.00
N PHE A 29 50.31 30.29 -33.97
CA PHE A 29 51.06 30.31 -32.72
C PHE A 29 52.35 29.50 -32.79
N SER A 30 52.46 28.56 -33.74
CA SER A 30 53.70 27.81 -33.88
C SER A 30 54.76 28.56 -34.67
N GLY A 31 54.40 29.66 -35.32
CA GLY A 31 55.31 30.37 -36.18
C GLY A 31 55.25 29.95 -37.65
N THR A 32 54.75 28.77 -37.92
CA THR A 32 54.55 28.31 -39.29
C THR A 32 53.31 29.00 -39.89
N LYS A 33 53.12 28.80 -41.18
CA LYS A 33 51.90 29.29 -41.81
C LYS A 33 50.68 28.49 -41.41
N GLU A 34 50.87 27.30 -40.83
CA GLU A 34 49.76 26.51 -40.34
C GLU A 34 49.04 27.26 -39.21
N GLN A 35 47.75 26.99 -39.07
CA GLN A 35 46.94 27.63 -38.04
C GLN A 35 46.69 26.68 -36.88
N GLN A 36 46.63 27.24 -35.68
CA GLN A 36 46.33 26.49 -34.48
C GLN A 36 45.22 27.19 -33.71
N ILE A 37 44.64 26.46 -32.76
CA ILE A 37 43.53 26.94 -31.95
C ILE A 37 43.98 26.94 -30.49
N ILE A 38 43.78 28.07 -29.81
CA ILE A 38 44.04 28.20 -28.39
C ILE A 38 42.69 28.26 -27.68
N THR A 39 42.52 27.45 -26.65
CA THR A 39 41.25 27.35 -25.95
C THR A 39 41.46 27.56 -24.46
N ALA A 40 40.44 28.14 -23.83
CA ALA A 40 40.40 28.32 -22.39
C ALA A 40 39.38 27.34 -21.81
N SER A 41 39.87 26.39 -21.01
CA SER A 41 39.02 25.41 -20.34
C SER A 41 39.14 25.62 -18.84
N GLY A 42 38.34 26.55 -18.32
CA GLY A 42 38.42 26.90 -16.92
C GLY A 42 39.76 27.49 -16.57
N SER A 43 40.67 26.68 -16.04
CA SER A 43 42.01 27.11 -15.73
C SER A 43 43.06 26.54 -16.67
N ARG A 44 42.67 25.67 -17.59
CA ARG A 44 43.61 25.08 -18.53
C ARG A 44 43.70 25.94 -19.78
N LEU A 45 44.92 26.24 -20.20
CA LEU A 45 45.20 26.81 -21.49
C LEU A 45 45.61 25.67 -22.41
N THR A 46 44.88 25.48 -23.51
CA THR A 46 45.12 24.33 -24.36
C THR A 46 45.40 24.78 -25.78
N LEU A 47 46.38 24.14 -26.40
CA LEU A 47 46.76 24.42 -27.78
C LEU A 47 46.49 23.17 -28.61
N LEU A 48 45.66 23.33 -29.64
CA LEU A 48 45.18 22.27 -30.50
C LEU A 48 45.61 22.53 -31.94
N GLN A 49 45.89 21.46 -32.67
CA GLN A 49 46.27 21.51 -34.06
C GLN A 49 45.20 20.86 -34.92
N PRO A 50 44.44 21.60 -35.69
CA PRO A 50 43.51 20.98 -36.64
C PRO A 50 44.26 20.24 -37.73
N ASP A 51 43.70 19.10 -38.14
CA ASP A 51 44.29 18.25 -39.17
C ASP A 51 43.35 18.22 -40.37
N PRO A 52 43.67 18.91 -41.47
CA PRO A 52 42.73 18.99 -42.59
C PRO A 52 42.61 17.69 -43.36
N ARG A 53 43.63 16.84 -43.34
CA ARG A 53 43.55 15.57 -44.05
C ARG A 53 42.61 14.61 -43.36
N GLN A 54 42.84 14.34 -42.07
CA GLN A 54 42.04 13.38 -41.32
C GLN A 54 40.70 13.95 -40.89
N GLY A 55 40.49 15.25 -40.98
CA GLY A 55 39.23 15.83 -40.54
C GLY A 55 39.02 15.82 -39.05
N LYS A 56 40.08 15.68 -38.27
CA LYS A 56 40.01 15.69 -36.82
C LYS A 56 40.81 16.88 -36.28
N VAL A 57 40.80 17.03 -34.96
CA VAL A 57 41.59 18.04 -34.28
C VAL A 57 42.30 17.36 -33.11
N ASN A 58 43.61 17.57 -33.01
CA ASN A 58 44.43 16.93 -31.99
C ASN A 58 45.01 17.98 -31.06
N THR A 59 45.19 17.60 -29.80
CA THR A 59 45.65 18.50 -28.75
C THR A 59 47.18 18.53 -28.75
N ILE A 60 47.76 19.72 -28.91
CA ILE A 60 49.21 19.83 -28.87
C ILE A 60 49.70 19.83 -27.43
N VAL A 61 49.15 20.69 -26.58
CA VAL A 61 49.62 20.78 -25.19
C VAL A 61 48.54 21.43 -24.34
N SER A 62 48.60 21.20 -23.03
CA SER A 62 47.73 21.86 -22.08
C SER A 62 48.57 22.28 -20.87
N HIS A 63 48.16 23.37 -20.25
CA HIS A 63 48.92 24.01 -19.18
C HIS A 63 47.95 24.57 -18.16
N ASP A 64 48.12 24.20 -16.89
CA ASP A 64 47.24 24.68 -15.83
C ASP A 64 47.70 26.07 -15.42
N ILE A 65 46.89 27.09 -15.74
CA ILE A 65 47.21 28.47 -15.41
C ILE A 65 47.26 28.71 -13.92
N PHE A 66 46.60 27.86 -13.13
CA PHE A 66 46.36 28.14 -11.72
C PHE A 66 45.79 29.56 -11.56
N GLY A 67 44.77 29.83 -12.36
CA GLY A 67 44.06 31.08 -12.34
C GLY A 67 42.78 30.91 -13.13
N ILE A 68 42.08 32.00 -13.32
CA ILE A 68 40.81 32.00 -14.05
C ILE A 68 41.04 32.71 -15.37
N ILE A 69 40.94 31.98 -16.47
CA ILE A 69 41.11 32.56 -17.79
C ILE A 69 39.81 33.26 -18.17
N ARG A 70 39.81 34.59 -18.12
CA ARG A 70 38.63 35.38 -18.42
C ARG A 70 38.61 35.89 -19.86
N ALA A 71 39.77 36.17 -20.46
CA ALA A 71 39.77 36.60 -21.85
C ALA A 71 41.13 36.35 -22.46
N MET A 72 41.15 36.18 -23.78
CA MET A 72 42.37 35.93 -24.53
C MET A 72 42.37 36.76 -25.80
N ALA A 73 43.54 37.29 -26.16
CA ALA A 73 43.71 38.02 -27.40
C ALA A 73 44.99 37.57 -28.07
N ALA A 74 45.04 37.68 -29.38
CA ALA A 74 46.22 37.29 -30.14
C ALA A 74 46.77 38.50 -30.88
N PHE A 75 48.09 38.56 -31.02
CA PHE A 75 48.64 39.66 -31.80
C PHE A 75 49.98 39.27 -32.40
N ARG A 76 50.35 39.96 -33.47
CA ARG A 76 51.57 39.67 -34.22
C ARG A 76 52.48 40.88 -34.21
N LEU A 77 53.78 40.63 -34.05
CA LEU A 77 54.76 41.70 -34.17
C LEU A 77 55.04 41.99 -35.64
N ALA A 78 55.36 43.24 -35.92
CA ALA A 78 55.60 43.67 -37.29
C ALA A 78 56.71 42.84 -37.94
N GLY A 79 56.45 42.38 -39.16
CA GLY A 79 57.43 41.57 -39.86
C GLY A 79 57.67 40.23 -39.23
N SER A 80 56.66 39.65 -38.58
CA SER A 80 56.78 38.34 -37.97
C SER A 80 55.56 37.50 -38.32
N HIS A 81 55.74 36.18 -38.28
CA HIS A 81 54.68 35.23 -38.62
C HIS A 81 54.14 34.49 -37.41
N LYS A 82 54.47 34.94 -36.21
CA LYS A 82 54.12 34.21 -34.99
C LYS A 82 53.23 35.07 -34.11
N ASP A 83 52.09 34.50 -33.69
CA ASP A 83 51.17 35.21 -32.82
C ASP A 83 51.52 34.95 -31.36
N TYR A 84 51.42 36.00 -30.56
CA TYR A 84 51.53 35.94 -29.11
C TYR A 84 50.13 35.98 -28.49
N ILE A 85 50.04 35.47 -27.27
CA ILE A 85 48.78 35.33 -26.55
C ILE A 85 48.78 36.27 -25.36
N ILE A 86 47.84 37.21 -25.33
CA ILE A 86 47.58 38.05 -24.17
C ILE A 86 46.47 37.40 -23.36
N LEU A 87 46.72 37.24 -22.06
CA LEU A 87 45.76 36.63 -21.14
C LEU A 87 45.25 37.67 -20.15
N ALA A 88 43.95 37.80 -20.07
CA ALA A 88 43.28 38.53 -19.01
C ALA A 88 42.70 37.52 -18.03
N THR A 89 43.14 37.58 -16.79
CA THR A 89 42.80 36.58 -15.79
C THR A 89 42.38 37.27 -14.50
N ASP A 90 42.49 36.54 -13.38
CA ASP A 90 42.15 37.04 -12.06
C ASP A 90 43.37 37.44 -11.25
N SER A 91 44.56 37.38 -11.84
CA SER A 91 45.79 37.68 -11.12
C SER A 91 45.97 39.16 -10.82
N GLY A 92 45.10 40.02 -11.34
CA GLY A 92 45.35 41.44 -11.29
C GLY A 92 46.51 41.88 -12.15
N ARG A 93 47.09 40.97 -12.92
CA ARG A 93 48.25 41.24 -13.75
C ARG A 93 47.91 40.89 -15.19
N ILE A 94 48.58 41.57 -16.11
CA ILE A 94 48.47 41.26 -17.53
C ILE A 94 49.67 40.40 -17.91
N ALA A 95 49.41 39.27 -18.54
CA ALA A 95 50.43 38.31 -18.93
C ALA A 95 50.39 38.12 -20.42
N ILE A 96 51.56 38.15 -21.06
CA ILE A 96 51.72 37.88 -22.47
C ILE A 96 52.64 36.68 -22.60
N ILE A 97 52.14 35.61 -23.21
CA ILE A 97 52.85 34.34 -23.30
C ILE A 97 53.02 33.94 -24.75
N GLU A 98 53.96 33.03 -24.97
CA GLU A 98 54.37 32.57 -26.28
C GLU A 98 54.50 31.04 -26.22
N TYR A 99 54.18 30.39 -27.34
CA TYR A 99 54.34 28.95 -27.45
C TYR A 99 55.67 28.62 -28.10
N LEU A 100 56.31 27.56 -27.60
CA LEU A 100 57.66 27.17 -28.01
C LEU A 100 57.62 25.78 -28.62
N PRO A 101 57.49 25.67 -29.95
CA PRO A 101 57.37 24.34 -30.56
C PRO A 101 58.56 23.43 -30.32
N LYS A 102 59.76 23.98 -30.12
CA LYS A 102 60.92 23.12 -29.89
C LYS A 102 60.85 22.45 -28.53
N GLU A 103 60.31 23.14 -27.52
CA GLU A 103 60.22 22.59 -26.18
C GLU A 103 58.82 22.10 -25.84
N ASN A 104 57.83 22.38 -26.67
CA ASN A 104 56.43 22.03 -26.43
C ASN A 104 55.99 22.48 -25.04
N ARG A 105 56.15 23.77 -24.79
CA ARG A 105 55.75 24.35 -23.52
C ARG A 105 55.37 25.80 -23.75
N PHE A 106 54.51 26.31 -22.89
CA PHE A 106 54.22 27.73 -22.89
C PHE A 106 55.26 28.46 -22.05
N GLN A 107 55.59 29.66 -22.48
CA GLN A 107 56.51 30.53 -21.76
C GLN A 107 55.97 31.93 -21.84
N ARG A 108 55.94 32.64 -20.72
CA ARG A 108 55.43 34.00 -20.74
C ARG A 108 56.58 34.95 -21.00
N ILE A 109 56.33 35.92 -21.88
CA ILE A 109 57.34 36.90 -22.26
C ILE A 109 57.11 38.24 -21.59
N HIS A 110 55.91 38.49 -21.06
CA HIS A 110 55.69 39.68 -20.26
C HIS A 110 54.70 39.38 -19.14
N LEU A 111 54.89 40.09 -18.03
CA LEU A 111 54.01 39.96 -16.87
C LEU A 111 54.10 41.27 -16.11
N GLU A 112 53.04 42.06 -16.12
CA GLU A 112 53.07 43.34 -15.44
C GLU A 112 51.81 43.51 -14.61
N THR A 113 51.99 43.92 -13.36
CA THR A 113 50.88 44.11 -12.44
C THR A 113 50.16 45.42 -12.75
N PHE A 114 48.83 45.37 -12.74
CA PHE A 114 48.04 46.58 -12.88
C PHE A 114 46.98 46.76 -11.81
N GLY A 115 46.78 45.79 -10.93
CA GLY A 115 45.79 45.94 -9.89
C GLY A 115 45.82 44.77 -8.94
N LYS A 116 44.86 44.78 -8.03
CA LYS A 116 44.76 43.72 -7.04
C LYS A 116 44.14 42.47 -7.65
N SER A 117 44.38 41.34 -7.00
CA SER A 117 43.98 40.06 -7.54
C SER A 117 42.49 39.79 -7.30
N GLY A 118 41.94 38.94 -8.15
CA GLY A 118 40.56 38.51 -8.02
C GLY A 118 39.70 39.03 -9.15
N VAL A 119 38.46 38.56 -9.15
CA VAL A 119 37.42 39.02 -10.07
C VAL A 119 36.64 40.09 -9.34
N ARG A 120 36.90 41.35 -9.65
CA ARG A 120 36.25 42.46 -8.97
C ARG A 120 35.63 43.40 -9.98
N ARG A 121 34.79 44.29 -9.47
CA ARG A 121 34.01 45.16 -10.34
C ARG A 121 34.91 46.13 -11.08
N VAL A 122 35.80 46.81 -10.35
CA VAL A 122 36.55 47.95 -10.87
C VAL A 122 37.99 47.60 -11.17
N ILE A 123 38.30 46.34 -11.43
CA ILE A 123 39.66 45.90 -11.75
C ILE A 123 39.62 45.18 -13.09
N PRO A 124 40.32 45.68 -14.10
CA PRO A 124 40.24 45.09 -15.44
C PRO A 124 40.57 43.61 -15.44
N GLY A 125 40.08 42.93 -16.48
CA GLY A 125 40.24 41.50 -16.62
C GLY A 125 39.03 40.90 -17.30
N GLN A 126 37.90 41.58 -17.19
CA GLN A 126 36.66 41.05 -17.74
C GLN A 126 36.64 41.12 -19.27
N TYR A 127 37.18 42.19 -19.83
CA TYR A 127 37.20 42.41 -21.27
C TYR A 127 38.63 42.61 -21.75
N LEU A 128 38.93 42.11 -22.95
CA LEU A 128 40.26 42.24 -23.52
C LEU A 128 40.15 42.22 -25.04
N ALA A 129 40.75 43.21 -25.69
CA ALA A 129 40.79 43.27 -27.14
C ALA A 129 42.16 43.75 -27.59
N ALA A 130 42.52 43.42 -28.82
CA ALA A 130 43.82 43.76 -29.35
C ALA A 130 43.68 44.34 -30.75
N ASP A 131 44.52 45.33 -31.05
CA ASP A 131 44.51 45.93 -32.38
C ASP A 131 44.79 44.87 -33.43
N PRO A 132 44.10 44.89 -34.57
CA PRO A 132 44.30 43.84 -35.57
C PRO A 132 45.71 43.81 -36.14
N LYS A 133 46.35 44.97 -36.26
CA LYS A 133 47.73 45.03 -36.75
C LYS A 133 48.74 44.77 -35.63
N GLY A 134 48.28 44.52 -34.41
CA GLY A 134 49.17 44.17 -33.33
C GLY A 134 49.91 45.34 -32.70
N ARG A 135 49.33 46.54 -32.74
CA ARG A 135 50.03 47.71 -32.25
C ARG A 135 49.72 48.02 -30.79
N ALA A 136 48.54 47.66 -30.32
CA ALA A 136 48.15 47.96 -28.94
C ALA A 136 47.01 47.05 -28.54
N CYS A 137 46.66 47.09 -27.25
CA CYS A 137 45.55 46.30 -26.75
C CYS A 137 44.93 47.02 -25.57
N LEU A 138 43.67 46.68 -25.29
CA LEU A 138 42.88 47.31 -24.24
C LEU A 138 42.30 46.22 -23.35
N ILE A 139 42.51 46.36 -22.04
CA ILE A 139 41.91 45.49 -21.05
C ILE A 139 41.01 46.35 -20.17
N ALA A 140 39.84 45.82 -19.83
CA ALA A 140 38.86 46.64 -19.14
C ALA A 140 38.03 45.76 -18.21
N SER A 141 37.40 46.40 -17.23
CA SER A 141 36.48 45.75 -16.32
C SER A 141 35.06 46.05 -16.74
N VAL A 142 34.09 45.47 -16.03
CA VAL A 142 32.69 45.79 -16.28
C VAL A 142 32.43 47.26 -16.02
N GLU A 143 33.09 47.81 -15.01
CA GLU A 143 33.02 49.22 -14.64
C GLU A 143 34.22 49.50 -13.76
N LYS A 144 34.99 50.56 -14.00
CA LYS A 144 34.79 51.51 -15.07
C LYS A 144 36.14 51.72 -15.71
N ASN A 145 37.11 50.97 -15.21
CA ASN A 145 38.49 51.15 -15.62
C ASN A 145 38.72 50.57 -17.02
N LYS A 146 39.61 51.22 -17.76
CA LYS A 146 40.15 50.71 -19.00
C LYS A 146 41.63 51.06 -19.03
N LEU A 147 42.43 50.13 -19.53
CA LEU A 147 43.87 50.31 -19.65
C LEU A 147 44.28 49.92 -21.06
N VAL A 148 45.14 50.73 -21.67
CA VAL A 148 45.66 50.45 -23.00
C VAL A 148 47.17 50.26 -22.90
N TYR A 149 47.64 49.11 -23.36
CA TYR A 149 49.07 48.82 -23.43
C TYR A 149 49.49 48.88 -24.89
N VAL A 150 50.57 49.62 -25.15
CA VAL A 150 51.10 49.76 -26.50
C VAL A 150 52.19 48.73 -26.71
N LEU A 151 52.05 47.92 -27.76
CA LEU A 151 52.97 46.82 -28.05
C LEU A 151 53.85 47.23 -29.22
N ASN A 152 55.16 47.23 -29.01
CA ASN A 152 56.09 47.67 -30.04
C ASN A 152 57.23 46.67 -30.19
N ARG A 153 58.09 46.94 -31.17
CA ARG A 153 59.20 46.07 -31.53
C ARG A 153 60.50 46.83 -31.31
N ASN A 154 61.43 46.22 -30.58
CA ASN A 154 62.66 46.88 -30.20
C ASN A 154 63.76 46.61 -31.22
N ALA A 155 64.98 47.08 -30.93
CA ALA A 155 66.12 46.84 -31.81
C ALA A 155 66.47 45.35 -31.87
N GLN A 156 66.39 44.67 -30.73
CA GLN A 156 66.64 43.23 -30.69
C GLN A 156 65.61 42.44 -31.48
N ALA A 157 64.60 43.09 -32.08
CA ALA A 157 63.44 42.46 -32.69
C ALA A 157 62.56 41.72 -31.68
N GLU A 158 62.66 42.09 -30.41
CA GLU A 158 61.85 41.51 -29.36
C GLU A 158 60.67 42.42 -29.02
N LEU A 159 59.79 41.92 -28.16
CA LEU A 159 58.59 42.64 -27.79
C LEU A 159 58.89 43.65 -26.68
N THR A 160 58.36 44.86 -26.84
CA THR A 160 58.45 45.88 -25.81
C THR A 160 57.06 46.36 -25.44
N ILE A 161 56.85 46.57 -24.15
CA ILE A 161 55.57 46.96 -23.58
C ILE A 161 55.74 48.30 -22.89
N SER A 162 54.87 49.25 -23.21
CA SER A 162 54.85 50.53 -22.53
C SER A 162 54.07 50.41 -21.23
N SER A 163 54.09 51.48 -20.44
CA SER A 163 53.22 51.56 -19.29
C SER A 163 51.79 51.75 -19.78
N PRO A 164 50.81 51.31 -19.00
CA PRO A 164 49.41 51.44 -19.43
C PRO A 164 48.96 52.89 -19.43
N LEU A 165 47.93 53.14 -20.22
CA LEU A 165 47.32 54.46 -20.34
C LEU A 165 45.89 54.36 -19.84
N GLU A 166 45.53 55.24 -18.90
CA GLU A 166 44.23 55.17 -18.26
C GLU A 166 43.16 55.84 -19.10
N ALA A 167 41.97 55.24 -19.12
CA ALA A 167 40.81 55.78 -19.80
C ALA A 167 39.57 55.58 -18.94
N HIS A 168 39.72 55.80 -17.64
CA HIS A 168 38.62 55.54 -16.71
C HIS A 168 37.55 56.62 -16.85
N LYS A 169 36.33 56.24 -16.50
CA LYS A 169 35.18 57.13 -16.46
C LYS A 169 34.12 56.54 -15.54
N PRO A 170 33.89 57.13 -14.37
CA PRO A 170 32.97 56.50 -13.40
C PRO A 170 31.58 56.29 -13.98
N GLY A 171 30.89 55.30 -13.43
CA GLY A 171 29.52 55.01 -13.79
C GLY A 171 29.33 54.27 -15.09
N VAL A 172 30.38 53.91 -15.79
CA VAL A 172 30.29 53.33 -17.13
C VAL A 172 30.30 51.81 -17.00
N ILE A 173 29.26 51.17 -17.56
CA ILE A 173 29.14 49.72 -17.59
C ILE A 173 29.33 49.26 -19.03
N VAL A 174 30.20 48.27 -19.22
CA VAL A 174 30.57 47.79 -20.54
C VAL A 174 29.92 46.44 -20.77
N LEU A 175 29.26 46.28 -21.91
CA LEU A 175 28.68 45.01 -22.28
C LEU A 175 29.48 44.26 -23.34
N SER A 176 30.27 44.98 -24.14
CA SER A 176 31.04 44.35 -25.21
C SER A 176 32.22 45.25 -25.52
N LEU A 177 33.30 44.65 -26.01
CA LEU A 177 34.50 45.41 -26.34
C LEU A 177 35.25 44.68 -27.45
N VAL A 178 35.44 45.37 -28.57
CA VAL A 178 36.21 44.85 -29.70
C VAL A 178 37.08 45.99 -30.21
N ALA A 179 38.22 45.64 -30.79
CA ALA A 179 39.11 46.62 -31.40
C ALA A 179 38.68 46.90 -32.83
N LEU A 180 38.67 48.17 -33.20
CA LEU A 180 38.38 48.56 -34.57
C LEU A 180 39.56 48.25 -35.47
N ASP A 181 39.26 47.82 -36.69
CA ASP A 181 40.28 47.68 -37.73
C ASP A 181 40.30 48.98 -38.51
N VAL A 182 41.18 49.89 -38.12
CA VAL A 182 41.33 51.17 -38.79
C VAL A 182 42.51 51.14 -39.75
N GLY A 183 42.90 49.96 -40.23
CA GLY A 183 44.10 49.84 -41.02
C GLY A 183 45.33 50.13 -40.19
N TYR A 184 46.14 51.10 -40.62
CA TYR A 184 47.27 51.56 -39.84
C TYR A 184 47.06 52.97 -39.32
N SER A 185 45.83 53.44 -39.25
CA SER A 185 45.53 54.70 -38.60
C SER A 185 45.70 54.56 -37.10
N ASN A 186 45.37 55.61 -36.36
CA ASN A 186 45.46 55.55 -34.91
C ASN A 186 44.51 54.47 -34.40
N PRO A 187 44.97 53.55 -33.54
CA PRO A 187 44.11 52.47 -33.06
C PRO A 187 42.88 53.00 -32.35
N VAL A 188 41.75 52.32 -32.57
CA VAL A 188 40.48 52.69 -31.96
C VAL A 188 39.84 51.43 -31.39
N PHE A 189 39.28 51.54 -30.19
CA PHE A 189 38.59 50.44 -29.53
C PHE A 189 37.13 50.83 -29.32
N ALA A 190 36.22 49.96 -29.73
CA ALA A 190 34.80 50.22 -29.61
C ALA A 190 34.22 49.52 -28.40
N ALA A 191 33.27 50.16 -27.74
CA ALA A 191 32.66 49.59 -26.56
C ALA A 191 31.18 49.96 -26.49
N LEU A 192 30.37 48.97 -26.11
CA LEU A 192 28.99 49.19 -25.74
C LEU A 192 28.94 49.58 -24.27
N GLU A 193 28.46 50.78 -23.97
CA GLU A 193 28.49 51.28 -22.61
C GLU A 193 27.13 51.87 -22.24
N TYR A 194 26.87 51.91 -20.94
CA TYR A 194 25.77 52.71 -20.44
C TYR A 194 26.16 53.25 -19.07
N GLU A 195 25.70 54.46 -18.77
CA GLU A 195 26.05 55.14 -17.53
C GLU A 195 24.89 55.07 -16.55
N TYR A 196 25.19 54.68 -15.33
CA TYR A 196 24.18 54.61 -14.27
C TYR A 196 24.18 55.84 -13.38
N SER A 197 24.97 56.86 -13.72
CA SER A 197 25.10 58.02 -12.86
C SER A 197 23.77 58.74 -12.67
N GLU A 198 22.97 58.81 -13.73
CA GLU A 198 21.67 59.49 -13.62
C GLU A 198 20.70 58.69 -12.76
N ALA A 199 20.69 57.36 -12.93
CA ALA A 199 19.72 56.54 -12.21
C ALA A 199 19.88 56.64 -10.70
N ASP A 200 21.10 56.88 -10.22
CA ASP A 200 21.31 57.04 -8.79
C ASP A 200 20.82 58.37 -8.27
N GLN A 201 20.49 59.32 -9.15
CA GLN A 201 20.09 60.66 -8.73
C GLN A 201 18.59 60.86 -8.71
N ASP A 202 17.82 60.01 -9.38
CA ASP A 202 16.37 60.18 -9.44
C ASP A 202 15.74 59.43 -8.28
N PRO A 203 15.22 60.12 -7.25
CA PRO A 203 14.73 59.43 -6.05
C PRO A 203 13.54 58.52 -6.30
N THR A 204 12.52 59.00 -7.01
CA THR A 204 11.39 58.17 -7.40
C THR A 204 11.03 58.49 -8.83
N GLY A 205 10.64 57.47 -9.59
CA GLY A 205 10.61 57.59 -11.03
C GLY A 205 12.02 57.45 -11.56
N GLN A 206 12.14 57.50 -12.88
CA GLN A 206 13.40 57.11 -13.51
C GLN A 206 13.35 57.39 -15.02
N ALA A 207 14.46 57.54 -15.76
CA ALA A 207 15.90 57.38 -15.40
C ALA A 207 16.29 55.94 -15.11
N ALA A 208 15.44 55.02 -15.55
CA ALA A 208 15.58 53.56 -15.42
C ALA A 208 14.31 52.97 -16.02
N LYS A 209 14.30 51.65 -16.17
CA LYS A 209 13.36 50.92 -17.02
C LYS A 209 13.65 51.31 -18.47
N GLN A 210 14.67 52.15 -18.65
CA GLN A 210 15.16 52.57 -19.94
C GLN A 210 16.68 52.56 -19.88
N LEU A 211 17.32 52.27 -21.02
CA LEU A 211 18.77 52.22 -21.10
C LEU A 211 19.25 53.15 -22.20
N GLU A 212 20.20 54.01 -21.85
CA GLU A 212 20.81 54.92 -22.82
C GLU A 212 22.15 54.35 -23.26
N MET A 213 22.06 53.25 -24.00
CA MET A 213 23.25 52.58 -24.50
C MET A 213 23.93 53.43 -25.56
N GLN A 214 25.25 53.58 -25.43
CA GLN A 214 26.04 54.28 -26.43
C GLN A 214 27.12 53.36 -26.96
N LEU A 215 27.42 53.52 -28.25
CA LEU A 215 28.64 53.01 -28.83
C LEU A 215 29.71 54.08 -28.70
N VAL A 216 30.85 53.70 -28.12
CA VAL A 216 31.92 54.63 -27.82
C VAL A 216 33.20 54.17 -28.50
N TYR A 217 33.94 55.12 -29.05
CA TYR A 217 35.22 54.92 -29.69
C TYR A 217 36.31 55.53 -28.82
N TYR A 218 37.27 54.71 -28.42
CA TYR A 218 38.45 55.16 -27.70
C TYR A 218 39.61 55.16 -28.69
N GLU A 219 40.04 56.34 -29.10
CA GLU A 219 41.15 56.45 -30.05
C GLU A 219 42.46 56.53 -29.28
N LEU A 220 43.44 55.75 -29.72
CA LEU A 220 44.78 55.79 -29.16
C LEU A 220 45.68 56.56 -30.11
N ASP A 221 46.11 57.74 -29.69
CA ASP A 221 47.02 58.57 -30.49
C ASP A 221 48.44 58.15 -30.14
N LEU A 222 49.08 57.42 -31.05
CA LEU A 222 50.44 56.97 -30.81
C LEU A 222 51.42 58.12 -30.74
N GLY A 223 51.12 59.23 -31.43
CA GLY A 223 52.03 60.36 -31.40
C GLY A 223 52.10 61.00 -30.03
N LEU A 224 50.94 61.33 -29.46
CA LEU A 224 50.89 62.01 -28.17
C LEU A 224 50.82 61.05 -26.99
N ASN A 225 50.64 59.76 -27.24
CA ASN A 225 50.66 58.73 -26.21
C ASN A 225 49.61 58.99 -25.14
N HIS A 226 48.35 59.08 -25.58
CA HIS A 226 47.22 59.19 -24.68
C HIS A 226 45.98 58.68 -25.39
N VAL A 227 44.93 58.46 -24.62
CA VAL A 227 43.68 57.91 -25.13
C VAL A 227 42.55 58.89 -24.79
N VAL A 228 41.62 59.06 -25.72
CA VAL A 228 40.51 60.00 -25.55
C VAL A 228 39.23 59.39 -26.11
N ARG A 229 38.11 59.73 -25.48
CA ARG A 229 36.81 59.40 -26.03
C ARG A 229 36.58 60.20 -27.30
N LYS A 230 36.98 59.64 -28.44
CA LYS A 230 36.97 60.41 -29.68
C LYS A 230 35.55 60.61 -30.20
N TRP A 231 34.79 59.53 -30.32
CA TRP A 231 33.46 59.58 -30.91
C TRP A 231 32.52 58.69 -30.11
N SER A 232 31.24 59.01 -30.16
CA SER A 232 30.24 58.20 -29.48
C SER A 232 28.87 58.58 -30.01
N ASP A 233 27.93 57.65 -29.89
CA ASP A 233 26.55 57.97 -30.24
C ASP A 233 25.62 56.99 -29.55
N THR A 234 24.34 57.33 -29.56
CA THR A 234 23.30 56.48 -28.98
C THR A 234 22.98 55.34 -29.93
N VAL A 235 22.82 54.14 -29.38
CA VAL A 235 22.47 52.95 -30.14
C VAL A 235 21.24 52.31 -29.52
N ASP A 236 20.85 51.17 -30.06
CA ASP A 236 19.69 50.45 -29.54
C ASP A 236 19.94 50.04 -28.10
N PRO A 237 19.03 50.37 -27.18
CA PRO A 237 19.23 49.98 -25.77
C PRO A 237 19.40 48.48 -25.57
N THR A 238 18.80 47.66 -26.43
CA THR A 238 18.94 46.22 -26.31
C THR A 238 20.24 45.71 -26.92
N SER A 239 21.08 46.60 -27.46
CA SER A 239 22.33 46.17 -28.06
C SER A 239 23.21 45.49 -27.01
N SER A 240 23.68 44.30 -27.33
CA SER A 240 24.52 43.54 -26.42
C SER A 240 25.85 43.12 -27.01
N LEU A 241 25.98 43.02 -28.33
CA LEU A 241 27.24 42.55 -28.89
C LEU A 241 27.76 43.50 -29.95
N LEU A 242 29.09 43.54 -30.08
CA LEU A 242 29.78 44.26 -31.12
C LEU A 242 30.59 43.28 -31.95
N PHE A 243 30.77 43.60 -33.23
CA PHE A 243 31.63 42.78 -34.07
C PHE A 243 32.45 43.66 -34.99
N GLN A 244 33.67 43.22 -35.26
CA GLN A 244 34.63 44.00 -36.04
C GLN A 244 34.43 43.71 -37.52
N VAL A 245 34.23 44.76 -38.31
CA VAL A 245 34.16 44.63 -39.76
C VAL A 245 35.51 45.03 -40.32
N PRO A 246 35.95 44.46 -41.43
CA PRO A 246 37.28 44.78 -41.97
C PRO A 246 37.40 46.26 -42.28
N GLY A 247 38.64 46.77 -42.23
CA GLY A 247 38.89 48.18 -42.34
C GLY A 247 40.03 48.49 -43.30
N GLY A 248 40.24 49.78 -43.50
CA GLY A 248 41.29 50.21 -44.41
C GLY A 248 40.90 49.87 -45.84
N ASN A 249 41.76 49.11 -46.51
CA ASN A 249 41.50 48.72 -47.90
C ASN A 249 40.56 47.53 -47.98
N ASP A 250 40.57 46.65 -46.97
CA ASP A 250 39.75 45.46 -47.01
C ASP A 250 38.27 45.73 -46.74
N GLY A 251 37.92 46.95 -46.33
CA GLY A 251 36.55 47.31 -46.09
C GLY A 251 36.46 48.62 -45.33
N PRO A 252 35.25 49.08 -45.06
CA PRO A 252 35.10 50.29 -44.24
C PRO A 252 35.11 49.91 -42.76
N SER A 253 35.97 50.53 -41.96
CA SER A 253 36.03 50.21 -40.54
C SER A 253 34.65 50.39 -39.91
N GLY A 254 34.40 49.63 -38.86
CA GLY A 254 33.11 49.69 -38.19
C GLY A 254 32.85 48.42 -37.40
N VAL A 255 31.69 48.43 -36.75
CA VAL A 255 31.29 47.36 -35.85
C VAL A 255 29.81 47.05 -36.08
N LEU A 256 29.50 45.78 -36.31
CA LEU A 256 28.11 45.34 -36.27
C LEU A 256 27.61 45.40 -34.83
N VAL A 257 26.63 46.26 -34.58
CA VAL A 257 25.97 46.37 -33.29
C VAL A 257 24.76 45.44 -33.31
N CYS A 258 24.71 44.53 -32.34
CA CYS A 258 23.71 43.46 -32.30
C CYS A 258 22.89 43.60 -31.04
N GLY A 259 21.57 43.78 -31.23
CA GLY A 259 20.58 43.81 -30.17
C GLY A 259 19.28 43.15 -30.60
N GLU A 260 18.22 43.33 -29.82
CA GLU A 260 16.97 42.60 -30.04
C GLU A 260 16.41 42.82 -31.44
N GLU A 261 16.49 41.78 -32.27
CA GLU A 261 16.04 41.82 -33.66
C GLU A 261 16.64 43.02 -34.40
N ASN A 262 17.90 43.33 -34.09
CA ASN A 262 18.55 44.50 -34.67
C ASN A 262 20.02 44.20 -34.92
N ILE A 263 20.44 44.46 -36.16
CA ILE A 263 21.85 44.46 -36.55
C ILE A 263 22.11 45.79 -37.26
N THR A 264 23.23 46.43 -36.95
CA THR A 264 23.50 47.73 -37.55
C THR A 264 24.99 47.88 -37.85
N TYR A 265 25.31 48.53 -38.97
CA TYR A 265 26.73 48.78 -39.28
C TYR A 265 27.28 49.92 -38.43
N ARG A 266 26.63 51.09 -38.48
CA ARG A 266 26.79 52.14 -37.48
C ARG A 266 28.26 52.49 -37.22
N HIS A 267 28.86 53.17 -38.20
CA HIS A 267 30.19 53.72 -38.00
C HIS A 267 30.10 55.24 -37.85
N SER A 268 31.26 55.87 -37.64
CA SER A 268 31.31 57.30 -37.40
C SER A 268 31.17 58.11 -38.69
N ASN A 269 31.72 57.60 -39.80
CA ASN A 269 31.66 58.31 -41.08
C ASN A 269 30.74 57.63 -42.08
N GLN A 270 29.69 56.96 -41.59
CA GLN A 270 28.74 56.27 -42.44
C GLN A 270 27.35 56.43 -41.86
N GLU A 271 26.35 56.20 -42.70
CA GLU A 271 24.96 56.21 -42.25
C GLU A 271 24.65 54.90 -41.52
N ALA A 272 23.43 54.80 -41.02
CA ALA A 272 23.00 53.60 -40.31
C ALA A 272 22.31 52.64 -41.27
N PHE A 273 22.41 51.34 -40.97
CA PHE A 273 21.86 50.31 -41.84
C PHE A 273 21.33 49.19 -40.96
N ARG A 274 20.01 49.09 -40.85
CA ARG A 274 19.36 48.14 -39.96
C ARG A 274 18.87 46.91 -40.73
N VAL A 275 19.03 45.74 -40.12
CA VAL A 275 18.48 44.50 -40.65
C VAL A 275 17.87 43.72 -39.48
N PRO A 276 16.75 43.04 -39.66
CA PRO A 276 16.16 42.27 -38.57
C PRO A 276 16.71 40.85 -38.52
N ILE A 277 16.35 40.14 -37.45
CA ILE A 277 16.68 38.73 -37.28
C ILE A 277 15.45 37.91 -37.67
N PRO A 278 15.54 37.03 -38.64
CA PRO A 278 14.37 36.23 -39.03
C PRO A 278 13.88 35.39 -37.86
N ARG A 279 12.59 35.11 -37.87
CA ARG A 279 11.96 34.29 -36.85
C ARG A 279 11.63 32.91 -37.41
N ARG A 280 11.72 31.90 -36.56
CA ARG A 280 11.41 30.55 -37.00
C ARG A 280 9.94 30.42 -37.34
N ARG A 281 9.65 29.66 -38.40
CA ARG A 281 8.30 29.54 -38.92
C ARG A 281 7.65 28.21 -38.55
N GLY A 282 8.23 27.47 -37.61
CA GLY A 282 7.68 26.17 -37.25
C GLY A 282 6.33 26.27 -36.59
N ALA A 283 5.60 25.15 -36.62
CA ALA A 283 4.31 25.09 -35.96
C ALA A 283 4.46 25.18 -34.45
N THR A 284 5.42 24.44 -33.90
CA THR A 284 5.72 24.55 -32.47
C THR A 284 6.31 25.90 -32.12
N GLU A 285 7.05 26.51 -33.06
CA GLU A 285 7.73 27.77 -32.79
C GLU A 285 6.72 28.89 -32.64
N ASP A 286 6.82 29.62 -31.53
CA ASP A 286 5.98 30.78 -31.31
C ASP A 286 6.29 31.85 -32.35
N PRO A 287 5.31 32.28 -33.13
CA PRO A 287 5.55 33.44 -34.00
C PRO A 287 5.77 34.70 -33.17
N ASN A 288 6.09 35.81 -33.82
CA ASN A 288 6.39 37.09 -33.18
C ASN A 288 7.21 36.94 -31.91
N ARG A 289 8.27 36.14 -31.98
CA ARG A 289 9.24 36.00 -30.90
C ARG A 289 10.58 36.54 -31.39
N LYS A 290 11.01 37.65 -30.80
CA LYS A 290 12.27 38.26 -31.18
C LYS A 290 13.45 37.46 -30.64
N ARG A 291 14.60 37.60 -31.30
CA ARG A 291 15.78 36.84 -30.96
C ARG A 291 17.00 37.74 -31.00
N THR A 292 18.05 37.32 -30.30
CA THR A 292 19.29 38.08 -30.20
C THR A 292 20.46 37.20 -30.65
N ILE A 293 21.63 37.82 -30.73
CA ILE A 293 22.85 37.14 -31.18
C ILE A 293 23.66 36.75 -29.96
N VAL A 294 24.24 35.55 -30.00
CA VAL A 294 25.03 35.03 -28.89
C VAL A 294 26.51 34.91 -29.24
N ALA A 295 26.84 34.65 -30.50
CA ALA A 295 28.24 34.56 -30.93
C ALA A 295 28.32 34.93 -32.39
N GLY A 296 29.54 35.10 -32.89
CA GLY A 296 29.71 35.48 -34.27
C GLY A 296 31.16 35.43 -34.70
N VAL A 297 31.35 35.36 -36.02
CA VAL A 297 32.67 35.32 -36.63
C VAL A 297 32.66 36.24 -37.83
N MET A 298 33.81 36.87 -38.08
CA MET A 298 34.09 37.55 -39.33
C MET A 298 35.20 36.81 -40.05
N HIS A 299 35.10 36.70 -41.37
CA HIS A 299 36.14 36.05 -42.15
C HIS A 299 36.38 36.82 -43.43
N LYS A 300 37.64 37.08 -43.73
CA LYS A 300 38.06 37.70 -44.97
C LYS A 300 38.58 36.63 -45.91
N LEU A 301 38.03 36.57 -47.11
CA LEU A 301 38.47 35.60 -48.09
C LEU A 301 39.71 36.11 -48.81
N LYS A 302 40.63 35.19 -49.09
CA LYS A 302 41.88 35.56 -49.72
C LYS A 302 41.68 35.84 -51.21
N GLY A 303 42.69 36.49 -51.81
CA GLY A 303 42.71 36.71 -53.23
C GLY A 303 41.69 37.68 -53.76
N SER A 304 41.11 38.52 -52.90
CA SER A 304 40.11 39.47 -53.35
C SER A 304 39.97 40.60 -52.34
N ALA A 305 39.91 41.82 -52.83
CA ALA A 305 39.59 42.96 -51.98
C ALA A 305 38.16 42.81 -51.46
N GLY A 306 37.93 43.34 -50.27
CA GLY A 306 36.66 43.09 -49.60
C GLY A 306 36.53 41.61 -49.35
N ALA A 307 35.53 40.99 -49.97
CA ALA A 307 35.33 39.54 -49.92
C ALA A 307 35.28 39.04 -48.48
N PHE A 308 34.48 39.71 -47.66
CA PHE A 308 34.31 39.33 -46.27
C PHE A 308 32.85 39.08 -45.96
N PHE A 309 32.60 38.15 -45.05
CA PHE A 309 31.25 37.83 -44.61
C PHE A 309 31.27 37.57 -43.11
N PHE A 310 30.08 37.50 -42.54
CA PHE A 310 29.88 37.24 -41.12
C PHE A 310 29.04 35.99 -40.95
N LEU A 311 29.33 35.23 -39.90
CA LEU A 311 28.46 34.15 -39.44
C LEU A 311 28.02 34.49 -38.03
N LEU A 312 26.74 34.81 -37.87
CA LEU A 312 26.18 35.19 -36.58
C LEU A 312 25.21 34.12 -36.10
N GLN A 313 25.17 33.92 -34.79
CA GLN A 313 24.39 32.83 -34.19
C GLN A 313 23.28 33.40 -33.32
N THR A 314 22.07 32.88 -33.51
CA THR A 314 20.93 33.24 -32.70
C THR A 314 20.93 32.45 -31.40
N GLU A 315 20.08 32.86 -30.46
CA GLU A 315 19.97 32.14 -29.20
C GLU A 315 19.39 30.74 -29.37
N ASP A 316 18.80 30.45 -30.53
CA ASP A 316 18.41 29.08 -30.85
C ASP A 316 19.54 28.28 -31.46
N GLY A 317 20.64 28.93 -31.84
CA GLY A 317 21.74 28.26 -32.49
C GLY A 317 21.76 28.38 -34.00
N ASP A 318 20.89 29.22 -34.57
CA ASP A 318 20.82 29.35 -36.02
C ASP A 318 21.88 30.31 -36.53
N LEU A 319 22.56 29.90 -37.60
CA LEU A 319 23.68 30.65 -38.17
C LEU A 319 23.22 31.37 -39.43
N PHE A 320 23.30 32.69 -39.40
CA PHE A 320 22.99 33.56 -40.53
C PHE A 320 24.28 34.17 -41.08
N LYS A 321 24.36 34.23 -42.41
CA LYS A 321 25.47 34.85 -43.10
C LYS A 321 25.14 36.30 -43.42
N VAL A 322 26.02 37.21 -43.03
CA VAL A 322 25.83 38.64 -43.22
C VAL A 322 26.90 39.15 -44.18
N THR A 323 26.52 40.05 -45.07
CA THR A 323 27.47 40.61 -46.03
C THR A 323 27.19 42.10 -46.19
N ILE A 324 28.17 42.81 -46.73
CA ILE A 324 28.11 44.26 -46.90
C ILE A 324 28.32 44.59 -48.37
N ASP A 325 27.40 45.35 -48.93
CA ASP A 325 27.49 45.82 -50.31
C ASP A 325 27.61 47.33 -50.31
N MET A 326 28.54 47.84 -51.11
CA MET A 326 28.85 49.26 -51.17
C MET A 326 28.56 49.79 -52.57
N VAL A 327 28.31 51.10 -52.64
CA VAL A 327 27.92 51.72 -53.91
C VAL A 327 29.03 51.54 -54.94
N GLU A 328 28.62 51.41 -56.20
CA GLU A 328 29.56 51.32 -57.30
C GLU A 328 29.67 52.66 -58.02
N ASP A 329 30.81 52.88 -58.67
CA ASP A 329 31.03 54.10 -59.44
C ASP A 329 30.29 54.02 -60.77
N GLU A 330 30.65 54.87 -61.73
CA GLU A 330 30.06 54.79 -63.05
C GLU A 330 30.40 53.44 -63.69
N LYS A 331 31.66 53.06 -63.63
CA LYS A 331 32.08 51.72 -64.00
C LYS A 331 31.56 50.75 -62.94
N GLY A 332 32.09 49.52 -62.93
CA GLY A 332 31.62 48.53 -61.98
C GLY A 332 32.56 48.33 -60.80
N ASN A 333 32.90 49.41 -60.10
CA ASN A 333 33.87 49.36 -59.03
C ASN A 333 33.30 49.97 -57.76
N PRO A 334 33.67 49.45 -56.59
CA PRO A 334 33.08 49.93 -55.35
C PRO A 334 33.65 51.28 -54.91
N THR A 335 32.88 51.95 -54.05
CA THR A 335 33.31 53.17 -53.38
C THR A 335 33.32 52.93 -51.88
N GLY A 336 33.81 53.94 -51.14
CA GLY A 336 33.87 53.81 -49.70
C GLY A 336 32.51 53.84 -49.03
N GLU A 337 31.53 54.48 -49.66
CA GLU A 337 30.20 54.55 -49.08
C GLU A 337 29.57 53.17 -49.06
N VAL A 338 28.81 52.89 -48.00
CA VAL A 338 28.13 51.61 -47.84
C VAL A 338 26.69 51.76 -48.29
N LYS A 339 26.12 50.70 -48.85
CA LYS A 339 24.76 50.74 -49.35
C LYS A 339 23.81 49.84 -48.56
N ARG A 340 24.09 48.55 -48.45
CA ARG A 340 23.14 47.63 -47.84
C ARG A 340 23.86 46.58 -46.99
N VAL A 341 23.09 45.92 -46.14
CA VAL A 341 23.56 44.81 -45.31
C VAL A 341 22.63 43.63 -45.56
N LYS A 342 23.21 42.49 -45.95
CA LYS A 342 22.42 41.34 -46.40
C LYS A 342 22.54 40.19 -45.40
N ILE A 343 21.40 39.73 -44.89
CA ILE A 343 21.31 38.54 -44.07
C ILE A 343 20.70 37.41 -44.89
N LYS A 344 21.31 36.23 -44.79
CA LYS A 344 20.85 35.03 -45.47
C LYS A 344 21.05 33.85 -44.55
N TYR A 345 20.03 33.00 -44.43
CA TYR A 345 20.13 31.84 -43.57
C TYR A 345 21.24 30.91 -44.04
N PHE A 346 22.11 30.52 -43.11
CA PHE A 346 23.24 29.66 -43.43
C PHE A 346 23.01 28.24 -42.93
N ASP A 347 23.15 28.00 -41.62
CA ASP A 347 23.02 26.63 -41.11
C ASP A 347 22.92 26.67 -39.59
N THR A 348 22.28 25.65 -39.03
CA THR A 348 22.03 25.57 -37.60
C THR A 348 23.02 24.62 -36.94
N VAL A 349 23.72 25.11 -35.91
CA VAL A 349 24.71 24.33 -35.18
C VAL A 349 24.46 24.56 -33.69
N PRO A 350 25.08 23.79 -32.78
CA PRO A 350 24.89 24.04 -31.36
C PRO A 350 25.32 25.44 -30.96
N ILE A 351 24.75 25.93 -29.85
CA ILE A 351 25.11 27.23 -29.32
C ILE A 351 26.54 27.18 -28.82
N ALA A 352 27.30 28.23 -29.11
CA ALA A 352 28.74 28.23 -28.90
C ALA A 352 29.18 29.46 -28.14
N HIS A 353 30.24 29.29 -27.34
CA HIS A 353 30.95 30.43 -26.77
C HIS A 353 31.81 31.12 -27.82
N SER A 354 32.40 30.34 -28.72
CA SER A 354 33.23 30.88 -29.79
C SER A 354 33.04 30.05 -31.04
N LEU A 355 33.17 30.71 -32.18
CA LEU A 355 33.19 30.04 -33.47
C LEU A 355 34.40 30.53 -34.25
N CYS A 356 34.98 29.64 -35.05
CA CYS A 356 36.26 29.91 -35.69
C CYS A 356 36.26 29.34 -37.09
N ILE A 357 36.58 30.19 -38.07
CA ILE A 357 36.65 29.79 -39.47
C ILE A 357 38.11 29.66 -39.84
N LEU A 358 38.53 28.44 -40.18
CA LEU A 358 39.91 28.17 -40.54
C LEU A 358 40.13 28.43 -42.02
N LYS A 359 41.34 28.87 -42.36
CA LYS A 359 41.66 29.12 -43.76
C LYS A 359 41.64 27.85 -44.59
N SER A 360 41.77 26.68 -43.96
CA SER A 360 41.64 25.41 -44.65
C SER A 360 40.19 25.01 -44.87
N GLY A 361 39.24 25.91 -44.65
CA GLY A 361 37.86 25.65 -44.98
C GLY A 361 37.09 24.84 -43.96
N PHE A 362 37.28 25.11 -42.67
CA PHE A 362 36.59 24.39 -41.61
C PHE A 362 36.01 25.37 -40.62
N LEU A 363 35.05 24.89 -39.84
CA LEU A 363 34.41 25.68 -38.79
C LEU A 363 34.54 24.91 -37.48
N PHE A 364 35.17 25.53 -36.49
CA PHE A 364 35.32 24.93 -35.17
C PHE A 364 34.30 25.56 -34.23
N VAL A 365 33.42 24.73 -33.69
CA VAL A 365 32.32 25.16 -32.85
C VAL A 365 32.60 24.72 -31.42
N ALA A 366 32.79 25.70 -30.54
CA ALA A 366 33.02 25.47 -29.12
C ALA A 366 31.67 25.59 -28.41
N SER A 367 31.01 24.46 -28.21
CA SER A 367 29.66 24.45 -27.66
C SER A 367 29.67 25.00 -26.23
N GLU A 368 28.68 25.84 -25.92
CA GLU A 368 28.53 26.29 -24.55
C GLU A 368 28.18 25.14 -23.64
N PHE A 369 27.54 24.10 -24.17
CA PHE A 369 27.23 22.88 -23.44
C PHE A 369 27.29 21.71 -24.41
N GLY A 370 27.66 20.55 -23.90
CA GLY A 370 27.72 19.36 -24.71
C GLY A 370 28.99 19.27 -25.52
N ASN A 371 29.05 18.22 -26.36
CA ASN A 371 30.24 17.97 -27.16
C ASN A 371 30.53 19.14 -28.09
N HIS A 372 31.79 19.26 -28.48
CA HIS A 372 32.20 20.30 -29.41
C HIS A 372 32.15 19.77 -30.84
N HIS A 373 32.05 20.67 -31.80
CA HIS A 373 31.78 20.24 -33.16
C HIS A 373 32.82 20.77 -34.13
N PHE A 374 33.25 19.92 -35.06
CA PHE A 374 34.18 20.30 -36.12
C PHE A 374 33.52 20.02 -37.46
N TYR A 375 33.30 21.09 -38.24
CA TYR A 375 32.60 21.05 -39.51
C TYR A 375 33.51 21.39 -40.66
N GLN A 376 33.12 20.94 -41.86
CA GLN A 376 33.77 21.31 -43.11
C GLN A 376 32.77 22.06 -43.99
N PHE A 377 33.25 23.13 -44.64
CA PHE A 377 32.40 23.95 -45.49
C PHE A 377 32.10 23.24 -46.81
N GLU A 378 31.12 23.76 -47.54
CA GLU A 378 30.85 23.24 -48.88
C GLU A 378 31.01 24.30 -50.01
N LYS A 379 30.16 25.33 -50.18
CA LYS A 379 28.89 25.61 -49.50
C LYS A 379 27.77 25.66 -50.54
N LEU A 380 26.82 24.72 -50.46
CA LEU A 380 25.69 24.66 -51.39
C LEU A 380 24.41 24.99 -50.64
N GLY A 381 23.64 25.91 -51.18
CA GLY A 381 22.49 26.48 -50.49
C GLY A 381 21.13 25.81 -50.64
N ASP A 382 20.56 25.72 -51.86
CA ASP A 382 21.13 26.26 -53.09
C ASP A 382 21.29 27.77 -53.01
N ASP A 383 22.21 28.29 -53.84
CA ASP A 383 22.76 29.63 -53.65
C ASP A 383 21.70 30.67 -53.27
N ASP A 384 20.56 30.65 -53.96
CA ASP A 384 19.47 31.58 -53.65
C ASP A 384 18.22 30.84 -53.17
N ASP A 385 18.35 29.57 -52.80
CA ASP A 385 17.24 28.85 -52.19
C ASP A 385 16.78 29.53 -50.91
N GLU A 386 17.70 30.12 -50.17
CA GLU A 386 17.33 30.78 -48.92
C GLU A 386 16.99 32.24 -49.18
N PRO A 387 15.85 32.72 -48.71
CA PRO A 387 15.52 34.14 -48.84
C PRO A 387 16.61 35.02 -48.21
N GLU A 388 16.84 36.16 -48.84
CA GLU A 388 17.84 37.12 -48.41
C GLU A 388 17.13 38.43 -48.05
N PHE A 389 17.57 39.08 -46.98
CA PHE A 389 16.93 40.30 -46.51
C PHE A 389 17.98 41.37 -46.31
N THR A 390 17.65 42.61 -46.64
CA THR A 390 18.61 43.69 -46.57
C THR A 390 18.03 44.85 -45.79
N SER A 391 18.85 45.88 -45.61
CA SER A 391 18.43 47.15 -45.02
C SER A 391 17.45 47.90 -45.88
N ASP A 392 16.94 47.26 -46.93
CA ASP A 392 15.97 47.86 -47.81
C ASP A 392 14.60 47.21 -47.65
N ASP A 393 13.70 47.91 -46.97
CA ASP A 393 14.05 49.17 -46.33
C ASP A 393 13.61 49.15 -44.87
N PHE A 394 14.22 48.28 -44.08
CA PHE A 394 13.95 48.23 -42.66
C PHE A 394 14.46 49.49 -41.98
N PRO A 395 13.79 49.96 -40.93
CA PRO A 395 14.10 51.28 -40.37
C PRO A 395 15.36 51.25 -39.53
N ALA A 396 16.31 52.12 -39.86
CA ALA A 396 17.49 52.28 -39.03
C ALA A 396 17.12 52.60 -37.59
N ASP A 397 16.04 53.37 -37.40
CA ASP A 397 15.54 53.62 -36.05
C ASP A 397 15.01 52.34 -35.45
N TRP A 398 15.44 52.04 -34.22
CA TRP A 398 15.01 50.81 -33.57
C TRP A 398 13.55 50.87 -33.15
N ASN A 399 13.05 52.05 -32.77
CA ASN A 399 11.66 52.17 -32.35
C ASN A 399 10.69 52.26 -33.50
N ALA A 400 11.16 52.38 -34.73
CA ALA A 400 10.25 52.61 -35.85
C ALA A 400 9.57 51.30 -36.25
N PRO A 401 8.29 51.34 -36.59
CA PRO A 401 7.57 50.11 -36.93
C PRO A 401 8.10 49.46 -38.20
N TYR A 402 7.86 48.16 -38.30
CA TYR A 402 8.34 47.35 -39.41
C TYR A 402 7.62 46.01 -39.35
N ASN A 403 7.73 45.23 -40.42
CA ASN A 403 7.02 43.98 -40.50
C ASN A 403 7.96 42.80 -40.30
N PRO A 404 7.60 41.87 -39.41
CA PRO A 404 8.48 40.73 -39.13
C PRO A 404 8.78 39.91 -40.37
N VAL A 405 9.84 39.11 -40.27
CA VAL A 405 10.34 38.31 -41.37
C VAL A 405 10.64 36.91 -40.84
N TYR A 406 10.31 35.89 -41.63
CA TYR A 406 10.38 34.51 -41.18
C TYR A 406 11.24 33.70 -42.11
N PHE A 407 11.70 32.55 -41.61
CA PHE A 407 12.51 31.62 -42.37
C PHE A 407 12.19 30.21 -41.89
N LYS A 408 12.48 29.24 -42.74
CA LYS A 408 12.21 27.84 -42.41
C LYS A 408 13.54 27.13 -42.19
N PRO A 409 13.86 26.71 -40.97
CA PRO A 409 15.11 25.97 -40.74
C PRO A 409 15.06 24.61 -41.41
N ARG A 410 16.25 24.07 -41.67
CA ARG A 410 16.37 22.84 -42.44
C ARG A 410 17.73 22.23 -42.14
N PRO A 411 17.90 20.92 -42.40
CA PRO A 411 19.20 20.29 -42.14
C PRO A 411 20.37 20.90 -42.87
N LEU A 412 21.56 20.38 -42.61
CA LEU A 412 22.80 21.01 -43.06
C LEU A 412 22.92 20.94 -44.58
N GLU A 413 23.18 22.10 -45.18
CA GLU A 413 23.46 22.21 -46.60
C GLU A 413 24.87 22.74 -46.87
N ASN A 414 25.25 23.81 -46.19
CA ASN A 414 26.56 24.42 -46.41
C ASN A 414 27.66 23.72 -45.61
N LEU A 415 27.32 22.91 -44.61
CA LEU A 415 28.31 22.35 -43.71
C LEU A 415 28.14 20.84 -43.60
N VAL A 416 29.25 20.18 -43.29
CA VAL A 416 29.28 18.73 -43.06
C VAL A 416 30.06 18.47 -41.78
N LEU A 417 29.44 17.76 -40.84
CA LEU A 417 30.11 17.46 -39.59
C LEU A 417 31.24 16.45 -39.82
N VAL A 418 32.43 16.78 -39.35
CA VAL A 418 33.57 15.89 -39.50
C VAL A 418 34.10 15.36 -38.18
N GLU A 419 33.89 16.03 -37.05
CA GLU A 419 34.22 15.40 -35.78
C GLU A 419 33.33 15.90 -34.67
N SER A 420 32.95 15.00 -33.77
CA SER A 420 32.31 15.33 -32.52
C SER A 420 33.31 15.07 -31.40
N ILE A 421 33.54 16.08 -30.57
CA ILE A 421 34.62 16.06 -29.58
C ILE A 421 33.99 15.90 -28.19
N ASP A 422 34.37 14.82 -27.51
CA ASP A 422 33.81 14.47 -26.22
C ASP A 422 34.02 15.59 -25.22
N SER A 423 32.91 16.08 -24.65
CA SER A 423 32.93 17.07 -23.59
C SER A 423 31.94 16.64 -22.51
N MET A 424 32.42 16.50 -21.29
CA MET A 424 31.58 16.21 -20.16
C MET A 424 30.96 17.46 -19.56
N ASN A 425 31.01 18.58 -20.26
CA ASN A 425 30.41 19.83 -19.82
C ASN A 425 29.01 19.96 -20.39
N PRO A 426 28.03 20.28 -19.54
CA PRO A 426 28.12 20.50 -18.10
C PRO A 426 27.91 19.22 -17.30
N LEU A 427 28.80 18.95 -16.35
CA LEU A 427 28.78 17.70 -15.59
C LEU A 427 27.86 17.88 -14.39
N VAL A 428 26.64 17.35 -14.50
CA VAL A 428 25.66 17.56 -13.45
C VAL A 428 25.91 16.67 -12.26
N GLY A 429 26.45 15.48 -12.47
CA GLY A 429 26.72 14.58 -11.36
C GLY A 429 27.33 13.30 -11.87
N CYS A 430 27.87 12.53 -10.91
CA CYS A 430 28.50 11.26 -11.23
C CYS A 430 28.50 10.40 -9.97
N LYS A 431 28.59 9.09 -10.19
CA LYS A 431 28.68 8.11 -9.14
C LYS A 431 29.76 7.10 -9.50
N VAL A 432 30.39 6.53 -8.48
CA VAL A 432 31.48 5.58 -8.65
C VAL A 432 30.98 4.22 -8.22
N ALA A 433 30.95 3.27 -9.14
CA ALA A 433 30.44 1.95 -8.79
C ALA A 433 30.99 0.92 -9.76
N ASN A 434 31.00 -0.33 -9.31
CA ASN A 434 31.57 -1.44 -10.07
C ASN A 434 30.43 -2.35 -10.51
N LEU A 435 30.00 -2.20 -11.75
CA LEU A 435 28.91 -2.97 -12.31
C LEU A 435 29.40 -4.17 -13.11
N THR A 436 30.71 -4.42 -13.11
CA THR A 436 31.30 -5.58 -13.76
C THR A 436 32.23 -6.26 -12.77
N GLY A 437 32.74 -7.42 -13.15
CA GLY A 437 33.72 -8.08 -12.32
C GLY A 437 35.10 -7.46 -12.36
N GLU A 438 35.26 -6.35 -13.06
CA GLU A 438 36.57 -5.77 -13.30
C GLU A 438 37.20 -5.29 -11.99
N ASP A 439 38.53 -5.14 -12.01
CA ASP A 439 39.27 -4.79 -10.80
C ASP A 439 39.01 -3.35 -10.39
N ALA A 440 38.73 -2.48 -11.34
CA ALA A 440 38.57 -1.07 -11.03
C ALA A 440 37.12 -0.66 -11.17
N PRO A 441 36.56 0.03 -10.19
CA PRO A 441 35.22 0.58 -10.35
C PRO A 441 35.18 1.58 -11.48
N GLN A 442 34.00 1.76 -12.05
CA GLN A 442 33.81 2.69 -13.14
C GLN A 442 33.20 3.99 -12.61
N ILE A 443 33.32 5.04 -13.41
CA ILE A 443 32.78 6.36 -13.08
C ILE A 443 31.65 6.64 -14.04
N TYR A 444 30.41 6.61 -13.55
CA TYR A 444 29.24 6.92 -14.35
C TYR A 444 28.84 8.37 -14.13
N ALA A 445 28.55 9.08 -15.21
CA ALA A 445 28.33 10.51 -15.15
C ALA A 445 27.20 10.91 -16.07
N ILE A 446 26.48 11.96 -15.68
CA ILE A 446 25.40 12.50 -16.48
C ILE A 446 25.77 13.93 -16.83
N CYS A 447 25.63 14.30 -18.10
CA CYS A 447 26.05 15.64 -18.49
C CYS A 447 25.28 16.05 -19.74
N GLY A 448 25.78 17.08 -20.43
CA GLY A 448 25.13 17.64 -21.59
C GLY A 448 23.93 18.46 -21.20
N ASN A 449 23.31 19.08 -22.21
CA ASN A 449 22.07 19.82 -22.02
C ASN A 449 21.16 19.54 -23.19
N GLY A 450 19.85 19.65 -22.94
CA GLY A 450 18.87 19.44 -23.97
C GLY A 450 18.97 18.04 -24.54
N ALA A 451 18.54 17.90 -25.80
CA ALA A 451 18.62 16.62 -26.47
C ALA A 451 20.06 16.21 -26.75
N ARG A 452 21.03 17.07 -26.46
CA ARG A 452 22.44 16.72 -26.58
C ARG A 452 23.02 16.22 -25.27
N SER A 453 22.21 16.08 -24.24
CA SER A 453 22.66 15.52 -22.98
C SER A 453 23.11 14.09 -23.18
N SER A 454 23.72 13.52 -22.16
CA SER A 454 24.28 12.19 -22.33
C SER A 454 24.53 11.53 -21.00
N PHE A 455 24.43 10.21 -21.01
CA PHE A 455 24.93 9.33 -19.96
C PHE A 455 26.24 8.73 -20.44
N ARG A 456 27.29 8.89 -19.64
CA ARG A 456 28.63 8.49 -20.02
C ARG A 456 29.25 7.64 -18.93
N MET A 457 29.96 6.60 -19.34
CA MET A 457 30.74 5.80 -18.42
C MET A 457 32.21 5.94 -18.76
N LEU A 458 33.02 6.18 -17.73
CA LEU A 458 34.46 6.30 -17.81
C LEU A 458 35.08 5.08 -17.16
N LYS A 459 35.99 4.45 -17.88
CA LYS A 459 36.70 3.26 -17.44
C LYS A 459 38.19 3.52 -17.59
N HIS A 460 38.96 3.19 -16.55
CA HIS A 460 40.40 3.42 -16.57
C HIS A 460 41.05 2.34 -17.42
N GLY A 461 41.57 2.73 -18.57
CA GLY A 461 42.22 1.78 -19.46
C GLY A 461 42.61 2.45 -20.74
N LEU A 462 43.35 1.72 -21.55
CA LEU A 462 43.80 2.20 -22.84
C LEU A 462 42.95 1.58 -23.94
N GLU A 463 42.55 2.41 -24.90
CA GLU A 463 41.67 1.95 -25.97
C GLU A 463 42.49 1.24 -27.04
N VAL A 464 42.07 0.04 -27.40
CA VAL A 464 42.78 -0.78 -28.38
C VAL A 464 41.76 -1.37 -29.35
N SER A 465 42.13 -1.43 -30.62
CA SER A 465 41.25 -1.88 -31.70
C SER A 465 41.74 -3.20 -32.26
N GLU A 466 40.89 -4.22 -32.21
CA GLU A 466 41.24 -5.56 -32.67
C GLU A 466 41.00 -5.67 -34.17
N ILE A 467 42.03 -6.10 -34.91
CA ILE A 467 41.95 -6.16 -36.36
C ILE A 467 41.42 -7.51 -36.84
N VAL A 468 41.95 -8.61 -36.33
CA VAL A 468 41.52 -9.95 -36.73
C VAL A 468 41.42 -10.84 -35.50
N ALA A 469 40.67 -11.93 -35.65
CA ALA A 469 40.67 -13.03 -34.68
C ALA A 469 40.47 -14.32 -35.46
N SER A 470 40.85 -15.44 -34.84
CA SER A 470 40.81 -16.73 -35.52
C SER A 470 40.89 -17.86 -34.50
N GLU A 471 40.35 -19.01 -34.90
CA GLU A 471 40.48 -20.26 -34.15
C GLU A 471 41.78 -20.97 -34.55
N LEU A 472 42.24 -21.87 -33.70
CA LEU A 472 43.55 -22.49 -33.90
C LEU A 472 43.54 -24.00 -34.20
N PRO A 473 42.80 -24.82 -33.43
CA PRO A 473 41.95 -24.62 -32.26
C PRO A 473 42.60 -25.00 -30.93
N GLY A 474 43.69 -25.78 -30.95
CA GLY A 474 44.35 -26.13 -29.71
C GLY A 474 44.91 -24.92 -29.00
N THR A 475 44.88 -24.97 -27.67
CA THR A 475 45.35 -23.83 -26.87
C THR A 475 46.84 -23.62 -27.07
N PRO A 476 47.26 -22.57 -27.77
CA PRO A 476 48.70 -22.34 -27.91
C PRO A 476 49.28 -21.73 -26.65
N SER A 477 50.56 -22.01 -26.43
CA SER A 477 51.25 -21.51 -25.25
C SER A 477 52.25 -20.41 -25.56
N ALA A 478 52.52 -20.11 -26.84
CA ALA A 478 53.39 -18.99 -27.13
C ALA A 478 53.18 -18.53 -28.58
N VAL A 479 53.64 -17.30 -28.87
CA VAL A 479 53.57 -16.69 -30.19
C VAL A 479 54.84 -15.88 -30.44
N TRP A 480 55.14 -15.70 -31.73
CA TRP A 480 56.20 -14.81 -32.16
C TRP A 480 55.89 -14.31 -33.56
N THR A 481 56.57 -13.24 -33.96
CA THR A 481 56.63 -12.81 -35.35
C THR A 481 58.09 -12.54 -35.69
N THR A 482 58.48 -12.85 -36.92
CA THR A 482 59.90 -12.74 -37.22
C THR A 482 60.13 -12.56 -38.72
N LYS A 483 61.18 -11.80 -39.03
CA LYS A 483 61.55 -11.54 -40.43
C LYS A 483 62.60 -12.55 -40.86
N LEU A 484 62.40 -13.13 -42.05
CA LEU A 484 63.45 -13.94 -42.66
C LEU A 484 64.69 -13.10 -42.95
N THR A 485 64.48 -11.86 -43.39
CA THR A 485 65.55 -10.99 -43.86
C THR A 485 65.47 -9.64 -43.16
N LYS A 486 66.62 -9.08 -42.86
CA LYS A 486 66.76 -7.86 -42.06
C LYS A 486 66.42 -6.60 -42.82
N TYR A 487 66.10 -6.69 -44.10
CA TYR A 487 65.74 -5.53 -44.89
C TYR A 487 64.26 -5.52 -45.27
N ASP A 488 63.51 -6.52 -44.84
CA ASP A 488 62.07 -6.55 -45.07
C ASP A 488 61.37 -5.66 -44.06
N GLU A 489 60.70 -4.61 -44.56
CA GLU A 489 59.93 -3.76 -43.64
C GLU A 489 58.77 -4.52 -43.03
N TYR A 490 58.17 -5.45 -43.76
CA TYR A 490 57.07 -6.26 -43.27
C TYR A 490 57.62 -7.62 -42.86
N ASP A 491 57.58 -7.90 -41.56
CA ASP A 491 58.11 -9.16 -41.06
C ASP A 491 57.30 -10.33 -41.61
N ALA A 492 57.98 -11.42 -41.92
CA ALA A 492 57.38 -12.46 -42.73
C ALA A 492 56.47 -13.38 -41.94
N TYR A 493 56.95 -13.91 -40.81
CA TYR A 493 56.38 -15.09 -40.17
C TYR A 493 55.66 -14.78 -38.85
N ILE A 494 54.71 -15.66 -38.54
CA ILE A 494 54.05 -15.73 -37.24
C ILE A 494 54.10 -17.18 -36.77
N VAL A 495 54.63 -17.40 -35.57
CA VAL A 495 54.86 -18.75 -35.05
C VAL A 495 54.06 -18.94 -33.77
N LEU A 496 53.54 -20.16 -33.57
CA LEU A 496 52.78 -20.51 -32.39
C LEU A 496 53.36 -21.78 -31.77
N SER A 497 53.19 -21.90 -30.45
CA SER A 497 53.78 -23.00 -29.70
C SER A 497 52.75 -23.59 -28.75
N PHE A 498 52.65 -24.91 -28.76
CA PHE A 498 51.74 -25.72 -27.96
C PHE A 498 52.55 -26.70 -27.13
N THR A 499 51.86 -27.42 -26.24
CA THR A 499 52.56 -28.30 -25.28
C THR A 499 53.25 -29.49 -25.93
N ASN A 500 52.97 -29.77 -27.21
CA ASN A 500 53.66 -30.88 -27.87
C ASN A 500 53.83 -30.66 -29.36
N ALA A 501 53.75 -29.43 -29.85
CA ALA A 501 53.82 -29.18 -31.28
C ALA A 501 54.17 -27.72 -31.51
N THR A 502 54.39 -27.39 -32.79
CA THR A 502 54.74 -26.04 -33.21
C THR A 502 54.07 -25.76 -34.55
N LEU A 503 53.51 -24.57 -34.70
CA LEU A 503 52.86 -24.15 -35.92
C LEU A 503 53.53 -22.88 -36.44
N VAL A 504 53.60 -22.75 -37.75
CA VAL A 504 54.30 -21.64 -38.40
C VAL A 504 53.37 -20.99 -39.43
N LEU A 505 53.21 -19.67 -39.33
CA LEU A 505 52.42 -18.86 -40.24
C LEU A 505 53.30 -17.75 -40.81
N SER A 506 52.69 -16.86 -41.57
CA SER A 506 53.41 -15.79 -42.27
C SER A 506 52.44 -14.72 -42.73
N ILE A 507 52.97 -13.74 -43.46
CA ILE A 507 52.14 -12.63 -43.95
C ILE A 507 51.24 -13.12 -45.07
N GLY A 508 50.10 -12.47 -45.22
CA GLY A 508 49.13 -12.88 -46.21
C GLY A 508 47.84 -13.32 -45.57
N GLU A 509 47.00 -14.01 -46.34
CA GLU A 509 45.68 -14.42 -45.87
C GLU A 509 45.73 -15.76 -45.16
N THR A 510 46.44 -16.73 -45.73
CA THR A 510 46.66 -18.03 -45.12
C THR A 510 48.11 -18.44 -45.30
N VAL A 511 48.55 -19.41 -44.49
CA VAL A 511 49.94 -19.85 -44.47
C VAL A 511 50.02 -21.33 -44.13
N GLU A 512 51.17 -21.92 -44.38
CA GLU A 512 51.51 -23.24 -43.84
C GLU A 512 53.03 -23.36 -43.74
N GLU A 513 53.56 -24.56 -43.98
CA GLU A 513 54.94 -24.88 -43.67
C GLU A 513 55.76 -25.12 -44.93
N VAL A 514 57.04 -24.75 -44.85
CA VAL A 514 58.02 -24.95 -45.92
C VAL A 514 59.34 -25.34 -45.29
N SER A 515 59.66 -24.71 -44.15
CA SER A 515 60.85 -25.06 -43.37
C SER A 515 60.47 -25.26 -41.91
N ASP A 516 61.46 -25.36 -41.04
CA ASP A 516 61.28 -25.37 -39.58
C ASP A 516 60.75 -26.72 -39.09
N SER A 517 61.00 -27.03 -37.81
CA SER A 517 60.57 -28.29 -37.19
C SER A 517 59.24 -28.06 -36.49
N GLY A 518 58.19 -28.70 -37.00
CA GLY A 518 56.86 -28.52 -36.50
C GLY A 518 56.37 -29.53 -35.49
N PHE A 519 57.19 -30.51 -35.11
CA PHE A 519 56.70 -31.55 -34.23
C PHE A 519 56.83 -31.18 -32.76
N LEU A 520 57.89 -30.48 -32.39
CA LEU A 520 58.19 -30.24 -30.99
C LEU A 520 57.85 -28.81 -30.56
N THR A 521 57.69 -28.65 -29.25
CA THR A 521 57.50 -27.34 -28.67
C THR A 521 58.71 -26.45 -28.94
N THR A 522 58.45 -25.16 -29.11
CA THR A 522 59.50 -24.18 -29.37
C THR A 522 59.50 -23.14 -28.27
N VAL A 523 60.69 -22.81 -27.77
CA VAL A 523 60.82 -21.92 -26.62
C VAL A 523 61.06 -20.48 -27.08
N PRO A 524 61.96 -20.21 -28.06
CA PRO A 524 61.95 -18.90 -28.70
C PRO A 524 62.17 -18.95 -30.21
N THR A 525 62.06 -17.81 -30.90
CA THR A 525 62.37 -17.71 -32.32
C THR A 525 62.94 -16.32 -32.58
N LEU A 526 64.13 -16.25 -33.15
CA LEU A 526 64.68 -14.97 -33.60
C LEU A 526 65.56 -15.23 -34.82
N ALA A 527 65.67 -14.21 -35.67
CA ALA A 527 66.57 -14.26 -36.82
C ALA A 527 67.82 -13.49 -36.46
N VAL A 528 68.91 -14.23 -36.23
CA VAL A 528 70.06 -13.70 -35.51
C VAL A 528 70.78 -12.63 -36.33
N GLN A 529 70.89 -12.80 -37.64
CA GLN A 529 71.88 -12.07 -38.42
C GLN A 529 71.27 -10.81 -39.03
N GLN A 530 71.38 -9.69 -38.30
CA GLN A 530 71.12 -8.40 -38.93
C GLN A 530 72.30 -8.05 -39.84
N MET A 531 71.99 -7.51 -41.02
CA MET A 531 72.92 -7.31 -42.13
C MET A 531 73.36 -8.61 -42.77
N GLY A 532 72.79 -9.74 -42.34
CA GLY A 532 72.96 -11.01 -43.02
C GLY A 532 71.61 -11.65 -43.27
N GLU A 533 71.11 -11.50 -44.50
CA GLU A 533 69.71 -11.81 -44.80
C GLU A 533 69.29 -13.17 -44.29
N GLU A 534 70.00 -14.21 -44.71
CA GLU A 534 69.52 -15.58 -44.53
C GLU A 534 69.44 -15.95 -43.06
N GLY A 535 68.35 -16.62 -42.69
CA GLY A 535 68.32 -17.37 -41.45
C GLY A 535 67.46 -16.87 -40.30
N LEU A 536 66.68 -17.78 -39.75
CA LEU A 536 66.05 -17.66 -38.44
C LEU A 536 66.65 -18.71 -37.52
N ILE A 537 66.39 -18.55 -36.22
CA ILE A 537 66.68 -19.58 -35.24
C ILE A 537 65.35 -20.02 -34.62
N GLN A 538 65.20 -21.32 -34.43
CA GLN A 538 64.13 -21.87 -33.61
C GLN A 538 64.77 -22.74 -32.55
N ILE A 539 64.80 -22.26 -31.33
CA ILE A 539 65.32 -23.05 -30.22
C ILE A 539 64.16 -23.83 -29.63
N HIS A 540 64.42 -25.06 -29.25
CA HIS A 540 63.41 -25.96 -28.72
C HIS A 540 64.07 -26.79 -27.64
N PRO A 541 63.33 -27.57 -26.87
CA PRO A 541 63.97 -28.61 -26.08
C PRO A 541 64.80 -29.51 -27.00
N LYS A 542 66.04 -29.75 -26.60
CA LYS A 542 66.98 -30.68 -27.25
C LYS A 542 67.75 -30.09 -28.43
N GLY A 543 67.74 -28.77 -28.61
CA GLY A 543 68.62 -28.20 -29.62
C GLY A 543 68.20 -26.82 -30.06
N ILE A 544 69.04 -26.26 -30.94
CA ILE A 544 68.86 -24.92 -31.50
C ILE A 544 68.92 -25.06 -33.03
N ARG A 545 67.77 -25.02 -33.69
CA ARG A 545 67.73 -25.19 -35.14
C ARG A 545 68.03 -23.87 -35.82
N HIS A 546 69.09 -23.84 -36.62
CA HIS A 546 69.48 -22.67 -37.41
C HIS A 546 69.06 -22.92 -38.85
N ILE A 547 68.22 -22.03 -39.37
CA ILE A 547 67.62 -22.18 -40.70
C ILE A 547 68.10 -21.05 -41.58
N VAL A 548 68.61 -21.40 -42.77
CA VAL A 548 69.25 -20.45 -43.67
C VAL A 548 68.96 -20.89 -45.11
N GLN A 549 68.00 -20.21 -45.75
CA GLN A 549 67.62 -20.50 -47.13
C GLN A 549 67.25 -21.96 -47.35
N GLY A 550 66.65 -22.60 -46.34
CA GLY A 550 66.33 -24.00 -46.40
C GLY A 550 67.41 -24.91 -45.85
N ARG A 551 68.67 -24.54 -45.98
CA ARG A 551 69.76 -25.29 -45.37
C ARG A 551 69.70 -25.14 -43.85
N VAL A 552 69.72 -26.27 -43.15
CA VAL A 552 69.47 -26.33 -41.72
C VAL A 552 70.68 -26.93 -41.02
N ASN A 553 71.16 -26.22 -39.99
CA ASN A 553 72.23 -26.71 -39.13
C ASN A 553 71.80 -26.48 -37.69
N GLU A 554 71.84 -27.53 -36.88
CA GLU A 554 71.27 -27.51 -35.54
C GLU A 554 72.34 -27.74 -34.48
N TRP A 555 72.27 -26.94 -33.42
CA TRP A 555 73.04 -27.19 -32.22
C TRP A 555 72.40 -28.32 -31.42
N PRO A 556 73.07 -29.43 -31.20
CA PRO A 556 72.47 -30.51 -30.41
C PRO A 556 72.26 -30.07 -28.97
N ALA A 557 71.45 -30.86 -28.25
CA ALA A 557 71.18 -30.55 -26.84
C ALA A 557 72.50 -30.46 -26.07
N PRO A 558 73.35 -31.50 -26.12
CA PRO A 558 73.23 -32.91 -26.52
C PRO A 558 73.18 -33.83 -25.30
N GLN A 559 73.40 -33.24 -24.13
CA GLN A 559 73.42 -33.98 -22.89
C GLN A 559 72.03 -34.53 -22.57
N HIS A 560 71.97 -35.36 -21.53
CA HIS A 560 70.67 -35.79 -21.01
C HIS A 560 69.80 -34.61 -20.61
N ARG A 561 70.42 -33.46 -20.36
CA ARG A 561 69.67 -32.26 -20.02
C ARG A 561 68.99 -31.68 -21.24
N SER A 562 68.00 -30.81 -20.99
CA SER A 562 67.25 -30.16 -22.04
C SER A 562 67.24 -28.65 -21.80
N ILE A 563 66.74 -27.91 -22.78
CA ILE A 563 66.66 -26.46 -22.70
C ILE A 563 65.39 -26.06 -21.99
N VAL A 564 65.53 -25.36 -20.86
CA VAL A 564 64.38 -24.92 -20.07
C VAL A 564 64.07 -23.45 -20.26
N ALA A 565 65.03 -22.62 -20.65
CA ALA A 565 64.72 -21.23 -20.91
C ALA A 565 65.67 -20.70 -21.97
N ALA A 566 65.29 -19.56 -22.57
CA ALA A 566 66.12 -19.00 -23.62
C ALA A 566 65.71 -17.57 -23.90
N THR A 567 66.69 -16.70 -24.06
CA THR A 567 66.47 -15.35 -24.57
C THR A 567 67.32 -15.18 -25.82
N THR A 568 66.78 -14.45 -26.78
CA THR A 568 67.43 -14.29 -28.07
C THR A 568 67.58 -12.81 -28.39
N ASN A 569 68.65 -12.50 -29.10
CA ASN A 569 68.95 -11.17 -29.56
C ASN A 569 69.35 -11.29 -31.02
N GLU A 570 69.46 -10.16 -31.70
CA GLU A 570 70.01 -10.21 -33.05
C GLU A 570 71.37 -10.89 -33.00
N ASN A 571 72.43 -10.18 -32.64
CA ASN A 571 73.76 -10.76 -32.73
C ASN A 571 74.06 -11.81 -31.65
N GLN A 572 73.15 -12.07 -30.72
CA GLN A 572 73.47 -12.92 -29.57
C GLN A 572 72.30 -13.82 -29.23
N VAL A 573 72.62 -14.96 -28.60
CA VAL A 573 71.63 -15.92 -28.12
C VAL A 573 72.12 -16.49 -26.79
N VAL A 574 71.22 -16.61 -25.81
CA VAL A 574 71.55 -17.20 -24.51
C VAL A 574 70.50 -18.22 -24.15
N ILE A 575 70.93 -19.41 -23.72
CA ILE A 575 69.98 -20.44 -23.29
C ILE A 575 70.37 -20.95 -21.91
N ALA A 576 69.37 -21.48 -21.22
CA ALA A 576 69.53 -22.06 -19.89
C ALA A 576 68.98 -23.48 -19.92
N LEU A 577 69.81 -24.42 -19.47
CA LEU A 577 69.54 -25.85 -19.45
C LEU A 577 68.92 -26.27 -18.13
N SER A 578 68.43 -27.51 -18.10
CA SER A 578 67.80 -28.02 -16.88
C SER A 578 68.80 -28.20 -15.76
N SER A 579 70.07 -28.42 -16.09
CA SER A 579 71.10 -28.57 -15.07
C SER A 579 71.40 -27.27 -14.34
N GLY A 580 70.95 -26.15 -14.85
CA GLY A 580 71.34 -24.85 -14.32
C GLY A 580 72.50 -24.21 -15.04
N GLU A 581 73.06 -24.87 -16.04
CA GLU A 581 74.13 -24.28 -16.83
C GLU A 581 73.55 -23.28 -17.81
N ILE A 582 74.32 -22.23 -18.08
CA ILE A 582 73.95 -21.19 -19.02
C ILE A 582 74.94 -21.25 -20.18
N VAL A 583 74.42 -21.26 -21.39
CA VAL A 583 75.25 -21.36 -22.60
C VAL A 583 75.02 -20.11 -23.42
N TYR A 584 76.11 -19.51 -23.90
CA TYR A 584 76.10 -18.24 -24.61
C TYR A 584 76.62 -18.44 -26.02
N PHE A 585 75.91 -17.89 -27.00
CA PHE A 585 76.26 -17.96 -28.41
C PHE A 585 76.36 -16.55 -28.96
N GLU A 586 77.50 -16.23 -29.56
CA GLU A 586 77.69 -15.00 -30.33
C GLU A 586 77.86 -15.38 -31.79
N MET A 587 78.01 -14.38 -32.66
CA MET A 587 78.01 -14.63 -34.10
C MET A 587 79.29 -14.13 -34.74
N ASP A 588 79.91 -15.00 -35.53
CA ASP A 588 81.09 -14.69 -36.33
C ASP A 588 80.68 -14.06 -37.65
N ALA A 589 81.57 -14.10 -38.65
CA ALA A 589 81.19 -13.64 -39.99
C ALA A 589 80.19 -14.57 -40.66
N ASP A 590 80.13 -15.84 -40.22
CA ASP A 590 79.17 -16.79 -40.79
C ASP A 590 79.01 -17.95 -39.82
N GLY A 591 77.82 -18.09 -39.24
CA GLY A 591 77.53 -19.24 -38.40
C GLY A 591 77.24 -18.92 -36.94
N SER A 592 75.99 -19.12 -36.53
CA SER A 592 75.57 -18.79 -35.16
C SER A 592 76.05 -19.78 -34.11
N LEU A 593 76.98 -20.68 -34.44
CA LEU A 593 77.43 -21.71 -33.51
C LEU A 593 78.75 -21.33 -32.84
N ALA A 594 79.02 -20.04 -32.68
CA ALA A 594 80.23 -19.57 -31.98
C ALA A 594 80.02 -19.63 -30.47
N GLU A 595 79.66 -20.83 -30.01
CA GLU A 595 79.38 -21.06 -28.61
C GLU A 595 80.62 -20.80 -27.75
N TYR A 596 80.40 -20.21 -26.58
CA TYR A 596 81.50 -19.95 -25.66
C TYR A 596 82.11 -21.25 -25.18
N ASP A 597 83.44 -21.28 -25.09
CA ASP A 597 84.14 -22.47 -24.62
C ASP A 597 83.64 -22.91 -23.25
N GLU A 598 83.29 -21.94 -22.40
CA GLU A 598 82.92 -22.23 -21.03
C GLU A 598 81.47 -21.83 -20.76
N LYS A 599 80.86 -22.53 -19.82
CA LYS A 599 79.49 -22.30 -19.40
C LYS A 599 79.48 -21.89 -17.94
N LYS A 600 78.40 -21.21 -17.54
CA LYS A 600 78.27 -20.67 -16.20
C LYS A 600 77.22 -21.48 -15.43
N GLN A 601 77.62 -22.02 -14.28
CA GLN A 601 76.71 -22.78 -13.44
C GLN A 601 75.96 -21.84 -12.49
N MET A 602 74.73 -22.20 -12.18
CA MET A 602 73.90 -21.42 -11.28
C MET A 602 73.46 -22.30 -10.11
N SER A 603 73.26 -21.65 -8.95
CA SER A 603 72.90 -22.40 -7.76
C SER A 603 71.55 -23.09 -7.91
N GLY A 604 70.62 -22.47 -8.63
CA GLY A 604 69.31 -23.06 -8.80
C GLY A 604 68.84 -23.02 -10.25
N THR A 605 67.60 -23.42 -10.47
CA THR A 605 67.06 -23.48 -11.82
C THR A 605 66.74 -22.08 -12.33
N VAL A 606 67.07 -21.82 -13.59
CA VAL A 606 66.83 -20.53 -14.20
C VAL A 606 65.36 -20.44 -14.60
N THR A 607 64.71 -19.34 -14.22
CA THR A 607 63.30 -19.12 -14.53
C THR A 607 63.06 -18.02 -15.56
N SER A 608 64.03 -17.14 -15.77
CA SER A 608 63.85 -16.03 -16.70
C SER A 608 65.20 -15.67 -17.29
N LEU A 609 65.17 -15.17 -18.52
CA LEU A 609 66.37 -14.66 -19.18
C LEU A 609 65.98 -13.47 -20.03
N SER A 610 66.81 -12.44 -20.01
CA SER A 610 66.64 -11.28 -20.87
C SER A 610 67.99 -10.83 -21.37
N LEU A 611 68.10 -10.66 -22.68
CA LEU A 611 69.36 -10.29 -23.31
C LEU A 611 69.42 -8.83 -23.71
N GLY A 612 68.27 -8.22 -23.99
CA GLY A 612 68.25 -6.84 -24.42
C GLY A 612 68.66 -6.70 -25.88
N LYS A 613 68.03 -5.76 -26.58
CA LYS A 613 68.35 -5.54 -27.98
C LYS A 613 69.80 -5.06 -28.12
N VAL A 614 70.30 -5.11 -29.35
CA VAL A 614 71.64 -4.62 -29.64
C VAL A 614 71.61 -3.10 -29.69
N PRO A 615 72.35 -2.40 -28.84
CA PRO A 615 72.44 -0.95 -28.98
C PRO A 615 73.08 -0.59 -30.31
N GLU A 616 72.42 0.29 -31.07
CA GLU A 616 72.91 0.64 -32.39
C GLU A 616 74.26 1.33 -32.29
N GLY A 617 75.07 1.15 -33.33
CA GLY A 617 76.45 1.60 -33.30
C GLY A 617 77.40 0.70 -32.55
N LEU A 618 76.92 -0.42 -32.03
CA LEU A 618 77.73 -1.33 -31.24
C LEU A 618 77.54 -2.76 -31.74
N ARG A 619 78.48 -3.63 -31.37
CA ARG A 619 78.44 -5.01 -31.86
C ARG A 619 77.45 -5.88 -31.10
N ARG A 620 77.28 -5.64 -29.81
CA ARG A 620 76.55 -6.56 -28.97
C ARG A 620 76.05 -5.85 -27.72
N SER A 621 75.07 -6.47 -27.07
CA SER A 621 74.64 -6.03 -25.76
C SER A 621 75.62 -6.53 -24.71
N SER A 622 75.93 -5.67 -23.74
CA SER A 622 76.97 -5.97 -22.76
C SER A 622 76.44 -6.68 -21.53
N PHE A 623 75.12 -6.81 -21.38
CA PHE A 623 74.55 -7.31 -20.13
C PHE A 623 73.55 -8.42 -20.42
N LEU A 624 73.47 -9.37 -19.48
CA LEU A 624 72.51 -10.44 -19.50
C LEU A 624 71.85 -10.54 -18.13
N ALA A 625 70.53 -10.63 -18.11
CA ALA A 625 69.77 -10.74 -16.87
C ALA A 625 69.34 -12.19 -16.68
N VAL A 626 69.60 -12.74 -15.50
CA VAL A 626 69.31 -14.13 -15.20
C VAL A 626 68.51 -14.18 -13.90
N GLY A 627 67.27 -14.67 -13.99
CA GLY A 627 66.45 -14.89 -12.80
C GLY A 627 66.46 -16.36 -12.44
N CYS A 628 66.45 -16.64 -11.14
CA CYS A 628 66.52 -18.01 -10.66
C CYS A 628 65.38 -18.26 -9.67
N ASP A 629 65.19 -19.54 -9.34
CA ASP A 629 64.15 -19.94 -8.39
C ASP A 629 64.51 -19.60 -6.95
N ASP A 630 65.74 -19.15 -6.70
CA ASP A 630 66.12 -18.67 -5.39
C ASP A 630 65.71 -17.22 -5.16
N CYS A 631 64.77 -16.73 -5.95
CA CYS A 631 64.27 -15.36 -5.84
C CYS A 631 65.40 -14.35 -5.97
N THR A 632 66.28 -14.57 -6.94
CA THR A 632 67.37 -13.67 -7.23
C THR A 632 67.41 -13.37 -8.72
N VAL A 633 67.79 -12.13 -9.05
CA VAL A 633 68.07 -11.72 -10.42
C VAL A 633 69.50 -11.20 -10.45
N ARG A 634 70.29 -11.72 -11.38
CA ARG A 634 71.69 -11.35 -11.53
C ARG A 634 71.90 -10.67 -12.87
N ILE A 635 72.93 -9.84 -12.94
CA ILE A 635 73.37 -9.23 -14.18
C ILE A 635 74.79 -9.70 -14.44
N LEU A 636 74.95 -10.52 -15.48
CA LEU A 636 76.21 -11.06 -15.95
C LEU A 636 76.72 -10.24 -17.13
N SER A 637 78.04 -10.09 -17.21
CA SER A 637 78.65 -9.34 -18.29
C SER A 637 78.80 -10.21 -19.53
N LEU A 638 78.75 -9.55 -20.69
CA LEU A 638 78.95 -10.22 -21.97
C LEU A 638 80.08 -9.58 -22.77
N ASP A 639 80.81 -8.63 -22.19
CA ASP A 639 81.96 -8.08 -22.86
C ASP A 639 82.98 -9.19 -23.12
N PRO A 640 83.83 -9.04 -24.14
CA PRO A 640 84.80 -10.11 -24.44
C PRO A 640 85.82 -10.30 -23.33
N GLU A 641 86.28 -9.22 -22.71
CA GLU A 641 87.32 -9.32 -21.69
C GLU A 641 86.84 -10.05 -20.44
N SER A 642 85.57 -9.88 -20.08
CA SER A 642 85.04 -10.44 -18.83
C SER A 642 83.70 -11.10 -19.09
N THR A 643 83.69 -12.14 -19.92
CA THR A 643 82.46 -12.76 -20.37
C THR A 643 81.85 -13.63 -19.27
N LEU A 644 80.56 -13.46 -19.03
CA LEU A 644 79.76 -14.23 -18.09
C LEU A 644 80.17 -14.03 -16.64
N GLU A 645 81.08 -13.10 -16.36
CA GLU A 645 81.36 -12.74 -14.97
C GLU A 645 80.18 -11.99 -14.40
N MET A 646 79.91 -12.20 -13.11
CA MET A 646 78.76 -11.58 -12.48
C MET A 646 79.06 -10.12 -12.20
N LYS A 647 78.22 -9.23 -12.71
CA LYS A 647 78.33 -7.81 -12.40
C LYS A 647 77.52 -7.48 -11.14
N SER A 648 76.26 -7.88 -11.09
CA SER A 648 75.45 -7.49 -9.93
C SER A 648 74.42 -8.57 -9.60
N ILE A 649 73.75 -8.38 -8.47
CA ILE A 649 72.77 -9.34 -7.98
C ILE A 649 71.77 -8.60 -7.09
N GLN A 650 70.52 -9.04 -7.11
CA GLN A 650 69.49 -8.49 -6.25
C GLN A 650 68.50 -9.58 -5.87
N ALA A 651 68.05 -9.55 -4.61
CA ALA A 651 67.05 -10.48 -4.12
C ALA A 651 65.65 -9.90 -4.31
N LEU A 652 64.68 -10.78 -4.51
CA LEU A 652 63.34 -10.38 -4.88
C LEU A 652 62.30 -10.99 -3.94
N THR A 653 61.11 -10.39 -3.94
CA THR A 653 60.06 -10.84 -3.03
C THR A 653 59.56 -12.22 -3.40
N ALA A 654 59.51 -12.54 -4.69
CA ALA A 654 59.11 -13.85 -5.17
C ALA A 654 59.98 -14.22 -6.36
N ALA A 655 59.80 -15.43 -6.86
CA ALA A 655 60.61 -15.88 -7.98
C ALA A 655 60.31 -15.03 -9.21
N PRO A 656 61.35 -14.65 -9.96
CA PRO A 656 61.13 -13.86 -11.18
C PRO A 656 60.61 -14.74 -12.30
N SER A 657 59.43 -14.41 -12.81
CA SER A 657 58.84 -15.17 -13.90
C SER A 657 59.22 -14.64 -15.26
N SER A 658 59.70 -13.40 -15.35
CA SER A 658 60.03 -12.81 -16.63
C SER A 658 61.05 -11.71 -16.41
N LEU A 659 61.85 -11.46 -17.45
CA LEU A 659 62.81 -10.38 -17.43
C LEU A 659 62.86 -9.76 -18.82
N LEU A 660 63.14 -8.46 -18.87
CA LEU A 660 63.18 -7.77 -20.15
C LEU A 660 64.06 -6.54 -20.02
N ILE A 661 65.20 -6.52 -20.70
CA ILE A 661 66.06 -5.35 -20.73
C ILE A 661 65.62 -4.46 -21.88
N MET A 662 65.50 -3.17 -21.61
CA MET A 662 64.95 -2.26 -22.61
C MET A 662 65.36 -0.83 -22.28
N SER A 663 65.74 -0.09 -23.32
CA SER A 663 66.04 1.33 -23.20
C SER A 663 64.81 2.13 -23.58
N MET A 664 64.47 3.12 -22.76
CA MET A 664 63.28 3.93 -22.98
C MET A 664 63.64 5.41 -22.85
N GLU A 665 62.80 6.25 -23.46
CA GLU A 665 62.89 7.68 -23.21
C GLU A 665 62.65 7.94 -21.73
N ASP A 666 63.34 8.92 -21.18
CA ASP A 666 63.19 9.27 -19.79
C ASP A 666 62.62 10.68 -19.67
N SER A 667 62.33 11.08 -18.43
CA SER A 667 61.76 12.40 -18.19
C SER A 667 62.75 13.53 -18.40
N THR A 668 64.04 13.23 -18.54
CA THR A 668 65.06 14.26 -18.62
C THR A 668 65.61 14.45 -20.04
N GLY A 669 64.96 13.88 -21.05
CA GLY A 669 65.27 14.17 -22.43
C GLY A 669 66.24 13.24 -23.13
N GLY A 670 66.63 12.14 -22.49
CA GLY A 670 67.52 11.19 -23.12
C GLY A 670 67.17 9.77 -22.72
N THR A 671 67.57 8.83 -23.57
CA THR A 671 67.25 7.44 -23.29
C THR A 671 67.97 6.95 -22.05
N THR A 672 67.39 5.94 -21.41
CA THR A 672 67.96 5.31 -20.24
C THR A 672 67.68 3.82 -20.33
N LEU A 673 68.62 3.02 -19.82
CA LEU A 673 68.56 1.57 -19.90
C LEU A 673 67.93 1.01 -18.63
N TYR A 674 66.80 0.33 -18.78
CA TYR A 674 66.04 -0.21 -17.66
C TYR A 674 65.97 -1.73 -17.77
N LEU A 675 65.78 -2.36 -16.61
CA LEU A 675 65.50 -3.79 -16.51
C LEU A 675 64.09 -3.94 -15.93
N HIS A 676 63.18 -4.45 -16.74
CA HIS A 676 61.84 -4.81 -16.28
C HIS A 676 61.86 -6.21 -15.72
N ILE A 677 61.32 -6.37 -14.52
CA ILE A 677 61.26 -7.64 -13.82
C ILE A 677 59.80 -8.02 -13.61
N GLY A 678 59.47 -9.27 -13.89
CA GLY A 678 58.14 -9.78 -13.66
C GLY A 678 58.16 -10.95 -12.69
N LEU A 679 57.47 -10.79 -11.57
CA LEU A 679 57.53 -11.76 -10.48
C LEU A 679 56.42 -12.79 -10.61
N HIS A 680 56.68 -13.97 -10.04
CA HIS A 680 55.71 -15.05 -10.05
C HIS A 680 54.48 -14.75 -9.21
N SER A 681 54.49 -13.66 -8.45
CA SER A 681 53.37 -13.27 -7.61
C SER A 681 52.51 -12.19 -8.23
N GLY A 682 52.75 -11.85 -9.49
CA GLY A 682 52.01 -10.79 -10.15
C GLY A 682 52.62 -9.41 -10.01
N VAL A 683 53.80 -9.30 -9.43
CA VAL A 683 54.44 -8.01 -9.25
C VAL A 683 55.20 -7.64 -10.51
N TYR A 684 55.21 -6.35 -10.83
CA TYR A 684 56.01 -5.78 -11.89
C TYR A 684 56.98 -4.78 -11.27
N LEU A 685 58.24 -4.87 -11.64
CA LEU A 685 59.25 -3.93 -11.17
C LEU A 685 59.98 -3.34 -12.36
N ARG A 686 60.43 -2.10 -12.23
CA ARG A 686 61.32 -1.49 -13.21
C ARG A 686 62.53 -0.94 -12.49
N THR A 687 63.71 -1.40 -12.87
CA THR A 687 64.96 -0.95 -12.30
C THR A 687 65.80 -0.28 -13.38
N VAL A 688 66.87 0.38 -12.93
CA VAL A 688 67.79 1.06 -13.83
C VAL A 688 69.06 0.22 -13.94
N LEU A 689 69.49 -0.03 -15.16
CA LEU A 689 70.73 -0.75 -15.43
C LEU A 689 71.82 0.27 -15.73
N ASP A 690 72.91 0.21 -14.96
CA ASP A 690 73.88 1.30 -14.91
C ASP A 690 74.61 1.53 -16.24
N GLU A 691 74.57 0.58 -17.16
CA GLU A 691 75.21 0.68 -18.47
C GLU A 691 76.72 0.53 -18.39
N ILE A 692 77.29 0.50 -17.19
CA ILE A 692 78.72 0.24 -17.06
C ILE A 692 78.98 -0.76 -15.96
N THR A 693 78.78 -0.36 -14.71
CA THR A 693 78.96 -1.32 -13.60
C THR A 693 77.83 -2.34 -13.55
N GLY A 694 76.73 -2.08 -14.25
CA GLY A 694 75.66 -3.06 -14.32
C GLY A 694 74.91 -3.30 -13.03
N GLU A 695 74.94 -2.36 -12.10
CA GLU A 695 74.18 -2.50 -10.88
C GLU A 695 72.78 -1.92 -11.07
N LEU A 696 71.83 -2.46 -10.30
CA LEU A 696 70.43 -2.11 -10.43
C LEU A 696 70.02 -1.17 -9.31
N THR A 697 69.43 -0.02 -9.68
CA THR A 697 69.04 0.99 -8.71
C THR A 697 67.68 1.57 -9.09
N ASP A 698 67.09 2.30 -8.15
CA ASP A 698 65.88 3.07 -8.36
C ASP A 698 64.71 2.16 -8.77
N THR A 699 64.41 1.20 -7.91
CA THR A 699 63.39 0.21 -8.19
C THR A 699 62.00 0.82 -8.08
N ARG A 700 61.14 0.48 -9.03
CA ARG A 700 59.72 0.80 -9.01
C ARG A 700 58.92 -0.49 -8.95
N GLN A 701 57.85 -0.49 -8.16
CA GLN A 701 57.00 -1.65 -8.02
C GLN A 701 55.56 -1.31 -8.38
N LYS A 702 54.82 -2.34 -8.76
CA LYS A 702 53.38 -2.27 -8.96
C LYS A 702 52.85 -3.70 -8.92
N PHE A 703 51.59 -3.84 -8.51
CA PHE A 703 50.93 -5.14 -8.49
C PHE A 703 49.89 -5.16 -9.60
N LEU A 704 49.97 -6.17 -10.46
CA LEU A 704 49.13 -6.24 -11.65
C LEU A 704 48.00 -7.24 -11.55
N GLY A 705 48.18 -8.35 -10.85
CA GLY A 705 47.16 -9.36 -10.74
C GLY A 705 47.69 -10.67 -10.20
N PRO A 706 46.78 -11.62 -9.93
CA PRO A 706 47.22 -12.90 -9.36
C PRO A 706 48.05 -13.74 -10.30
N LYS A 707 47.88 -13.62 -11.62
CA LYS A 707 48.66 -14.42 -12.53
C LYS A 707 50.11 -13.94 -12.55
N PRO A 708 51.07 -14.86 -12.72
CA PRO A 708 52.47 -14.45 -12.88
C PRO A 708 52.63 -13.52 -14.08
N THR A 709 53.37 -12.43 -13.87
CA THR A 709 53.52 -11.41 -14.88
C THR A 709 54.57 -11.80 -15.91
N LYS A 710 54.29 -11.49 -17.17
CA LYS A 710 55.20 -11.77 -18.26
C LYS A 710 55.47 -10.47 -19.01
N LEU A 711 56.65 -10.37 -19.62
CA LEU A 711 57.11 -9.10 -20.17
C LEU A 711 57.48 -9.23 -21.63
N PHE A 712 57.05 -8.26 -22.44
CA PHE A 712 57.38 -8.25 -23.85
C PHE A 712 57.59 -6.80 -24.30
N GLN A 713 58.33 -6.63 -25.39
CA GLN A 713 58.64 -5.31 -25.92
C GLN A 713 57.85 -5.07 -27.19
N VAL A 714 57.11 -3.97 -27.24
CA VAL A 714 56.33 -3.59 -28.40
C VAL A 714 56.69 -2.16 -28.79
N THR A 715 56.09 -1.70 -29.88
CA THR A 715 56.28 -0.32 -30.35
C THR A 715 54.90 0.27 -30.62
N VAL A 716 54.60 1.38 -29.95
CA VAL A 716 53.33 2.07 -30.08
C VAL A 716 53.60 3.55 -30.27
N GLN A 717 53.08 4.13 -31.35
CA GLN A 717 53.28 5.54 -31.68
C GLN A 717 54.77 5.86 -31.76
N ASN A 718 55.51 5.03 -32.49
CA ASN A 718 56.94 5.19 -32.68
C ASN A 718 57.68 5.32 -31.35
N GLN A 719 57.18 4.63 -30.33
CA GLN A 719 57.79 4.61 -29.00
C GLN A 719 57.88 3.16 -28.55
N THR A 720 59.04 2.78 -28.02
CA THR A 720 59.23 1.43 -27.52
C THR A 720 58.61 1.33 -26.13
N CYS A 721 57.66 0.41 -25.96
CA CYS A 721 56.92 0.27 -24.73
C CYS A 721 57.02 -1.15 -24.21
N VAL A 722 56.79 -1.31 -22.91
CA VAL A 722 56.75 -2.62 -22.29
C VAL A 722 55.30 -3.04 -22.18
N LEU A 723 55.01 -4.26 -22.59
CA LEU A 723 53.69 -4.86 -22.45
C LEU A 723 53.82 -5.96 -21.42
N ALA A 724 53.18 -5.76 -20.27
CA ALA A 724 53.20 -6.71 -19.18
C ALA A 724 51.87 -7.44 -19.15
N LEU A 725 51.93 -8.76 -19.20
CA LEU A 725 50.74 -9.60 -19.19
C LEU A 725 50.54 -10.17 -17.80
N SER A 726 49.36 -9.89 -17.23
CA SER A 726 48.92 -10.45 -15.96
C SER A 726 47.47 -10.89 -16.13
N SER A 727 46.69 -10.89 -15.05
CA SER A 727 45.25 -11.10 -15.22
C SER A 727 44.70 -10.18 -16.30
N ARG A 728 45.33 -9.02 -16.48
CA ARG A 728 45.01 -8.05 -17.50
C ARG A 728 46.31 -7.64 -18.19
N PRO A 729 46.24 -7.13 -19.41
CA PRO A 729 47.43 -6.56 -20.03
C PRO A 729 47.63 -5.09 -19.66
N TRP A 730 48.84 -4.74 -19.21
CA TRP A 730 49.21 -3.38 -18.89
C TRP A 730 50.27 -2.90 -19.86
N LEU A 731 50.18 -1.65 -20.27
CA LEU A 731 51.17 -1.01 -21.13
C LEU A 731 51.94 0.02 -20.31
N GLY A 732 53.25 -0.20 -20.19
CA GLY A 732 54.14 0.76 -19.59
C GLY A 732 54.82 1.56 -20.68
N TYR A 733 54.68 2.88 -20.60
CA TYR A 733 55.15 3.79 -21.62
C TYR A 733 55.48 5.13 -20.98
N THR A 734 56.13 5.99 -21.75
CA THR A 734 56.37 7.36 -21.34
C THR A 734 55.29 8.23 -21.96
N ALA A 735 54.54 8.92 -21.11
CA ALA A 735 53.42 9.72 -21.59
C ALA A 735 53.92 10.78 -22.56
N PRO A 736 53.23 11.03 -23.66
CA PRO A 736 53.78 11.93 -24.68
C PRO A 736 53.83 13.38 -24.23
N ILE A 737 52.82 13.84 -23.50
CA ILE A 737 52.72 15.25 -23.13
C ILE A 737 53.34 15.51 -21.76
N THR A 738 52.89 14.79 -20.73
CA THR A 738 53.35 15.06 -19.37
C THR A 738 54.73 14.47 -19.07
N ARG A 739 55.21 13.55 -19.91
CA ARG A 739 56.57 13.01 -19.89
C ARG A 739 56.88 12.07 -18.74
N ASN A 740 55.92 11.70 -17.91
CA ASN A 740 56.20 10.75 -16.83
C ASN A 740 55.95 9.33 -17.31
N PHE A 741 56.36 8.37 -16.48
CA PHE A 741 56.22 6.96 -16.80
C PHE A 741 54.91 6.43 -16.27
N VAL A 742 54.11 5.82 -17.16
CA VAL A 742 52.77 5.37 -16.81
C VAL A 742 52.64 3.89 -17.15
N MET A 743 51.88 3.19 -16.31
CA MET A 743 51.41 1.83 -16.58
C MET A 743 49.89 1.89 -16.62
N THR A 744 49.32 1.73 -17.80
CA THR A 744 47.87 1.73 -17.82
C THR A 744 47.35 0.40 -18.35
N PRO A 745 46.27 -0.12 -17.77
CA PRO A 745 45.72 -1.38 -18.27
C PRO A 745 45.10 -1.19 -19.65
N LEU A 746 44.99 -2.29 -20.38
CA LEU A 746 44.33 -2.29 -21.68
C LEU A 746 42.88 -2.71 -21.51
N SER A 747 41.99 -2.07 -22.27
CA SER A 747 40.60 -2.48 -22.32
C SER A 747 40.52 -3.60 -23.35
N TYR A 748 40.90 -4.79 -22.92
CA TYR A 748 41.12 -5.91 -23.82
C TYR A 748 41.15 -7.18 -23.00
N THR A 749 41.06 -8.31 -23.69
CA THR A 749 40.97 -9.58 -23.00
C THR A 749 42.31 -9.94 -22.35
N GLU A 750 42.23 -10.84 -21.38
CA GLU A 750 43.43 -11.42 -20.79
C GLU A 750 44.23 -12.15 -21.87
N LEU A 751 45.54 -11.91 -21.90
CA LEU A 751 46.42 -12.53 -22.86
C LEU A 751 47.49 -13.33 -22.15
N GLY A 752 47.90 -14.42 -22.78
CA GLY A 752 48.94 -15.27 -22.23
C GLY A 752 50.27 -15.06 -22.90
N TYR A 753 50.27 -14.38 -24.04
CA TYR A 753 51.49 -14.14 -24.80
C TYR A 753 51.19 -13.14 -25.91
N THR A 754 52.22 -12.36 -26.25
CA THR A 754 52.11 -11.23 -27.16
C THR A 754 53.48 -11.00 -27.78
N TRP A 755 53.49 -10.40 -28.97
CA TRP A 755 54.74 -10.04 -29.63
C TRP A 755 54.48 -8.92 -30.63
N SER A 756 55.55 -8.16 -30.91
CA SER A 756 55.48 -7.10 -31.89
C SER A 756 55.10 -7.65 -33.25
N PHE A 757 54.24 -6.93 -33.96
CA PHE A 757 53.71 -7.38 -35.24
C PHE A 757 53.80 -6.27 -36.28
N ASN A 758 54.08 -6.66 -37.52
CA ASN A 758 54.13 -5.74 -38.64
C ASN A 758 53.47 -6.42 -39.83
N SER A 759 53.04 -5.61 -40.80
CA SER A 759 52.40 -6.10 -42.02
C SER A 759 52.11 -4.92 -42.92
N GLU A 760 51.72 -5.22 -44.16
CA GLU A 760 51.32 -4.17 -45.10
C GLU A 760 50.06 -3.48 -44.61
N GLN A 761 49.14 -4.23 -44.01
CA GLN A 761 47.86 -3.67 -43.58
C GLN A 761 48.00 -2.81 -42.32
N CYS A 762 48.76 -3.26 -41.34
CA CYS A 762 48.99 -2.49 -40.12
C CYS A 762 50.47 -2.55 -39.76
N GLN A 763 50.99 -1.44 -39.25
CA GLN A 763 52.36 -1.38 -38.78
C GLN A 763 52.38 -1.05 -37.29
N GLU A 764 53.44 -1.52 -36.62
CA GLU A 764 53.61 -1.32 -35.19
C GLU A 764 52.42 -1.86 -34.40
N GLY A 765 51.75 -2.87 -34.95
CA GLY A 765 50.70 -3.56 -34.25
C GLY A 765 51.26 -4.62 -33.33
N MET A 766 50.39 -5.52 -32.88
CA MET A 766 50.77 -6.55 -31.93
C MET A 766 49.99 -7.82 -32.23
N VAL A 767 50.53 -8.95 -31.77
CA VAL A 767 49.88 -10.24 -31.88
C VAL A 767 49.82 -10.88 -30.50
N GLY A 768 48.74 -11.59 -30.21
CA GLY A 768 48.65 -12.24 -28.92
C GLY A 768 47.71 -13.42 -29.00
N ILE A 769 47.75 -14.25 -27.96
CA ILE A 769 46.87 -15.41 -27.92
C ILE A 769 46.15 -15.47 -26.58
N HIS A 770 44.99 -16.11 -26.60
CA HIS A 770 44.27 -16.46 -25.38
C HIS A 770 43.19 -17.49 -25.68
N ALA A 771 43.19 -18.58 -24.91
CA ALA A 771 42.10 -19.56 -24.90
C ALA A 771 41.61 -19.91 -26.30
N ASN A 772 42.43 -20.64 -27.06
CA ASN A 772 42.05 -21.12 -28.39
C ASN A 772 41.81 -20.00 -29.39
N TYR A 773 42.44 -18.84 -29.19
CA TYR A 773 42.23 -17.74 -30.11
C TYR A 773 43.51 -16.94 -30.29
N LEU A 774 43.72 -16.50 -31.53
CA LEU A 774 44.82 -15.60 -31.89
C LEU A 774 44.22 -14.27 -32.34
N ARG A 775 44.88 -13.17 -32.00
CA ARG A 775 44.37 -11.85 -32.31
C ARG A 775 45.50 -10.96 -32.78
N ILE A 776 45.13 -9.94 -33.55
CA ILE A 776 46.06 -8.88 -33.98
C ILE A 776 45.39 -7.55 -33.66
N PHE A 777 46.05 -6.75 -32.83
CA PHE A 777 45.49 -5.49 -32.38
C PHE A 777 46.56 -4.42 -32.42
N THR A 778 46.11 -3.17 -32.39
CA THR A 778 47.00 -2.03 -32.29
C THR A 778 46.40 -1.02 -31.33
N ILE A 779 47.27 -0.34 -30.61
CA ILE A 779 46.88 0.74 -29.71
C ILE A 779 47.12 2.03 -30.49
N GLU A 780 46.06 2.54 -31.13
CA GLU A 780 46.25 3.59 -32.12
C GLU A 780 46.78 4.88 -31.49
N LYS A 781 46.24 5.26 -30.33
CA LYS A 781 46.66 6.50 -29.69
C LYS A 781 46.66 6.32 -28.18
N LEU A 782 47.73 6.74 -27.53
CA LEU A 782 47.88 6.68 -26.09
C LEU A 782 47.84 8.10 -25.51
N GLY A 783 47.96 8.18 -24.19
CA GLY A 783 47.86 9.45 -23.50
C GLY A 783 46.53 9.63 -22.81
N GLN A 784 45.45 9.26 -23.50
CA GLN A 784 44.12 9.29 -22.90
C GLN A 784 43.92 8.00 -22.12
N THR A 785 43.99 8.09 -20.80
CA THR A 785 43.93 6.93 -19.93
C THR A 785 42.51 6.52 -19.56
N MET A 786 41.50 7.30 -19.96
CA MET A 786 40.12 7.05 -19.59
C MET A 786 39.29 6.85 -20.84
N ILE A 787 38.70 5.68 -20.98
CA ILE A 787 37.83 5.39 -22.10
C ILE A 787 36.41 5.75 -21.72
N GLN A 788 35.64 6.20 -22.69
CA GLN A 788 34.34 6.81 -22.44
C GLN A 788 33.33 6.25 -23.43
N LYS A 789 32.30 5.58 -22.91
CA LYS A 789 31.18 5.15 -23.73
C LYS A 789 29.94 5.93 -23.31
N SER A 790 29.13 6.33 -24.27
CA SER A 790 28.02 7.23 -23.95
C SER A 790 26.80 6.89 -24.77
N CYS A 791 25.66 7.35 -24.29
CA CYS A 791 24.39 7.29 -24.99
C CYS A 791 23.63 8.59 -24.73
N PRO A 792 22.86 9.05 -25.70
CA PRO A 792 22.12 10.30 -25.50
C PRO A 792 21.02 10.15 -24.46
N LEU A 793 20.60 11.28 -23.93
CA LEU A 793 19.44 11.38 -23.05
C LEU A 793 18.45 12.37 -23.66
N THR A 794 17.34 12.58 -22.96
CA THR A 794 16.23 13.35 -23.49
C THR A 794 16.28 14.82 -23.07
N TYR A 795 16.49 15.09 -21.79
CA TYR A 795 16.58 16.46 -21.30
C TYR A 795 17.80 16.60 -20.41
N THR A 796 18.06 17.83 -19.98
CA THR A 796 19.23 18.12 -19.16
C THR A 796 19.12 17.38 -17.83
N PRO A 797 20.08 16.54 -17.48
CA PRO A 797 19.98 15.76 -16.25
C PRO A 797 19.92 16.64 -15.02
N LYS A 798 19.54 16.02 -13.91
CA LYS A 798 19.43 16.73 -12.64
C LYS A 798 20.02 15.90 -11.51
N ARG A 799 19.74 14.60 -11.50
CA ARG A 799 20.27 13.71 -10.48
C ARG A 799 20.46 12.33 -11.08
N LEU A 800 21.19 11.48 -10.36
CA LEU A 800 21.53 10.14 -10.80
C LEU A 800 21.52 9.22 -9.60
N VAL A 801 20.75 8.13 -9.68
CA VAL A 801 20.62 7.18 -8.58
C VAL A 801 20.74 5.78 -9.14
N LYS A 802 21.24 4.87 -8.30
CA LYS A 802 21.55 3.51 -8.71
C LYS A 802 20.65 2.52 -7.97
N HIS A 803 20.20 1.50 -8.68
CA HIS A 803 19.48 0.41 -8.05
C HIS A 803 20.37 -0.22 -6.98
N PRO A 804 19.83 -0.54 -5.81
CA PRO A 804 20.70 -1.03 -4.72
C PRO A 804 21.31 -2.38 -4.98
N GLU A 805 20.77 -3.17 -5.91
CA GLU A 805 21.24 -4.53 -6.14
C GLU A 805 21.57 -4.85 -7.58
N GLN A 806 21.05 -4.11 -8.55
CA GLN A 806 21.19 -4.47 -9.96
C GLN A 806 21.92 -3.39 -10.74
N PRO A 807 22.57 -3.74 -11.83
CA PRO A 807 23.36 -2.75 -12.60
C PRO A 807 22.49 -1.85 -13.47
N TYR A 808 21.68 -1.01 -12.84
CA TYR A 808 20.80 -0.11 -13.57
C TYR A 808 20.81 1.27 -12.92
N PHE A 809 20.69 2.30 -13.75
CA PHE A 809 20.67 3.67 -13.26
C PHE A 809 19.36 4.33 -13.64
N TYR A 810 19.00 5.37 -12.88
CA TYR A 810 17.78 6.13 -13.11
C TYR A 810 18.13 7.60 -13.11
N VAL A 811 17.80 8.29 -14.20
CA VAL A 811 18.14 9.70 -14.37
C VAL A 811 16.85 10.50 -14.42
N ILE A 812 16.77 11.55 -13.60
CA ILE A 812 15.71 12.54 -13.72
C ILE A 812 16.25 13.70 -14.55
N GLU A 813 15.41 14.22 -15.44
CA GLU A 813 15.83 15.22 -16.41
C GLU A 813 14.77 16.30 -16.51
N ALA A 814 15.22 17.55 -16.67
CA ALA A 814 14.29 18.68 -16.73
C ALA A 814 14.92 19.83 -17.51
N ASP A 815 14.31 20.15 -18.64
CA ASP A 815 14.61 21.37 -19.39
C ASP A 815 13.59 22.44 -19.01
N ASN A 816 14.10 23.55 -18.48
CA ASN A 816 13.29 24.70 -18.12
C ASN A 816 12.96 25.51 -19.37
N ASN A 817 11.86 26.26 -19.28
CA ASN A 817 11.41 27.16 -20.35
C ASN A 817 11.31 26.41 -21.67
N THR A 818 10.75 25.20 -21.62
CA THR A 818 10.53 24.37 -22.80
C THR A 818 9.19 23.68 -22.64
N LEU A 819 8.39 23.71 -23.69
CA LEU A 819 7.15 22.96 -23.70
C LEU A 819 7.45 21.49 -23.99
N PRO A 820 6.67 20.57 -23.44
CA PRO A 820 6.77 19.18 -23.87
C PRO A 820 6.82 19.09 -25.38
N PRO A 821 7.79 18.34 -25.93
CA PRO A 821 7.99 18.31 -27.39
C PRO A 821 6.71 18.24 -28.19
N GLU A 822 5.72 17.53 -27.65
CA GLU A 822 4.36 17.52 -28.19
C GLU A 822 3.39 17.76 -27.05
N LEU A 823 2.15 18.09 -27.41
CA LEU A 823 1.09 18.33 -26.44
C LEU A 823 1.45 19.46 -25.47
N VAL A 840 9.63 17.16 -36.96
CA VAL A 840 10.36 16.67 -38.12
C VAL A 840 11.83 17.08 -37.99
N LEU A 841 12.10 18.03 -37.10
CA LEU A 841 13.45 18.52 -36.87
C LEU A 841 14.02 17.85 -35.64
N PRO A 842 15.14 17.13 -35.74
CA PRO A 842 15.70 16.46 -34.56
C PRO A 842 16.09 17.48 -33.50
N PRO A 843 15.62 17.28 -32.26
CA PRO A 843 15.93 18.25 -31.21
C PRO A 843 17.43 18.38 -30.92
N GLU A 844 18.20 17.31 -31.06
CA GLU A 844 19.63 17.42 -30.84
C GLU A 844 20.31 18.29 -31.89
N ASP A 845 19.70 18.45 -33.06
CA ASP A 845 20.25 19.31 -34.10
C ASP A 845 19.68 20.72 -34.08
N PHE A 846 18.42 20.89 -33.63
CA PHE A 846 17.77 22.20 -33.68
C PHE A 846 17.17 22.66 -32.35
N GLY A 847 17.09 21.79 -31.35
CA GLY A 847 16.58 22.20 -30.05
C GLY A 847 15.08 22.04 -29.89
N TYR A 848 14.64 21.66 -28.69
CA TYR A 848 13.23 21.60 -28.39
C TYR A 848 12.62 22.99 -28.53
N PRO A 849 11.31 23.07 -28.80
CA PRO A 849 10.69 24.38 -28.97
C PRO A 849 10.58 25.11 -27.64
N LYS A 850 11.12 26.32 -27.59
CA LYS A 850 11.15 27.07 -26.35
C LYS A 850 9.80 27.73 -26.09
N ALA A 851 9.46 27.85 -24.81
CA ALA A 851 8.23 28.50 -24.38
C ALA A 851 8.41 28.92 -22.93
N ARG A 852 8.10 30.18 -22.64
CA ARG A 852 8.40 30.72 -21.32
C ARG A 852 7.50 30.10 -20.25
N GLY A 853 8.11 29.74 -19.13
CA GLY A 853 7.38 29.24 -17.99
C GLY A 853 7.00 27.77 -18.04
N ARG A 854 7.15 27.12 -19.18
CA ARG A 854 6.78 25.73 -19.35
C ARG A 854 7.99 24.83 -19.13
N TRP A 855 7.78 23.71 -18.45
CA TRP A 855 8.83 22.76 -18.15
C TRP A 855 8.66 21.49 -18.98
N ALA A 856 9.77 20.84 -19.28
CA ALA A 856 9.76 19.50 -19.86
C ALA A 856 10.62 18.60 -19.01
N SER A 857 10.07 17.50 -18.51
CA SER A 857 10.79 16.65 -17.58
C SER A 857 10.49 15.20 -17.88
N CYS A 858 11.37 14.31 -17.40
CA CYS A 858 11.20 12.89 -17.66
C CYS A 858 12.13 12.08 -16.78
N ILE A 859 11.80 10.80 -16.63
CA ILE A 859 12.67 9.81 -16.02
C ILE A 859 13.21 8.93 -17.14
N GLU A 860 14.44 8.44 -16.98
CA GLU A 860 14.98 7.49 -17.94
C GLU A 860 15.76 6.41 -17.21
N ILE A 861 15.54 5.17 -17.63
CA ILE A 861 16.26 4.02 -17.09
C ILE A 861 17.42 3.71 -18.01
N VAL A 862 18.61 3.54 -17.44
CA VAL A 862 19.83 3.35 -18.20
C VAL A 862 20.44 2.00 -17.84
N ASP A 863 20.72 1.21 -18.87
CA ASP A 863 21.42 -0.07 -18.77
C ASP A 863 22.81 0.12 -19.36
N PRO A 864 23.86 0.20 -18.54
CA PRO A 864 25.16 0.61 -19.08
C PRO A 864 26.13 -0.53 -19.39
N VAL A 865 25.86 -1.73 -18.91
CA VAL A 865 26.84 -2.82 -18.95
C VAL A 865 26.35 -3.99 -19.80
N SER A 866 25.05 -4.28 -19.79
CA SER A 866 24.54 -5.48 -20.46
C SER A 866 24.90 -5.52 -21.94
N GLU A 867 25.10 -4.36 -22.56
CA GLU A 867 25.45 -4.29 -23.97
C GLU A 867 26.77 -3.56 -24.14
N GLU A 868 27.28 -3.58 -25.37
CA GLU A 868 28.55 -2.92 -25.68
C GLU A 868 28.50 -1.43 -25.38
N GLN A 869 27.34 -0.81 -25.53
CA GLN A 869 27.17 0.61 -25.27
C GLN A 869 26.01 0.81 -24.30
N PRO A 870 26.08 1.85 -23.48
CA PRO A 870 24.93 2.18 -22.64
C PRO A 870 23.70 2.43 -23.47
N ARG A 871 22.54 2.03 -22.93
CA ARG A 871 21.28 2.15 -23.65
C ARG A 871 20.21 2.65 -22.68
N VAL A 872 19.31 3.48 -23.18
CA VAL A 872 18.15 3.92 -22.42
C VAL A 872 17.04 2.89 -22.63
N LEU A 873 16.61 2.26 -21.53
CA LEU A 873 15.61 1.21 -21.63
C LEU A 873 14.20 1.78 -21.72
N LYS A 874 13.88 2.76 -20.90
CA LYS A 874 12.52 3.30 -20.87
C LYS A 874 12.55 4.76 -20.43
N ARG A 875 11.61 5.54 -20.98
CA ARG A 875 11.41 6.93 -20.62
C ARG A 875 10.01 7.09 -20.03
N ILE A 876 9.92 7.87 -18.97
CA ILE A 876 8.66 8.17 -18.29
C ILE A 876 8.46 9.67 -18.37
N GLU A 877 7.60 10.12 -19.27
CA GLU A 877 7.34 11.54 -19.44
C GLU A 877 6.43 12.07 -18.34
N LEU A 878 6.77 13.24 -17.82
CA LEU A 878 5.93 13.91 -16.84
C LEU A 878 4.95 14.83 -17.55
N GLU A 879 3.96 15.31 -16.79
CA GLU A 879 2.91 16.15 -17.34
C GLU A 879 2.39 17.06 -16.25
N GLY A 880 1.63 18.07 -16.67
CA GLY A 880 1.07 19.03 -15.74
C GLY A 880 2.02 20.13 -15.34
N ASN A 881 2.93 20.52 -16.24
CA ASN A 881 3.97 21.51 -15.93
C ASN A 881 4.74 21.10 -14.68
N GLU A 882 5.08 19.82 -14.62
CA GLU A 882 5.71 19.21 -13.46
C GLU A 882 7.13 18.82 -13.83
N ALA A 883 8.09 19.13 -12.95
CA ALA A 883 9.50 18.92 -13.24
C ALA A 883 10.17 18.18 -12.08
N ALA A 884 11.02 17.22 -12.42
CA ALA A 884 11.78 16.48 -11.43
C ALA A 884 12.96 17.30 -10.94
N VAL A 885 13.20 17.29 -9.63
CA VAL A 885 14.23 18.13 -9.05
C VAL A 885 15.12 17.32 -8.11
N SER A 886 14.66 16.14 -7.70
CA SER A 886 15.42 15.34 -6.75
C SER A 886 15.03 13.89 -6.90
N ALA A 887 15.86 13.02 -6.33
CA ALA A 887 15.65 11.58 -6.48
C ALA A 887 16.47 10.85 -5.44
N ALA A 888 16.02 9.64 -5.11
CA ALA A 888 16.71 8.78 -4.17
C ALA A 888 16.12 7.39 -4.27
N VAL A 889 16.88 6.41 -3.80
CA VAL A 889 16.41 5.04 -3.66
C VAL A 889 16.36 4.75 -2.16
N VAL A 890 15.17 4.50 -1.65
CA VAL A 890 14.92 4.42 -0.22
C VAL A 890 14.30 3.07 0.09
N PRO A 891 14.85 2.30 1.02
CA PRO A 891 14.16 1.13 1.54
C PRO A 891 13.25 1.51 2.70
N PHE A 892 12.11 0.82 2.78
CA PHE A 892 11.13 1.08 3.82
C PHE A 892 10.98 -0.15 4.69
N ALA A 893 11.17 0.01 6.00
CA ALA A 893 10.97 -1.09 6.92
C ALA A 893 9.56 -1.63 6.83
N SER A 894 8.59 -0.74 6.61
CA SER A 894 7.18 -1.15 6.54
C SER A 894 6.90 -2.08 5.38
N GLN A 895 7.79 -2.13 4.38
CA GLN A 895 7.62 -3.00 3.23
C GLN A 895 8.62 -4.15 3.23
N ASP A 896 9.00 -4.61 4.42
CA ASP A 896 9.96 -5.69 4.60
C ASP A 896 11.33 -5.36 4.02
N GLY A 897 11.63 -4.07 3.85
CA GLY A 897 12.93 -3.65 3.36
C GLY A 897 13.02 -3.42 1.87
N GLU A 898 11.91 -3.47 1.15
CA GLU A 898 11.94 -3.24 -0.28
C GLU A 898 12.33 -1.79 -0.58
N SER A 899 13.21 -1.62 -1.54
CA SER A 899 13.63 -0.30 -1.96
C SER A 899 12.73 0.21 -3.06
N PHE A 900 12.33 1.48 -2.95
CA PHE A 900 11.49 2.14 -3.94
C PHE A 900 12.23 3.34 -4.50
N LEU A 901 11.74 3.86 -5.62
CA LEU A 901 12.30 5.04 -6.24
C LEU A 901 11.47 6.26 -5.84
N ILE A 902 12.11 7.22 -5.20
CA ILE A 902 11.46 8.44 -4.73
C ILE A 902 11.85 9.58 -5.66
N VAL A 903 10.86 10.29 -6.18
CA VAL A 903 11.10 11.42 -7.07
C VAL A 903 10.44 12.66 -6.48
N GLY A 904 11.14 13.78 -6.53
CA GLY A 904 10.59 15.07 -6.13
C GLY A 904 10.30 15.89 -7.38
N THR A 905 9.19 16.62 -7.35
CA THR A 905 8.80 17.44 -8.49
C THR A 905 8.27 18.77 -8.02
N GLY A 906 8.21 19.72 -8.95
CA GLY A 906 7.58 21.00 -8.70
C GLY A 906 6.70 21.37 -9.88
N LYS A 907 5.70 22.21 -9.61
CA LYS A 907 4.74 22.64 -10.61
C LYS A 907 4.85 24.15 -10.78
N ASP A 908 4.87 24.59 -12.04
CA ASP A 908 4.95 26.02 -12.37
C ASP A 908 6.17 26.66 -11.72
N MET A 909 7.30 25.96 -11.76
CA MET A 909 8.50 26.44 -11.09
C MET A 909 9.06 27.66 -11.80
N VAL A 910 9.33 28.71 -11.04
CA VAL A 910 10.11 29.85 -11.50
C VAL A 910 11.26 30.04 -10.54
N LEU A 911 12.49 30.03 -11.08
CA LEU A 911 13.67 30.01 -10.23
C LEU A 911 13.92 31.35 -9.55
N ASN A 912 13.94 32.43 -10.32
CA ASN A 912 14.19 33.75 -9.74
C ASN A 912 13.10 34.74 -10.14
N PRO A 913 12.26 35.13 -9.17
CA PRO A 913 12.28 34.68 -7.77
C PRO A 913 11.65 33.31 -7.61
N ARG A 914 12.01 32.59 -6.55
CA ARG A 914 11.47 31.26 -6.33
C ARG A 914 9.95 31.32 -6.21
N ALA A 915 9.27 30.50 -7.00
CA ALA A 915 7.81 30.51 -7.07
C ALA A 915 7.28 29.12 -6.76
N SER A 916 6.37 29.04 -5.80
CA SER A 916 5.78 27.79 -5.35
C SER A 916 4.33 27.75 -5.76
N THR A 917 4.02 26.96 -6.79
CA THR A 917 2.64 26.52 -6.97
C THR A 917 2.41 25.32 -6.06
N GLU A 918 3.12 24.23 -6.30
CA GLU A 918 3.06 23.05 -5.44
C GLU A 918 4.23 22.14 -5.76
N GLY A 919 4.69 21.42 -4.74
CA GLY A 919 5.66 20.36 -4.92
C GLY A 919 4.98 19.00 -4.88
N ALA A 920 5.77 17.96 -5.10
CA ALA A 920 5.21 16.62 -5.06
C ALA A 920 6.32 15.60 -4.84
N ILE A 921 5.92 14.44 -4.32
CA ILE A 921 6.80 13.29 -4.16
C ILE A 921 6.10 12.10 -4.83
N HIS A 922 6.62 11.69 -5.98
CA HIS A 922 6.23 10.45 -6.63
C HIS A 922 6.95 9.27 -5.97
N VAL A 923 6.27 8.13 -5.93
CA VAL A 923 6.87 6.87 -5.50
C VAL A 923 6.69 5.85 -6.62
N TYR A 924 7.78 5.18 -6.98
CA TYR A 924 7.79 4.15 -8.00
C TYR A 924 8.36 2.87 -7.40
N ARG A 925 8.04 1.76 -8.05
CA ARG A 925 8.40 0.43 -7.58
C ARG A 925 9.22 -0.28 -8.66
N PHE A 926 10.20 -1.09 -8.23
CA PHE A 926 11.08 -1.76 -9.17
C PHE A 926 10.41 -3.02 -9.69
N ILE A 927 10.25 -3.12 -11.00
CA ILE A 927 9.74 -4.32 -11.64
C ILE A 927 10.74 -4.78 -12.69
N ASP A 928 10.74 -6.09 -12.94
CA ASP A 928 11.68 -6.71 -13.88
C ASP A 928 13.12 -6.43 -13.46
N ASP A 929 13.42 -6.70 -12.20
CA ASP A 929 14.76 -6.57 -11.62
C ASP A 929 15.33 -5.17 -11.77
N GLY A 930 14.48 -4.17 -11.95
CA GLY A 930 14.94 -2.80 -12.09
C GLY A 930 14.97 -2.28 -13.51
N ARG A 931 14.59 -3.09 -14.49
CA ARG A 931 14.54 -2.64 -15.87
C ARG A 931 13.28 -1.83 -16.19
N ASP A 932 12.36 -1.70 -15.24
CA ASP A 932 11.14 -0.93 -15.46
C ASP A 932 10.59 -0.50 -14.11
N LEU A 933 9.69 0.46 -14.13
CA LEU A 933 9.13 1.05 -12.92
C LEU A 933 7.61 1.02 -12.96
N GLU A 934 7.01 0.88 -11.77
CA GLU A 934 5.56 0.93 -11.61
C GLU A 934 5.22 2.12 -10.72
N PHE A 935 4.45 3.06 -11.25
CA PHE A 935 4.04 4.23 -10.48
C PHE A 935 3.07 3.80 -9.38
N ILE A 936 3.43 4.09 -8.13
CA ILE A 936 2.58 3.77 -7.00
C ILE A 936 1.63 4.93 -6.74
N HIS A 937 2.13 5.98 -6.11
CA HIS A 937 1.29 7.14 -5.84
C HIS A 937 2.15 8.39 -5.74
N LYS A 938 1.49 9.53 -5.97
CA LYS A 938 2.11 10.85 -5.93
C LYS A 938 1.44 11.65 -4.84
N THR A 939 2.24 12.26 -3.96
CA THR A 939 1.72 12.99 -2.82
C THR A 939 2.20 14.43 -2.85
N ILE A 940 1.25 15.37 -2.80
CA ILE A 940 1.52 16.78 -3.03
C ILE A 940 2.01 17.43 -1.75
N ILE A 941 2.92 18.40 -1.91
CA ILE A 941 3.50 19.14 -0.80
C ILE A 941 3.56 20.62 -1.17
N GLU A 942 4.05 21.43 -0.23
CA GLU A 942 3.96 22.88 -0.34
C GLU A 942 4.93 23.41 -1.38
N GLU A 943 6.20 23.04 -1.27
CA GLU A 943 7.26 23.50 -2.15
C GLU A 943 7.97 22.31 -2.75
N PRO A 944 8.72 22.50 -3.84
CA PRO A 944 9.47 21.39 -4.42
C PRO A 944 10.51 20.87 -3.45
N PRO A 945 10.59 19.56 -3.27
CA PRO A 945 11.57 19.01 -2.33
C PRO A 945 12.93 18.82 -2.99
N LEU A 946 13.94 19.49 -2.45
CA LEU A 946 15.24 19.51 -3.11
C LEU A 946 16.19 18.42 -2.62
N ALA A 947 15.81 17.69 -1.58
CA ALA A 947 16.72 16.72 -0.98
C ALA A 947 15.92 15.58 -0.39
N PHE A 948 16.34 14.36 -0.70
CA PHE A 948 15.81 13.14 -0.10
C PHE A 948 16.96 12.37 0.54
N CYS A 949 16.62 11.50 1.47
CA CYS A 949 17.64 10.72 2.15
C CYS A 949 17.02 9.56 2.94
N PRO A 950 17.48 8.34 2.73
CA PRO A 950 17.00 7.23 3.55
C PRO A 950 17.45 7.41 4.99
N PHE A 951 16.48 7.32 5.91
CA PHE A 951 16.74 7.54 7.33
C PHE A 951 15.99 6.47 8.12
N GLN A 952 16.72 5.53 8.68
CA GLN A 952 16.19 4.52 9.60
C GLN A 952 14.93 3.86 9.05
N GLY A 953 15.05 3.32 7.84
CA GLY A 953 13.96 2.59 7.24
C GLY A 953 12.78 3.43 6.80
N ARG A 954 12.87 4.75 6.90
CA ARG A 954 11.83 5.65 6.41
C ARG A 954 12.48 6.71 5.55
N LEU A 955 11.67 7.63 5.04
CA LEU A 955 12.15 8.62 4.09
C LEU A 955 12.35 9.97 4.77
N LEU A 956 13.44 10.63 4.41
CA LEU A 956 13.71 12.00 4.85
C LEU A 956 13.60 12.92 3.64
N ALA A 957 12.86 14.00 3.79
CA ALA A 957 12.69 14.97 2.73
C ALA A 957 12.93 16.36 3.27
N GLY A 958 13.49 17.22 2.42
CA GLY A 958 13.70 18.61 2.77
C GLY A 958 12.86 19.52 1.89
N ILE A 959 11.87 20.18 2.48
CA ILE A 959 10.89 20.98 1.77
C ILE A 959 10.93 22.37 2.38
N GLY A 960 11.44 23.34 1.64
CA GLY A 960 11.60 24.68 2.19
C GLY A 960 12.71 24.67 3.22
N LYS A 961 12.40 25.15 4.43
CA LYS A 961 13.28 24.99 5.57
C LYS A 961 12.93 23.78 6.41
N MET A 962 12.10 22.89 5.88
CA MET A 962 11.43 21.87 6.66
C MET A 962 12.09 20.51 6.45
N LEU A 963 12.45 19.87 7.56
CA LEU A 963 12.94 18.51 7.54
C LEU A 963 11.79 17.59 7.95
N ARG A 964 11.47 16.62 7.11
CA ARG A 964 10.23 15.87 7.28
C ARG A 964 10.50 14.38 7.09
N ILE A 965 9.96 13.57 8.01
CA ILE A 965 10.05 12.11 7.90
C ILE A 965 8.72 11.60 7.37
N TYR A 966 8.78 10.81 6.31
CA TYR A 966 7.62 10.17 5.72
C TYR A 966 7.78 8.66 5.82
N ASP A 967 6.64 7.97 5.84
CA ASP A 967 6.59 6.53 5.67
C ASP A 967 5.70 6.22 4.48
N LEU A 968 5.84 5.01 3.94
CA LEU A 968 5.11 4.61 2.75
C LEU A 968 3.74 4.10 3.17
N GLY A 969 2.69 4.72 2.63
CA GLY A 969 1.32 4.33 2.90
C GLY A 969 0.63 3.76 1.69
N LEU A 970 -0.63 3.38 1.88
CA LEU A 970 -1.38 2.72 0.83
C LEU A 970 -1.69 3.66 -0.31
N LYS A 971 -2.01 4.92 0.00
CA LYS A 971 -2.38 5.89 -1.02
C LYS A 971 -1.50 7.13 -1.05
N GLN A 972 -0.79 7.43 0.03
CA GLN A 972 0.07 8.60 0.09
C GLN A 972 1.30 8.26 0.93
N LEU A 973 2.28 9.15 0.90
CA LEU A 973 3.30 9.17 1.92
C LEU A 973 2.76 9.89 3.14
N LEU A 974 3.10 9.40 4.33
CA LEU A 974 2.48 9.84 5.56
C LEU A 974 3.51 10.47 6.49
N ARG A 975 3.23 11.67 6.95
CA ARG A 975 4.11 12.35 7.89
C ARG A 975 4.18 11.59 9.20
N LYS A 976 5.38 11.50 9.77
CA LYS A 976 5.58 10.94 11.10
C LYS A 976 6.32 11.88 12.04
N ALA A 977 7.03 12.87 11.53
CA ALA A 977 7.73 13.88 12.32
C ALA A 977 8.23 14.95 11.37
N GLN A 978 8.42 16.15 11.89
CA GLN A 978 8.94 17.25 11.08
C GLN A 978 9.43 18.36 12.00
N ALA A 979 10.23 19.24 11.41
CA ALA A 979 10.77 20.42 12.09
C ALA A 979 11.47 21.30 11.08
N GLU A 980 11.66 22.56 11.47
CA GLU A 980 12.43 23.51 10.68
C GLU A 980 13.89 23.46 11.12
N VAL A 981 14.79 23.28 10.16
CA VAL A 981 16.19 23.04 10.52
C VAL A 981 17.15 24.02 9.85
N SER A 982 16.89 24.38 8.60
CA SER A 982 17.84 25.20 7.88
C SER A 982 17.36 26.64 7.76
N PRO A 983 18.28 27.60 7.64
CA PRO A 983 17.88 29.02 7.67
C PRO A 983 17.10 29.49 6.46
N GLN A 984 17.25 28.86 5.30
CA GLN A 984 16.52 29.39 4.15
C GLN A 984 15.98 28.33 3.20
N LEU A 985 16.73 27.26 2.95
CA LEU A 985 16.29 26.27 1.98
C LEU A 985 17.18 25.05 2.05
N ILE A 986 16.58 23.87 2.05
CA ILE A 986 17.33 22.62 2.06
C ILE A 986 17.72 22.26 0.64
N VAL A 987 19.00 21.92 0.44
CA VAL A 987 19.48 21.49 -0.87
C VAL A 987 20.17 20.14 -0.84
N SER A 988 20.50 19.61 0.34
CA SER A 988 21.11 18.29 0.40
C SER A 988 20.88 17.70 1.78
N LEU A 989 20.91 16.36 1.84
CA LEU A 989 20.70 15.64 3.08
C LEU A 989 21.57 14.39 3.10
N ASP A 990 22.02 14.03 4.29
CA ASP A 990 22.77 12.81 4.51
C ASP A 990 22.67 12.48 5.99
N THR A 991 22.94 11.22 6.34
CA THR A 991 22.76 10.84 7.74
C THR A 991 23.56 9.59 8.07
N ARG A 992 23.96 9.51 9.34
CA ARG A 992 24.51 8.31 9.95
C ARG A 992 23.95 8.23 11.36
N HIS A 993 23.50 7.05 11.76
CA HIS A 993 22.90 6.83 13.08
C HIS A 993 21.82 7.88 13.34
N ASN A 994 21.80 8.47 14.53
CA ASN A 994 20.75 9.44 14.86
C ASN A 994 21.08 10.84 14.38
N ARG A 995 22.12 11.01 13.57
CA ARG A 995 22.56 12.32 13.14
C ARG A 995 22.16 12.56 11.69
N ILE A 996 21.58 13.72 11.42
CA ILE A 996 21.22 14.16 10.09
C ILE A 996 21.99 15.44 9.83
N VAL A 997 22.62 15.54 8.66
CA VAL A 997 23.34 16.74 8.26
C VAL A 997 22.57 17.39 7.12
N VAL A 998 22.31 18.69 7.25
CA VAL A 998 21.41 19.41 6.37
C VAL A 998 22.19 20.50 5.69
N GLY A 999 22.21 20.49 4.36
CA GLY A 999 22.89 21.50 3.61
C GLY A 999 21.91 22.59 3.21
N ASP A 1000 22.21 23.82 3.61
CA ASP A 1000 21.36 24.94 3.25
C ASP A 1000 21.85 25.55 1.94
N VAL A 1001 20.92 26.19 1.22
CA VAL A 1001 21.24 26.78 -0.06
C VAL A 1001 22.26 27.90 0.08
N GLN A 1002 22.34 28.54 1.26
CA GLN A 1002 23.19 29.70 1.45
C GLN A 1002 23.99 29.69 2.75
N HIS A 1003 23.51 29.05 3.81
CA HIS A 1003 24.11 29.17 5.14
C HIS A 1003 24.83 27.91 5.58
N GLY A 1004 25.33 27.13 4.62
CA GLY A 1004 26.20 26.02 4.92
C GLY A 1004 25.50 24.88 5.65
N MET A 1005 26.28 24.22 6.50
CA MET A 1005 25.84 22.98 7.14
C MET A 1005 25.03 23.26 8.40
N THR A 1006 24.16 22.30 8.72
CA THR A 1006 23.39 22.30 9.95
C THR A 1006 23.28 20.87 10.44
N TYR A 1007 23.82 20.61 11.62
CA TYR A 1007 23.76 19.29 12.24
C TYR A 1007 22.52 19.19 13.12
N VAL A 1008 21.66 18.23 12.78
CA VAL A 1008 20.43 17.91 13.48
C VAL A 1008 20.55 16.52 14.09
N VAL A 1009 19.89 16.31 15.22
CA VAL A 1009 19.86 15.01 15.87
C VAL A 1009 18.41 14.61 16.09
N TYR A 1010 18.12 13.32 15.94
CA TYR A 1010 16.79 12.76 16.10
C TYR A 1010 16.68 12.11 17.48
N LYS A 1011 15.62 12.44 18.20
CA LYS A 1011 15.38 11.90 19.53
C LYS A 1011 14.23 10.90 19.46
N PRO A 1012 14.50 9.60 19.56
CA PRO A 1012 13.43 8.61 19.35
C PRO A 1012 12.31 8.69 20.38
N ASP A 1013 12.65 8.78 21.66
CA ASP A 1013 11.62 8.86 22.69
C ASP A 1013 10.74 10.09 22.51
N SER A 1014 11.31 11.19 22.03
CA SER A 1014 10.60 12.44 21.93
C SER A 1014 10.06 12.71 20.53
N ASN A 1015 10.45 11.93 19.53
CA ASN A 1015 10.07 12.15 18.13
C ASN A 1015 10.29 13.61 17.74
N LYS A 1016 11.45 14.12 18.11
CA LYS A 1016 11.83 15.50 17.85
C LYS A 1016 13.07 15.54 16.99
N LEU A 1017 13.09 16.47 16.04
CA LEU A 1017 14.27 16.78 15.25
C LEU A 1017 14.87 18.06 15.81
N ILE A 1018 16.01 17.95 16.48
CA ILE A 1018 16.66 19.07 17.15
C ILE A 1018 17.93 19.40 16.39
N PRO A 1019 18.11 20.64 15.91
CA PRO A 1019 19.40 21.04 15.35
C PRO A 1019 20.33 21.46 16.48
N PHE A 1020 21.57 20.96 16.45
CA PHE A 1020 22.53 21.29 17.48
C PHE A 1020 23.86 21.81 16.96
N ALA A 1021 24.06 21.92 15.66
CA ALA A 1021 25.26 22.59 15.19
C ALA A 1021 24.97 23.32 13.89
N ASP A 1022 25.74 24.37 13.61
CA ASP A 1022 25.57 25.11 12.38
C ASP A 1022 26.92 25.66 11.95
N ASP A 1023 26.97 26.15 10.71
CA ASP A 1023 28.22 26.55 10.12
C ASP A 1023 28.62 27.95 10.55
N THR A 1024 29.93 28.18 10.63
CA THR A 1024 30.45 29.48 11.01
C THR A 1024 30.11 30.53 9.95
N ILE A 1025 30.52 30.28 8.71
CA ILE A 1025 30.39 31.26 7.64
C ILE A 1025 29.38 30.76 6.62
N ALA A 1026 28.99 31.64 5.71
CA ALA A 1026 28.05 31.27 4.66
C ALA A 1026 28.71 30.35 3.65
N ARG A 1027 27.96 29.36 3.18
CA ARG A 1027 28.39 28.48 2.11
C ARG A 1027 27.19 28.17 1.23
N TRP A 1028 27.29 28.48 -0.06
CA TRP A 1028 26.22 28.19 -1.01
C TRP A 1028 26.35 26.74 -1.45
N THR A 1029 25.94 25.85 -0.55
CA THR A 1029 26.11 24.42 -0.73
C THR A 1029 25.57 23.95 -2.07
N THR A 1030 26.29 23.03 -2.69
CA THR A 1030 25.86 22.37 -3.90
C THR A 1030 25.86 20.86 -3.81
N CYS A 1031 26.63 20.28 -2.88
CA CYS A 1031 26.70 18.83 -2.74
C CYS A 1031 27.37 18.53 -1.40
N THR A 1032 26.98 17.40 -0.80
CA THR A 1032 27.53 17.00 0.49
C THR A 1032 27.68 15.50 0.54
N THR A 1033 28.53 15.05 1.45
CA THR A 1033 28.59 13.65 1.84
C THR A 1033 29.20 13.57 3.22
N MET A 1034 28.88 12.51 3.94
CA MET A 1034 29.41 12.28 5.27
C MET A 1034 30.57 11.30 5.16
N VAL A 1035 31.75 11.73 5.60
CA VAL A 1035 32.90 10.85 5.58
C VAL A 1035 32.94 9.97 6.83
N ASP A 1036 32.42 10.46 7.95
CA ASP A 1036 32.26 9.66 9.15
C ASP A 1036 31.07 10.21 9.92
N TYR A 1037 31.00 9.89 11.22
CA TYR A 1037 29.87 10.33 12.01
C TYR A 1037 29.94 11.82 12.33
N GLU A 1038 31.13 12.39 12.36
CA GLU A 1038 31.33 13.72 12.90
C GLU A 1038 31.55 14.80 11.86
N SER A 1039 31.96 14.45 10.65
CA SER A 1039 32.39 15.44 9.68
C SER A 1039 31.69 15.24 8.33
N VAL A 1040 31.55 16.35 7.60
CA VAL A 1040 30.87 16.40 6.31
C VAL A 1040 31.79 17.10 5.32
N ALA A 1041 31.89 16.52 4.12
CA ALA A 1041 32.64 17.11 3.02
C ALA A 1041 31.67 17.57 1.95
N GLY A 1042 31.88 18.77 1.42
CA GLY A 1042 30.99 19.27 0.40
C GLY A 1042 31.63 20.38 -0.40
N GLY A 1043 30.87 20.87 -1.39
CA GLY A 1043 31.31 21.98 -2.20
C GLY A 1043 30.23 23.05 -2.26
N ASP A 1044 30.64 24.24 -2.69
CA ASP A 1044 29.68 25.34 -2.80
C ASP A 1044 29.77 25.96 -4.19
N LYS A 1045 28.77 26.78 -4.52
CA LYS A 1045 28.63 27.27 -5.88
C LYS A 1045 29.73 28.24 -6.29
N PHE A 1046 30.52 28.75 -5.35
CA PHE A 1046 31.61 29.65 -5.68
C PHE A 1046 32.90 28.91 -5.99
N GLY A 1047 32.85 27.58 -6.12
CA GLY A 1047 34.01 26.82 -6.52
C GLY A 1047 34.88 26.35 -5.40
N ASN A 1048 34.31 25.99 -4.25
CA ASN A 1048 35.08 25.58 -3.09
C ASN A 1048 34.72 24.15 -2.70
N LEU A 1049 35.73 23.42 -2.25
CA LEU A 1049 35.57 22.15 -1.54
C LEU A 1049 35.98 22.38 -0.09
N TRP A 1050 35.28 21.74 0.83
CA TRP A 1050 35.52 21.96 2.25
C TRP A 1050 35.11 20.72 3.03
N ILE A 1051 35.59 20.65 4.26
CA ILE A 1051 35.24 19.60 5.21
C ILE A 1051 35.07 20.25 6.57
N VAL A 1052 33.88 20.12 7.16
CA VAL A 1052 33.59 20.65 8.48
C VAL A 1052 33.32 19.47 9.42
N ARG A 1053 33.41 19.74 10.71
CA ARG A 1053 33.34 18.68 11.72
C ARG A 1053 32.70 19.23 12.99
N CYS A 1054 32.02 18.36 13.71
CA CYS A 1054 31.40 18.75 14.97
C CYS A 1054 32.43 18.70 16.08
N PRO A 1055 32.50 19.73 16.92
CA PRO A 1055 33.45 19.69 18.03
C PRO A 1055 33.16 18.53 18.96
N GLU A 1056 34.20 18.06 19.65
CA GLU A 1056 34.03 16.90 20.51
C GLU A 1056 33.17 17.22 21.73
N ARG A 1057 33.15 18.47 22.18
CA ARG A 1057 32.31 18.82 23.32
C ARG A 1057 30.84 18.81 22.96
N ALA A 1058 30.49 19.34 21.79
CA ALA A 1058 29.10 19.36 21.35
C ALA A 1058 28.65 18.02 20.76
N SER A 1059 29.59 17.13 20.43
CA SER A 1059 29.20 15.85 19.86
C SER A 1059 28.51 14.94 20.87
N LEU A 1060 28.67 15.23 22.16
CA LEU A 1060 28.09 14.42 23.22
C LEU A 1060 26.76 14.96 23.72
N GLU A 1061 26.05 15.74 22.92
CA GLU A 1061 24.77 16.29 23.34
C GLU A 1061 23.61 15.33 23.14
N SER A 1062 23.86 14.12 22.62
CA SER A 1062 22.81 13.14 22.46
C SER A 1062 22.26 12.67 23.80
N ALA A 1081 22.15 26.26 16.05
CA ALA A 1081 22.44 27.53 16.71
C ALA A 1081 23.44 27.48 17.88
N PRO A 1082 23.40 26.47 18.77
CA PRO A 1082 24.15 26.58 20.02
C PRO A 1082 25.65 26.36 19.88
N ASN A 1083 26.06 25.48 18.97
CA ASN A 1083 27.47 25.16 18.80
C ASN A 1083 27.87 25.35 17.35
N ARG A 1084 29.11 25.80 17.16
CA ARG A 1084 29.64 26.08 15.84
C ARG A 1084 30.50 24.92 15.36
N LEU A 1085 30.32 24.56 14.09
CA LEU A 1085 31.13 23.53 13.49
C LEU A 1085 32.57 23.99 13.32
N ASP A 1086 33.50 23.06 13.38
CA ASP A 1086 34.91 23.34 13.12
C ASP A 1086 35.19 23.19 11.64
N LEU A 1087 36.10 24.00 11.14
CA LEU A 1087 36.57 23.88 9.75
C LEU A 1087 37.78 22.97 9.73
N MET A 1088 37.67 21.85 9.03
CA MET A 1088 38.75 20.89 8.96
C MET A 1088 39.54 20.97 7.67
N ALA A 1089 38.92 21.35 6.56
CA ALA A 1089 39.69 21.53 5.33
C ALA A 1089 38.95 22.46 4.40
N HIS A 1090 39.71 23.11 3.52
CA HIS A 1090 39.14 24.00 2.52
C HIS A 1090 40.13 24.15 1.37
N PHE A 1091 39.59 24.32 0.17
CA PHE A 1091 40.37 24.27 -1.05
C PHE A 1091 39.54 24.86 -2.17
N TYR A 1092 40.20 25.53 -3.11
CA TYR A 1092 39.53 26.19 -4.23
C TYR A 1092 39.88 25.50 -5.53
N PRO A 1093 39.09 24.52 -5.97
CA PRO A 1093 39.34 23.90 -7.28
C PRO A 1093 38.95 24.79 -8.45
N GLN A 1094 38.27 25.90 -8.19
CA GLN A 1094 37.84 26.88 -9.18
C GLN A 1094 36.62 26.37 -9.95
N ASP A 1095 36.60 25.09 -10.29
CA ASP A 1095 35.42 24.48 -10.89
C ASP A 1095 34.33 24.28 -9.84
N LEU A 1096 33.08 24.40 -10.27
CA LEU A 1096 31.97 24.34 -9.33
C LEU A 1096 31.62 22.88 -9.05
N PRO A 1097 31.72 22.42 -7.81
CA PRO A 1097 31.44 21.01 -7.52
C PRO A 1097 29.94 20.71 -7.59
N THR A 1098 29.58 19.69 -8.36
CA THR A 1098 28.21 19.29 -8.53
C THR A 1098 27.87 17.98 -7.83
N SER A 1099 28.86 17.19 -7.47
CA SER A 1099 28.65 15.95 -6.76
C SER A 1099 29.94 15.57 -6.06
N ILE A 1100 29.80 14.79 -4.99
CA ILE A 1100 30.93 14.36 -4.17
C ILE A 1100 30.53 13.08 -3.46
N CYS A 1101 31.49 12.19 -3.27
CA CYS A 1101 31.23 10.91 -2.63
C CYS A 1101 32.54 10.34 -2.11
N LYS A 1102 32.44 9.51 -1.09
CA LYS A 1102 33.57 8.75 -0.57
C LYS A 1102 33.52 7.34 -1.15
N THR A 1103 34.63 6.89 -1.72
CA THR A 1103 34.65 5.59 -2.39
C THR A 1103 36.08 5.08 -2.45
N ASN A 1104 36.22 3.90 -3.05
CA ASN A 1104 37.51 3.29 -3.34
C ASN A 1104 37.65 3.18 -4.85
N LEU A 1105 38.74 3.69 -5.40
CA LEU A 1105 38.96 3.65 -6.83
C LEU A 1105 39.89 2.54 -7.27
N VAL A 1106 40.65 1.95 -6.35
CA VAL A 1106 41.64 0.92 -6.69
C VAL A 1106 41.53 -0.21 -5.68
N VAL A 1107 41.79 -1.43 -6.16
CA VAL A 1107 41.81 -2.62 -5.30
C VAL A 1107 42.64 -2.39 -4.05
N GLY A 1108 43.69 -1.57 -4.15
CA GLY A 1108 44.47 -1.21 -2.98
C GLY A 1108 43.64 -0.71 -1.83
N GLY A 1109 42.51 -0.06 -2.14
CA GLY A 1109 41.51 0.18 -1.12
C GLY A 1109 41.69 1.43 -0.29
N GLN A 1110 42.53 2.37 -0.72
CA GLN A 1110 42.64 3.63 -0.01
C GLN A 1110 41.37 4.44 -0.22
N ASP A 1111 40.65 4.72 0.87
CA ASP A 1111 39.43 5.51 0.79
C ASP A 1111 39.75 6.91 0.29
N VAL A 1112 39.05 7.34 -0.76
CA VAL A 1112 39.28 8.64 -1.39
C VAL A 1112 37.95 9.36 -1.53
N LEU A 1113 38.04 10.66 -1.78
CA LEU A 1113 36.88 11.50 -2.07
C LEU A 1113 36.88 11.84 -3.55
N VAL A 1114 35.87 11.41 -4.27
CA VAL A 1114 35.73 11.71 -5.69
C VAL A 1114 34.66 12.77 -5.84
N TRP A 1115 34.94 13.77 -6.67
CA TRP A 1115 34.01 14.86 -6.87
C TRP A 1115 33.99 15.24 -8.34
N SER A 1116 32.95 15.96 -8.75
CA SER A 1116 32.82 16.36 -10.14
C SER A 1116 32.54 17.86 -10.20
N GLY A 1117 32.91 18.47 -11.31
CA GLY A 1117 32.74 19.90 -11.49
C GLY A 1117 31.94 20.22 -12.73
N ILE A 1118 31.22 21.34 -12.66
CA ILE A 1118 30.30 21.73 -13.73
C ILE A 1118 31.03 21.82 -15.06
N GLN A 1119 32.29 22.25 -15.05
CA GLN A 1119 33.03 22.45 -16.29
C GLN A 1119 33.64 21.17 -16.82
N GLY A 1120 33.47 20.05 -16.13
CA GLY A 1120 33.93 18.77 -16.62
C GLY A 1120 34.97 18.09 -15.75
N THR A 1121 35.49 18.76 -14.73
CA THR A 1121 36.51 18.16 -13.89
C THR A 1121 35.96 16.91 -13.21
N VAL A 1122 36.83 15.93 -13.03
CA VAL A 1122 36.57 14.78 -12.18
C VAL A 1122 37.78 14.64 -11.29
N GLY A 1123 37.66 15.01 -10.03
CA GLY A 1123 38.83 15.08 -9.18
C GLY A 1123 38.78 14.19 -7.96
N VAL A 1124 39.92 14.01 -7.31
CA VAL A 1124 40.05 13.16 -6.15
C VAL A 1124 40.80 13.92 -5.06
N LEU A 1125 40.38 13.69 -3.81
CA LEU A 1125 41.15 14.03 -2.64
C LEU A 1125 41.61 12.72 -2.00
N ILE A 1126 42.91 12.60 -1.79
CA ILE A 1126 43.54 11.36 -1.34
C ILE A 1126 44.18 11.62 0.02
N PRO A 1127 43.86 10.84 1.05
CA PRO A 1127 44.53 11.01 2.33
C PRO A 1127 45.93 10.42 2.31
N PHE A 1128 46.83 11.08 3.01
CA PHE A 1128 48.20 10.61 3.11
C PHE A 1128 48.27 9.41 4.04
N VAL A 1129 49.17 8.48 3.70
CA VAL A 1129 49.32 7.27 4.50
C VAL A 1129 50.11 7.55 5.76
N THR A 1130 51.23 8.25 5.63
CA THR A 1130 52.13 8.53 6.73
C THR A 1130 52.38 10.02 6.83
N ARG A 1131 52.83 10.46 8.00
CA ARG A 1131 53.24 11.85 8.16
C ARG A 1131 54.40 12.20 7.25
N GLU A 1132 55.26 11.22 6.95
CA GLU A 1132 56.41 11.48 6.08
C GLU A 1132 55.96 11.84 4.67
N ASP A 1133 54.96 11.15 4.15
CA ASP A 1133 54.45 11.48 2.82
C ASP A 1133 53.81 12.86 2.81
N ALA A 1134 53.03 13.17 3.84
CA ALA A 1134 52.45 14.51 3.93
C ALA A 1134 53.52 15.58 3.92
N ASP A 1135 54.60 15.36 4.68
CA ASP A 1135 55.69 16.32 4.73
C ASP A 1135 56.36 16.45 3.37
N PHE A 1136 56.63 15.32 2.72
CA PHE A 1136 57.32 15.35 1.43
C PHE A 1136 56.50 16.09 0.39
N PHE A 1137 55.19 15.87 0.36
CA PHE A 1137 54.39 16.56 -0.66
C PHE A 1137 54.10 18.00 -0.30
N GLN A 1138 54.08 18.34 0.99
CA GLN A 1138 53.98 19.74 1.36
C GLN A 1138 55.22 20.52 0.91
N ASN A 1139 56.40 19.99 1.22
CA ASN A 1139 57.63 20.69 0.86
C ASN A 1139 57.85 20.69 -0.65
N LEU A 1140 57.54 19.56 -1.30
CA LEU A 1140 57.58 19.54 -2.76
C LEU A 1140 56.65 20.61 -3.34
N GLU A 1141 55.46 20.76 -2.75
CA GLU A 1141 54.54 21.77 -3.24
C GLU A 1141 55.10 23.18 -3.06
N SER A 1142 55.78 23.43 -1.94
CA SER A 1142 56.40 24.74 -1.76
C SER A 1142 57.43 25.02 -2.85
N HIS A 1143 58.35 24.07 -3.07
CA HIS A 1143 59.39 24.31 -4.05
C HIS A 1143 58.83 24.42 -5.45
N MET A 1144 57.76 23.68 -5.76
CA MET A 1144 57.09 23.86 -7.04
C MET A 1144 56.39 25.21 -7.12
N ARG A 1145 55.94 25.75 -6.00
CA ARG A 1145 55.41 27.10 -5.98
C ARG A 1145 56.48 28.11 -6.34
N ALA A 1146 57.72 27.87 -5.93
CA ALA A 1146 58.78 28.83 -6.22
C ALA A 1146 59.30 28.68 -7.65
N GLU A 1147 59.56 27.46 -8.10
CA GLU A 1147 60.22 27.24 -9.37
C GLU A 1147 59.28 27.16 -10.56
N ASP A 1148 57.99 26.98 -10.35
CA ASP A 1148 57.00 26.92 -11.43
C ASP A 1148 55.78 27.72 -11.02
N PRO A 1149 55.90 29.03 -10.90
CA PRO A 1149 54.76 29.85 -10.52
C PRO A 1149 53.67 29.77 -11.56
N PRO A 1150 52.43 30.07 -11.19
CA PRO A 1150 51.34 30.07 -12.16
C PRO A 1150 51.64 30.96 -13.35
N LEU A 1151 51.25 30.49 -14.54
CA LEU A 1151 51.69 31.12 -15.77
C LEU A 1151 51.23 32.57 -15.87
N ALA A 1152 50.02 32.86 -15.41
CA ALA A 1152 49.44 34.18 -15.56
C ALA A 1152 49.75 35.11 -14.40
N GLY A 1153 50.72 34.78 -13.56
CA GLY A 1153 51.15 35.67 -12.51
C GLY A 1153 50.43 35.50 -11.18
N ARG A 1154 49.57 34.51 -11.06
CA ARG A 1154 48.90 34.26 -9.80
C ARG A 1154 49.89 33.77 -8.74
N ASP A 1155 49.53 33.96 -7.49
CA ASP A 1155 50.21 33.32 -6.37
C ASP A 1155 49.44 32.05 -6.04
N HIS A 1156 50.11 30.90 -6.15
CA HIS A 1156 49.42 29.63 -6.06
C HIS A 1156 48.71 29.46 -4.73
N LEU A 1157 49.35 29.88 -3.64
CA LEU A 1157 48.72 29.75 -2.33
C LEU A 1157 47.52 30.68 -2.21
N ILE A 1158 47.59 31.87 -2.80
CA ILE A 1158 46.45 32.78 -2.76
C ILE A 1158 45.34 32.27 -3.67
N TYR A 1159 45.72 31.72 -4.83
CA TYR A 1159 44.72 31.19 -5.75
C TYR A 1159 43.95 30.06 -5.11
N ARG A 1160 44.64 29.04 -4.60
CA ARG A 1160 43.94 27.93 -3.94
C ARG A 1160 43.24 28.34 -2.66
N GLY A 1161 43.44 29.57 -2.19
CA GLY A 1161 42.75 30.10 -1.04
C GLY A 1161 42.01 31.37 -1.42
N TYR A 1162 41.25 31.29 -2.50
CA TYR A 1162 40.59 32.45 -3.08
C TYR A 1162 39.70 33.14 -2.07
N TYR A 1163 38.75 32.41 -1.51
CA TYR A 1163 37.78 32.97 -0.57
C TYR A 1163 38.19 32.78 0.88
N VAL A 1164 38.55 31.57 1.27
CA VAL A 1164 39.10 31.37 2.60
C VAL A 1164 40.42 30.61 2.48
N PRO A 1165 41.37 30.82 3.38
CA PRO A 1165 42.72 30.27 3.19
C PRO A 1165 42.72 28.75 3.07
N VAL A 1166 43.78 28.24 2.45
CA VAL A 1166 43.93 26.81 2.28
C VAL A 1166 44.10 26.15 3.64
N LYS A 1167 43.47 25.00 3.83
CA LYS A 1167 43.60 24.22 5.05
C LYS A 1167 43.57 22.75 4.69
N GLY A 1168 44.67 22.05 4.94
CA GLY A 1168 44.70 20.61 4.90
C GLY A 1168 44.96 19.98 3.55
N VAL A 1169 44.96 20.73 2.45
CA VAL A 1169 45.03 20.15 1.12
C VAL A 1169 46.33 20.57 0.45
N ILE A 1170 47.02 19.61 -0.17
CA ILE A 1170 48.17 19.85 -1.02
C ILE A 1170 47.70 19.70 -2.46
N ASP A 1171 48.12 20.62 -3.33
CA ASP A 1171 47.71 20.61 -4.73
C ASP A 1171 48.64 19.68 -5.49
N GLY A 1172 48.18 18.45 -5.75
CA GLY A 1172 48.96 17.49 -6.50
C GLY A 1172 49.05 17.79 -7.97
N ASP A 1173 48.15 18.62 -8.49
CA ASP A 1173 48.25 19.05 -9.87
C ASP A 1173 49.51 19.87 -10.10
N LEU A 1174 49.91 20.65 -9.09
CA LEU A 1174 51.17 21.37 -9.18
C LEU A 1174 52.35 20.43 -9.02
N CYS A 1175 52.32 19.58 -7.99
CA CYS A 1175 53.40 18.63 -7.76
C CYS A 1175 53.69 17.81 -9.02
N GLU A 1176 52.66 17.36 -9.71
CA GLU A 1176 52.88 16.55 -10.89
C GLU A 1176 53.48 17.34 -12.05
N ARG A 1177 53.61 18.66 -11.94
CA ARG A 1177 54.35 19.43 -12.93
C ARG A 1177 55.85 19.37 -12.71
N PHE A 1178 56.30 18.68 -11.65
CA PHE A 1178 57.73 18.51 -11.41
C PHE A 1178 58.43 17.90 -12.60
N THR A 1179 57.78 16.94 -13.27
CA THR A 1179 58.39 16.26 -14.41
C THR A 1179 58.67 17.20 -15.58
N LEU A 1180 57.99 18.34 -15.65
CA LEU A 1180 58.12 19.25 -16.76
C LEU A 1180 59.30 20.20 -16.65
N LEU A 1181 59.94 20.26 -15.49
CA LEU A 1181 60.98 21.24 -15.24
C LEU A 1181 62.25 20.90 -16.03
N PRO A 1182 63.10 21.90 -16.25
CA PRO A 1182 64.47 21.60 -16.69
C PRO A 1182 65.22 20.84 -15.61
N ASN A 1183 66.26 20.13 -16.04
CA ASN A 1183 66.95 19.22 -15.13
C ASN A 1183 67.65 19.96 -13.99
N ASP A 1184 68.09 21.19 -14.23
CA ASP A 1184 68.73 21.94 -13.16
C ASP A 1184 67.76 22.22 -12.02
N LYS A 1185 66.51 22.58 -12.36
CA LYS A 1185 65.50 22.79 -11.33
C LYS A 1185 65.21 21.49 -10.58
N LYS A 1186 65.03 20.39 -11.33
CA LYS A 1186 64.79 19.09 -10.71
C LYS A 1186 65.90 18.75 -9.72
N GLN A 1187 67.16 18.98 -10.10
CA GLN A 1187 68.27 18.68 -9.22
C GLN A 1187 68.28 19.59 -8.00
N MET A 1188 67.91 20.86 -8.18
CA MET A 1188 67.85 21.77 -7.05
C MET A 1188 66.82 21.32 -6.04
N ILE A 1189 65.60 21.05 -6.51
CA ILE A 1189 64.54 20.59 -5.62
C ILE A 1189 64.92 19.27 -4.95
N ALA A 1190 65.54 18.37 -5.72
CA ALA A 1190 66.07 17.15 -5.12
C ALA A 1190 67.08 17.45 -4.04
N GLY A 1191 67.82 18.55 -4.17
CA GLY A 1191 68.75 18.93 -3.12
C GLY A 1191 68.04 19.39 -1.87
N GLU A 1192 67.05 20.28 -2.03
CA GLU A 1192 66.36 20.79 -0.85
C GLU A 1192 65.55 19.71 -0.14
N LEU A 1193 65.00 18.75 -0.90
CA LEU A 1193 64.15 17.73 -0.31
C LEU A 1193 64.91 16.50 0.16
N ASP A 1194 66.20 16.39 -0.16
CA ASP A 1194 67.04 15.27 0.27
C ASP A 1194 66.53 13.94 -0.25
N ARG A 1195 66.16 13.92 -1.52
CA ARG A 1195 65.76 12.69 -2.20
C ARG A 1195 66.20 12.79 -3.65
N SER A 1196 66.43 11.64 -4.28
CA SER A 1196 66.88 11.65 -5.65
C SER A 1196 65.74 12.04 -6.58
N VAL A 1197 66.10 12.52 -7.77
CA VAL A 1197 65.10 12.92 -8.76
C VAL A 1197 64.19 11.74 -9.10
N ARG A 1198 64.80 10.58 -9.38
CA ARG A 1198 64.01 9.39 -9.66
C ARG A 1198 63.12 9.01 -8.49
N GLU A 1199 63.57 9.28 -7.25
CA GLU A 1199 62.74 9.01 -6.08
C GLU A 1199 61.53 9.94 -6.03
N ILE A 1200 61.73 11.23 -6.28
CA ILE A 1200 60.61 12.17 -6.31
C ILE A 1200 59.60 11.73 -7.36
N GLU A 1201 60.09 11.41 -8.56
CA GLU A 1201 59.22 10.88 -9.60
C GLU A 1201 58.43 9.68 -9.12
N ARG A 1202 59.11 8.74 -8.47
CA ARG A 1202 58.43 7.51 -8.06
C ARG A 1202 57.37 7.77 -7.02
N LYS A 1203 57.62 8.67 -6.07
CA LYS A 1203 56.61 8.96 -5.07
C LYS A 1203 55.42 9.68 -5.68
N ILE A 1204 55.68 10.59 -6.63
CA ILE A 1204 54.59 11.29 -7.30
C ILE A 1204 53.69 10.31 -8.04
N SER A 1205 54.29 9.42 -8.83
CA SER A 1205 53.48 8.41 -9.54
C SER A 1205 52.79 7.49 -8.56
N ASP A 1206 53.47 7.14 -7.47
CA ASP A 1206 52.98 6.13 -6.54
C ASP A 1206 51.72 6.61 -5.83
N ILE A 1207 51.73 7.84 -5.30
CA ILE A 1207 50.57 8.33 -4.56
C ILE A 1207 49.34 8.35 -5.45
N ARG A 1208 49.51 8.53 -6.75
CA ARG A 1208 48.35 8.56 -7.63
C ARG A 1208 47.87 7.16 -7.95
N THR A 1209 48.76 6.30 -8.44
CA THR A 1209 48.31 4.98 -8.88
C THR A 1209 47.85 4.09 -7.73
N ARG A 1210 48.32 4.34 -6.50
CA ARG A 1210 47.97 3.43 -5.41
C ARG A 1210 46.57 3.66 -4.89
N SER A 1211 46.14 4.92 -4.80
CA SER A 1211 44.86 5.25 -4.18
C SER A 1211 43.78 5.62 -5.19
N ALA A 1212 44.15 5.97 -6.41
CA ALA A 1212 43.19 6.28 -7.44
C ALA A 1212 43.85 5.99 -8.79
N PHE A 1213 43.38 6.66 -9.83
CA PHE A 1213 44.03 6.54 -11.13
C PHE A 1213 43.91 7.84 -11.90
N THR B 27 20.76 48.82 5.76
CA THR B 27 21.53 50.06 5.87
C THR B 27 21.17 50.99 4.72
N SER B 28 22.08 51.90 4.36
CA SER B 28 21.80 52.86 3.31
C SER B 28 21.48 52.15 2.00
N TRP B 29 20.62 52.78 1.21
CA TRP B 29 20.31 52.28 -0.12
C TRP B 29 21.58 52.10 -0.94
N GLU B 30 22.56 52.97 -0.74
CA GLU B 30 23.83 52.85 -1.43
C GLU B 30 24.50 51.53 -1.12
N TRP B 31 24.56 51.17 0.17
CA TRP B 31 25.23 49.93 0.57
C TRP B 31 24.64 48.72 -0.13
N LYS B 32 23.33 48.54 0.00
CA LYS B 32 22.66 47.42 -0.68
C LYS B 32 22.94 47.45 -2.17
N THR B 33 22.88 48.64 -2.78
CA THR B 33 23.11 48.74 -4.23
C THR B 33 24.50 48.25 -4.60
N ASN B 34 25.51 48.65 -3.83
CA ASN B 34 26.86 48.17 -4.09
C ASN B 34 26.97 46.66 -3.91
N ILE B 35 26.38 46.11 -2.85
CA ILE B 35 26.46 44.68 -2.64
C ILE B 35 25.90 43.93 -3.84
N HIS B 36 24.74 44.38 -4.34
CA HIS B 36 24.15 43.71 -5.49
C HIS B 36 25.02 43.85 -6.73
N ARG B 37 25.54 45.05 -7.00
CA ARG B 37 26.36 45.24 -8.18
C ARG B 37 27.62 44.37 -8.12
N ASP B 38 28.23 44.26 -6.94
CA ASP B 38 29.36 43.36 -6.79
C ASP B 38 28.96 41.92 -7.08
N THR B 39 27.78 41.51 -6.62
CA THR B 39 27.35 40.13 -6.84
C THR B 39 27.15 39.85 -8.32
N TYR B 40 26.48 40.76 -9.04
CA TYR B 40 26.30 40.56 -10.48
C TYR B 40 27.63 40.53 -11.21
N SER B 41 28.54 41.45 -10.85
CA SER B 41 29.86 41.45 -11.44
C SER B 41 30.56 40.11 -11.23
N SER B 42 30.44 39.53 -10.04
CA SER B 42 31.08 38.25 -9.78
C SER B 42 30.44 37.14 -10.59
N ILE B 43 29.11 37.16 -10.74
CA ILE B 43 28.45 36.15 -11.56
C ILE B 43 28.98 36.20 -12.98
N VAL B 44 29.11 37.40 -13.54
CA VAL B 44 29.63 37.50 -14.90
C VAL B 44 31.11 37.13 -14.95
N GLY B 45 31.83 37.30 -13.84
CA GLY B 45 33.27 37.08 -13.86
C GLY B 45 33.71 35.64 -13.76
N HIS B 46 32.96 34.81 -13.05
CA HIS B 46 33.36 33.42 -12.85
C HIS B 46 32.62 32.52 -13.82
N PRO B 47 33.28 31.96 -14.83
CA PRO B 47 32.59 31.16 -15.84
C PRO B 47 31.81 29.99 -15.25
N PRO B 48 32.33 29.29 -14.23
CA PRO B 48 31.55 28.14 -13.73
C PRO B 48 30.20 28.53 -13.15
N LEU B 49 30.16 29.54 -12.29
CA LEU B 49 28.90 29.99 -11.71
C LEU B 49 27.94 30.45 -12.81
N LEU B 50 28.44 31.25 -13.74
CA LEU B 50 27.61 31.75 -14.83
C LEU B 50 27.01 30.60 -15.64
N SER B 51 27.81 29.60 -15.96
CA SER B 51 27.29 28.43 -16.66
C SER B 51 26.26 27.70 -15.83
N TYR B 52 26.49 27.62 -14.51
CA TYR B 52 25.54 26.95 -13.62
C TYR B 52 24.18 27.63 -13.67
N MET B 53 24.14 28.94 -13.45
CA MET B 53 22.88 29.65 -13.43
C MET B 53 22.21 29.65 -14.80
N ALA B 54 22.98 29.92 -15.85
CA ALA B 54 22.40 29.94 -17.19
C ALA B 54 21.84 28.58 -17.56
N LEU B 55 22.53 27.50 -17.17
CA LEU B 55 22.02 26.16 -17.42
C LEU B 55 20.74 25.90 -16.65
N ALA B 56 20.68 26.36 -15.39
CA ALA B 56 19.45 26.19 -14.62
C ALA B 56 18.29 26.89 -15.30
N GLN B 57 18.51 28.09 -15.83
CA GLN B 57 17.45 28.78 -16.55
C GLN B 57 17.29 28.28 -17.98
N ASN B 58 18.16 27.38 -18.44
CA ASN B 58 18.17 26.90 -19.82
C ASN B 58 18.20 28.05 -20.82
N GLU B 59 19.05 29.03 -20.54
CA GLU B 59 19.25 30.13 -21.48
C GLU B 59 20.69 30.14 -21.95
N PRO B 60 20.96 30.69 -23.13
CA PRO B 60 22.34 30.81 -23.59
C PRO B 60 23.16 31.64 -22.62
N VAL B 61 24.43 31.27 -22.47
CA VAL B 61 25.29 31.89 -21.46
C VAL B 61 25.47 33.37 -21.75
N ALA B 62 25.58 33.73 -23.03
CA ALA B 62 25.74 35.14 -23.37
C ALA B 62 24.52 35.95 -22.97
N LYS B 63 23.32 35.39 -23.20
CA LYS B 63 22.10 36.11 -22.86
C LYS B 63 21.99 36.31 -21.35
N PHE B 64 22.28 35.28 -20.57
CA PHE B 64 22.28 35.43 -19.12
C PHE B 64 23.30 36.45 -18.67
N ARG B 65 24.48 36.45 -19.30
CA ARG B 65 25.49 37.46 -19.00
C ARG B 65 24.94 38.86 -19.23
N VAL B 66 24.20 39.06 -20.32
CA VAL B 66 23.64 40.37 -20.61
C VAL B 66 22.58 40.73 -19.59
N GLN B 67 21.75 39.76 -19.18
CA GLN B 67 20.77 40.04 -18.14
C GLN B 67 21.45 40.51 -16.86
N MET B 68 22.49 39.78 -16.43
CA MET B 68 23.17 40.14 -15.20
C MET B 68 23.81 41.52 -15.30
N ILE B 69 24.45 41.82 -16.42
CA ILE B 69 25.07 43.14 -16.56
C ILE B 69 24.00 44.23 -16.59
N ARG B 70 22.86 43.96 -17.22
CA ARG B 70 21.77 44.93 -17.25
C ARG B 70 21.21 45.20 -15.86
N LYS B 71 21.16 44.17 -15.01
CA LYS B 71 20.62 44.36 -13.67
C LYS B 71 21.40 45.37 -12.86
N MET B 72 22.63 45.70 -13.25
CA MET B 72 23.45 46.60 -12.46
C MET B 72 22.92 48.02 -12.41
N LEU B 73 21.99 48.36 -13.29
CA LEU B 73 21.50 49.74 -13.34
C LEU B 73 20.81 50.13 -12.04
N GLN B 74 19.80 49.37 -11.63
CA GLN B 74 19.10 49.62 -10.37
C GLN B 74 18.61 48.30 -9.82
N PRO B 75 19.48 47.57 -9.11
CA PRO B 75 19.07 46.24 -8.61
C PRO B 75 17.96 46.31 -7.60
N VAL B 76 17.98 47.33 -6.75
CA VAL B 76 16.97 47.47 -5.70
C VAL B 76 16.09 48.64 -6.09
N GLY B 77 15.33 49.17 -5.16
CA GLY B 77 14.46 50.28 -5.44
C GLY B 77 15.22 51.56 -5.70
N PRO B 78 14.51 52.58 -6.19
CA PRO B 78 15.14 53.87 -6.44
C PRO B 78 15.61 54.48 -5.13
N PRO B 79 16.55 55.42 -5.18
CA PRO B 79 17.12 55.96 -3.94
C PRO B 79 16.10 56.76 -3.15
N PRO B 80 16.34 57.01 -1.87
CA PRO B 80 15.45 57.87 -1.10
C PRO B 80 15.64 59.32 -1.48
N PRO B 81 14.65 60.17 -1.21
CA PRO B 81 14.77 61.59 -1.52
C PRO B 81 15.27 62.42 -0.34
N ASN C 7 -20.14 -17.91 46.63
CA ASN C 7 -20.58 -16.57 46.24
C ASN C 7 -21.20 -16.55 44.84
N MET C 8 -22.53 -16.63 44.78
CA MET C 8 -23.22 -16.43 43.53
C MET C 8 -23.11 -14.98 43.09
N PHE C 9 -23.01 -14.75 41.79
CA PHE C 9 -22.85 -13.38 41.33
C PHE C 9 -23.43 -13.08 39.95
N LEU C 10 -24.26 -13.94 39.37
CA LEU C 10 -24.84 -13.67 38.06
C LEU C 10 -26.28 -14.14 38.01
N TYR C 11 -27.08 -13.45 37.21
CA TYR C 11 -28.52 -13.65 37.11
C TYR C 11 -28.86 -13.80 35.63
N SER C 12 -29.33 -14.97 35.23
CA SER C 12 -29.58 -15.26 33.82
C SER C 12 -31.03 -14.97 33.48
N LEU C 13 -31.25 -14.27 32.37
CA LEU C 13 -32.59 -13.96 31.90
C LEU C 13 -32.65 -14.18 30.41
N THR C 14 -33.87 -14.25 29.89
CA THR C 14 -34.12 -14.45 28.47
C THR C 14 -34.87 -13.25 27.92
N ILE C 15 -34.21 -12.49 27.05
CA ILE C 15 -34.85 -11.38 26.35
C ILE C 15 -35.79 -11.90 25.28
N GLN C 16 -35.30 -12.82 24.46
CA GLN C 16 -36.08 -13.40 23.36
C GLN C 16 -36.01 -14.90 23.49
N PRO C 17 -37.14 -15.59 23.61
CA PRO C 17 -37.12 -17.05 23.71
C PRO C 17 -36.76 -17.68 22.38
N PRO C 18 -36.36 -18.95 22.38
CA PRO C 18 -36.10 -19.63 21.11
C PRO C 18 -37.33 -19.58 20.20
N THR C 19 -37.10 -19.37 18.92
CA THR C 19 -38.18 -19.30 17.95
C THR C 19 -38.15 -20.46 16.96
N THR C 20 -37.30 -21.45 17.19
CA THR C 20 -37.35 -22.65 16.37
C THR C 20 -38.53 -23.51 16.76
N ILE C 21 -38.91 -24.40 15.85
CA ILE C 21 -39.97 -25.37 16.13
C ILE C 21 -39.51 -26.70 15.57
N THR C 22 -39.03 -27.59 16.45
CA THR C 22 -38.54 -28.88 15.99
C THR C 22 -39.66 -29.91 15.85
N GLN C 23 -40.80 -29.67 16.48
CA GLN C 23 -41.99 -30.48 16.26
C GLN C 23 -43.23 -29.65 16.51
N ALA C 24 -44.23 -29.84 15.66
CA ALA C 24 -45.55 -29.23 15.81
C ALA C 24 -46.61 -30.31 15.65
N LEU C 25 -47.64 -30.25 16.49
CA LEU C 25 -48.65 -31.29 16.55
C LEU C 25 -50.02 -30.68 16.71
N LEU C 26 -50.99 -31.19 15.96
CA LEU C 26 -52.37 -30.72 16.03
C LEU C 26 -53.17 -31.54 17.03
N GLY C 27 -54.03 -30.86 17.78
CA GLY C 27 -54.89 -31.60 18.68
C GLY C 27 -55.96 -30.71 19.27
N GLN C 28 -57.02 -31.35 19.76
CA GLN C 28 -58.06 -30.65 20.50
C GLN C 28 -57.65 -30.55 21.97
N PHE C 29 -56.57 -29.79 22.18
CA PHE C 29 -55.99 -29.64 23.50
C PHE C 29 -56.82 -28.78 24.43
N SER C 30 -57.77 -28.02 23.92
CA SER C 30 -58.66 -27.25 24.77
C SER C 30 -59.89 -28.02 25.21
N GLY C 31 -60.17 -29.17 24.59
CA GLY C 31 -61.38 -29.90 24.88
C GLY C 31 -62.59 -29.39 24.13
N THR C 32 -62.43 -28.48 23.20
CA THR C 32 -63.51 -27.96 22.39
C THR C 32 -63.41 -28.57 21.00
N LYS C 33 -64.28 -28.13 20.09
CA LYS C 33 -64.29 -28.67 18.74
C LYS C 33 -63.17 -28.13 17.88
N GLU C 34 -62.58 -27.01 18.27
CA GLU C 34 -61.54 -26.36 17.48
C GLU C 34 -60.17 -26.98 17.78
N GLN C 35 -59.23 -26.76 16.85
CA GLN C 35 -57.91 -27.34 16.93
C GLN C 35 -56.89 -26.33 17.43
N GLN C 36 -55.90 -26.83 18.15
CA GLN C 36 -54.73 -26.06 18.55
C GLN C 36 -53.47 -26.74 18.05
N ILE C 37 -52.38 -25.99 18.04
CA ILE C 37 -51.07 -26.48 17.65
C ILE C 37 -50.17 -26.43 18.88
N ILE C 38 -49.51 -27.54 19.19
CA ILE C 38 -48.54 -27.62 20.28
C ILE C 38 -47.16 -27.75 19.65
N THR C 39 -46.23 -26.92 20.11
CA THR C 39 -44.93 -26.80 19.46
C THR C 39 -43.82 -26.92 20.50
N ALA C 40 -42.69 -27.49 20.06
CA ALA C 40 -41.49 -27.61 20.86
C ALA C 40 -40.43 -26.65 20.34
N SER C 41 -39.94 -25.77 21.21
CA SER C 41 -38.93 -24.76 20.86
C SER C 41 -37.79 -24.88 21.86
N GLY C 42 -36.87 -25.79 21.59
CA GLY C 42 -35.83 -26.05 22.55
C GLY C 42 -36.42 -26.59 23.83
N SER C 43 -36.55 -25.73 24.83
CA SER C 43 -37.15 -26.10 26.10
C SER C 43 -38.52 -25.50 26.32
N ARG C 44 -39.05 -24.73 25.38
CA ARG C 44 -40.34 -24.08 25.53
C ARG C 44 -41.42 -24.92 24.86
N LEU C 45 -42.41 -25.32 25.64
CA LEU C 45 -43.63 -25.91 25.12
C LEU C 45 -44.64 -24.79 24.90
N THR C 46 -45.19 -24.70 23.69
CA THR C 46 -46.06 -23.58 23.36
C THR C 46 -47.35 -24.08 22.76
N LEU C 47 -48.45 -23.41 23.11
CA LEU C 47 -49.78 -23.72 22.62
C LEU C 47 -50.31 -22.53 21.85
N LEU C 48 -50.65 -22.76 20.57
CA LEU C 48 -51.02 -21.75 19.60
C LEU C 48 -52.43 -21.99 19.08
N GLN C 49 -53.19 -20.91 18.95
CA GLN C 49 -54.56 -20.93 18.44
C GLN C 49 -54.59 -20.33 17.04
N PRO C 50 -54.80 -21.12 16.00
CA PRO C 50 -54.96 -20.53 14.67
C PRO C 50 -56.30 -19.84 14.52
N ASP C 51 -56.26 -18.66 13.90
CA ASP C 51 -57.44 -17.82 13.67
C ASP C 51 -57.83 -17.93 12.20
N PRO C 52 -58.79 -18.79 11.82
CA PRO C 52 -59.16 -18.90 10.41
C PRO C 52 -59.82 -17.66 9.85
N ARG C 53 -60.25 -16.73 10.69
CA ARG C 53 -60.93 -15.54 10.20
C ARG C 53 -59.94 -14.53 9.66
N GLN C 54 -58.84 -14.28 10.38
CA GLN C 54 -57.82 -13.33 9.95
C GLN C 54 -56.62 -13.99 9.29
N GLY C 55 -56.62 -15.31 9.17
CA GLY C 55 -55.52 -16.02 8.57
C GLY C 55 -54.21 -15.82 9.30
N LYS C 56 -54.24 -15.98 10.63
CA LYS C 56 -53.06 -15.76 11.46
C LYS C 56 -53.01 -16.82 12.55
N VAL C 57 -52.00 -16.72 13.41
CA VAL C 57 -51.78 -17.67 14.50
C VAL C 57 -51.42 -16.89 15.75
N ASN C 58 -52.10 -17.17 16.85
CA ASN C 58 -51.87 -16.49 18.11
C ASN C 58 -51.40 -17.48 19.16
N THR C 59 -50.53 -17.02 20.06
CA THR C 59 -49.98 -17.87 21.09
C THR C 59 -50.92 -17.88 22.28
N ILE C 60 -51.42 -19.07 22.63
CA ILE C 60 -52.25 -19.19 23.82
C ILE C 60 -51.39 -19.17 25.08
N VAL C 61 -50.39 -20.04 25.17
CA VAL C 61 -49.61 -20.12 26.39
C VAL C 61 -48.23 -20.66 26.07
N SER C 62 -47.25 -20.31 26.90
CA SER C 62 -45.90 -20.84 26.78
C SER C 62 -45.40 -21.24 28.15
N HIS C 63 -44.61 -22.31 28.18
CA HIS C 63 -44.14 -22.90 29.42
C HIS C 63 -42.73 -23.40 29.20
N ASP C 64 -41.81 -23.04 30.09
CA ASP C 64 -40.44 -23.53 30.03
C ASP C 64 -40.36 -24.80 30.87
N ILE C 65 -40.14 -25.94 30.21
CA ILE C 65 -40.12 -27.22 30.93
C ILE C 65 -38.76 -27.51 31.55
N PHE C 66 -37.78 -26.63 31.35
CA PHE C 66 -36.44 -26.82 31.88
C PHE C 66 -35.92 -28.22 31.57
N GLY C 67 -35.94 -28.54 30.28
CA GLY C 67 -35.52 -29.82 29.79
C GLY C 67 -35.46 -29.75 28.28
N ILE C 68 -35.04 -30.85 27.67
CA ILE C 68 -34.90 -30.92 26.22
C ILE C 68 -36.11 -31.66 25.68
N ILE C 69 -37.03 -30.95 25.03
CA ILE C 69 -38.15 -31.62 24.38
C ILE C 69 -37.59 -32.36 23.17
N ARG C 70 -37.63 -33.68 23.21
CA ARG C 70 -37.14 -34.50 22.12
C ARG C 70 -38.25 -35.04 21.24
N ALA C 71 -39.38 -35.44 21.82
CA ALA C 71 -40.49 -35.91 21.03
C ALA C 71 -41.79 -35.66 21.78
N MET C 72 -42.86 -35.42 21.02
CA MET C 72 -44.18 -35.21 21.59
C MET C 72 -45.19 -36.10 20.89
N ALA C 73 -46.17 -36.59 21.64
CA ALA C 73 -47.24 -37.39 21.06
C ALA C 73 -48.56 -36.97 21.67
N ALA C 74 -49.61 -36.92 20.86
CA ALA C 74 -50.92 -36.50 21.32
C ALA C 74 -51.85 -37.70 21.38
N PHE C 75 -52.64 -37.79 22.45
CA PHE C 75 -53.59 -38.88 22.50
C PHE C 75 -54.84 -38.45 23.24
N ARG C 76 -55.95 -39.08 22.94
CA ARG C 76 -57.17 -38.85 23.68
C ARG C 76 -57.77 -40.18 24.09
N LEU C 77 -58.40 -40.18 25.25
CA LEU C 77 -59.06 -41.39 25.72
C LEU C 77 -60.31 -41.65 24.90
N ALA C 78 -60.70 -42.93 24.86
CA ALA C 78 -61.85 -43.34 24.07
C ALA C 78 -63.08 -42.52 24.41
N GLY C 79 -63.76 -42.04 23.38
CA GLY C 79 -64.94 -41.23 23.57
C GLY C 79 -64.71 -39.85 24.13
N SER C 80 -63.48 -39.49 24.44
CA SER C 80 -63.20 -38.15 24.94
C SER C 80 -62.98 -37.19 23.77
N HIS C 81 -63.01 -35.90 24.10
CA HIS C 81 -62.85 -34.84 23.12
C HIS C 81 -61.63 -33.98 23.41
N LYS C 82 -60.81 -34.36 24.39
CA LYS C 82 -59.65 -33.58 24.80
C LYS C 82 -58.40 -34.42 24.63
N ASP C 83 -57.37 -33.83 24.04
CA ASP C 83 -56.09 -34.49 23.81
C ASP C 83 -55.11 -34.13 24.92
N TYR C 84 -54.48 -35.15 25.50
CA TYR C 84 -53.32 -34.99 26.36
C TYR C 84 -52.04 -35.06 25.53
N ILE C 85 -50.94 -34.62 26.14
CA ILE C 85 -49.64 -34.51 25.49
C ILE C 85 -48.62 -35.35 26.26
N ILE C 86 -47.94 -36.25 25.55
CA ILE C 86 -46.85 -37.05 26.10
C ILE C 86 -45.53 -36.42 25.67
N LEU C 87 -44.67 -36.15 26.64
CA LEU C 87 -43.37 -35.50 26.44
C LEU C 87 -42.27 -36.52 26.67
N ALA C 88 -41.52 -36.84 25.61
CA ALA C 88 -40.26 -37.56 25.72
C ALA C 88 -39.13 -36.54 25.71
N THR C 89 -38.34 -36.52 26.79
CA THR C 89 -37.31 -35.52 26.96
C THR C 89 -36.00 -36.12 27.45
N ASP C 90 -35.22 -35.33 28.18
CA ASP C 90 -33.93 -35.75 28.74
C ASP C 90 -34.01 -36.05 30.23
N SER C 91 -35.20 -36.15 30.79
CA SER C 91 -35.34 -36.40 32.22
C SER C 91 -35.23 -37.86 32.58
N GLY C 92 -35.18 -38.75 31.60
CA GLY C 92 -35.30 -40.16 31.89
C GLY C 92 -36.64 -40.55 32.40
N ARG C 93 -37.64 -39.69 32.27
CA ARG C 93 -38.97 -39.91 32.78
C ARG C 93 -39.97 -39.62 31.68
N ILE C 94 -41.05 -40.36 31.67
CA ILE C 94 -42.18 -40.08 30.79
C ILE C 94 -43.14 -39.19 31.54
N ALA C 95 -43.72 -38.23 30.82
CA ALA C 95 -44.55 -37.21 31.41
C ALA C 95 -45.75 -36.96 30.52
N ILE C 96 -46.94 -36.98 31.11
CA ILE C 96 -48.19 -36.72 30.40
C ILE C 96 -48.84 -35.49 31.02
N ILE C 97 -49.13 -34.50 30.19
CA ILE C 97 -49.62 -33.21 30.64
C ILE C 97 -50.89 -32.87 29.90
N GLU C 98 -51.66 -31.97 30.50
CA GLU C 98 -52.98 -31.57 30.04
C GLU C 98 -53.06 -30.05 30.07
N TYR C 99 -53.67 -29.46 29.05
CA TYR C 99 -53.88 -28.03 29.04
C TYR C 99 -55.17 -27.68 29.77
N LEU C 100 -55.10 -26.70 30.66
CA LEU C 100 -56.26 -26.28 31.45
C LEU C 100 -56.74 -24.93 30.94
N PRO C 101 -57.76 -24.89 30.07
CA PRO C 101 -58.18 -23.61 29.49
C PRO C 101 -58.69 -22.61 30.51
N LYS C 102 -59.31 -23.09 31.59
CA LYS C 102 -59.83 -22.16 32.59
C LYS C 102 -58.70 -21.45 33.33
N GLU C 103 -57.58 -22.14 33.55
CA GLU C 103 -56.46 -21.57 34.28
C GLU C 103 -55.34 -21.06 33.38
N ASN C 104 -55.38 -21.36 32.08
CA ASN C 104 -54.38 -20.92 31.12
C ASN C 104 -52.98 -21.38 31.52
N ARG C 105 -52.84 -22.69 31.64
CA ARG C 105 -51.59 -23.27 32.08
C ARG C 105 -51.57 -24.75 31.75
N PHE C 106 -50.36 -25.29 31.64
CA PHE C 106 -50.19 -26.74 31.56
C PHE C 106 -50.13 -27.30 32.97
N GLN C 107 -50.78 -28.43 33.18
CA GLN C 107 -50.61 -29.21 34.38
C GLN C 107 -50.18 -30.60 34.00
N ARG C 108 -49.11 -31.08 34.62
CA ARG C 108 -48.70 -32.46 34.45
C ARG C 108 -49.66 -33.36 35.21
N ILE C 109 -50.27 -34.30 34.52
CA ILE C 109 -51.15 -35.25 35.19
C ILE C 109 -50.43 -36.54 35.53
N HIS C 110 -49.36 -36.88 34.82
CA HIS C 110 -48.65 -38.11 35.16
C HIS C 110 -47.15 -37.96 34.93
N LEU C 111 -46.37 -38.57 35.81
CA LEU C 111 -44.91 -38.60 35.70
C LEU C 111 -44.41 -39.93 36.21
N GLU C 112 -43.60 -40.62 35.41
CA GLU C 112 -43.06 -41.89 35.87
C GLU C 112 -41.65 -42.07 35.33
N THR C 113 -40.79 -42.67 36.14
CA THR C 113 -39.38 -42.81 35.81
C THR C 113 -39.13 -44.13 35.08
N PHE C 114 -38.31 -44.08 34.03
CA PHE C 114 -37.88 -45.29 33.36
C PHE C 114 -36.37 -45.41 33.20
N GLY C 115 -35.61 -44.35 33.42
CA GLY C 115 -34.18 -44.46 33.28
C GLY C 115 -33.46 -43.26 33.84
N LYS C 116 -32.15 -43.24 33.63
CA LYS C 116 -31.33 -42.14 34.10
C LYS C 116 -31.47 -40.93 33.19
N SER C 117 -31.15 -39.77 33.73
CA SER C 117 -31.31 -38.54 32.99
C SER C 117 -30.22 -38.41 31.94
N GLY C 118 -30.56 -37.72 30.85
CA GLY C 118 -29.61 -37.44 29.80
C GLY C 118 -30.05 -37.92 28.45
N VAL C 119 -29.38 -37.43 27.41
CA VAL C 119 -29.53 -37.95 26.06
C VAL C 119 -28.52 -39.08 25.91
N ARG C 120 -28.99 -40.31 26.05
CA ARG C 120 -28.10 -41.46 26.07
C ARG C 120 -28.48 -42.42 24.97
N ARG C 121 -27.53 -43.30 24.65
CA ARG C 121 -27.69 -44.16 23.49
C ARG C 121 -28.72 -45.24 23.72
N VAL C 122 -28.87 -45.69 24.96
CA VAL C 122 -29.75 -46.80 25.28
C VAL C 122 -30.72 -46.43 26.38
N ILE C 123 -31.15 -45.17 26.43
CA ILE C 123 -32.18 -44.71 27.35
C ILE C 123 -33.25 -43.97 26.56
N PRO C 124 -34.50 -44.42 26.57
CA PRO C 124 -35.50 -43.88 25.66
C PRO C 124 -35.75 -42.39 25.84
N GLY C 125 -36.27 -41.79 24.78
CA GLY C 125 -36.50 -40.37 24.71
C GLY C 125 -36.35 -39.86 23.29
N GLN C 126 -35.63 -40.63 22.46
CA GLN C 126 -35.36 -40.21 21.10
C GLN C 126 -36.58 -40.32 20.21
N TYR C 127 -37.33 -41.41 20.35
CA TYR C 127 -38.52 -41.64 19.56
C TYR C 127 -39.73 -41.83 20.46
N LEU C 128 -40.90 -41.42 19.97
CA LEU C 128 -42.11 -41.51 20.78
C LEU C 128 -43.32 -41.51 19.86
N ALA C 129 -44.17 -42.52 20.00
CA ALA C 129 -45.35 -42.66 19.14
C ALA C 129 -46.53 -43.11 19.98
N ALA C 130 -47.72 -42.75 19.53
CA ALA C 130 -48.95 -43.02 20.26
C ALA C 130 -49.96 -43.70 19.36
N ASP C 131 -50.64 -44.69 19.91
CA ASP C 131 -51.69 -45.39 19.20
C ASP C 131 -52.78 -44.41 18.76
N PRO C 132 -53.30 -44.53 17.55
CA PRO C 132 -54.30 -43.56 17.08
C PRO C 132 -55.56 -43.54 17.92
N LYS C 133 -55.87 -44.63 18.61
CA LYS C 133 -57.06 -44.72 19.44
C LYS C 133 -56.79 -44.37 20.89
N GLY C 134 -55.57 -43.97 21.22
CA GLY C 134 -55.25 -43.55 22.57
C GLY C 134 -55.06 -44.67 23.56
N ARG C 135 -54.72 -45.86 23.09
CA ARG C 135 -54.70 -47.03 23.95
C ARG C 135 -53.34 -47.31 24.56
N ALA C 136 -52.27 -46.86 23.93
CA ALA C 136 -50.92 -47.14 24.39
C ALA C 136 -49.97 -46.20 23.67
N CYS C 137 -48.72 -46.17 24.13
CA CYS C 137 -47.67 -45.43 23.45
C CYS C 137 -46.36 -46.17 23.61
N LEU C 138 -45.44 -45.92 22.68
CA LEU C 138 -44.10 -46.49 22.70
C LEU C 138 -43.09 -45.35 22.75
N ILE C 139 -42.11 -45.48 23.65
CA ILE C 139 -40.99 -44.56 23.73
C ILE C 139 -39.72 -45.36 23.56
N ALA C 140 -38.79 -44.87 22.75
CA ALA C 140 -37.64 -45.66 22.37
C ALA C 140 -36.40 -44.79 22.30
N SER C 141 -35.26 -45.43 22.44
CA SER C 141 -33.95 -44.80 22.31
C SER C 141 -33.41 -45.05 20.91
N VAL C 142 -32.22 -44.51 20.63
CA VAL C 142 -31.62 -44.74 19.32
C VAL C 142 -31.23 -46.20 19.17
N GLU C 143 -30.83 -46.85 20.26
CA GLU C 143 -30.32 -48.21 20.20
C GLU C 143 -30.94 -49.05 21.31
N LYS C 144 -31.61 -50.14 20.92
CA LYS C 144 -31.82 -51.32 21.73
C LYS C 144 -33.05 -51.27 22.64
N ASN C 145 -33.35 -50.13 23.24
CA ASN C 145 -34.40 -50.05 24.25
C ASN C 145 -35.72 -49.56 23.66
N LYS C 146 -36.81 -50.20 24.06
CA LYS C 146 -38.16 -49.80 23.67
C LYS C 146 -39.11 -50.11 24.82
N LEU C 147 -39.93 -49.13 25.20
CA LEU C 147 -40.88 -49.27 26.29
C LEU C 147 -42.29 -48.95 25.79
N VAL C 148 -43.26 -49.75 26.22
CA VAL C 148 -44.65 -49.59 25.85
C VAL C 148 -45.47 -49.36 27.11
N TYR C 149 -46.28 -48.31 27.11
CA TYR C 149 -47.17 -47.96 28.21
C TYR C 149 -48.61 -48.06 27.75
N VAL C 150 -49.44 -48.69 28.57
CA VAL C 150 -50.87 -48.84 28.27
C VAL C 150 -51.62 -47.69 28.94
N LEU C 151 -52.35 -46.92 28.14
CA LEU C 151 -53.09 -45.74 28.60
C LEU C 151 -54.56 -46.10 28.74
N ASN C 152 -55.11 -46.03 29.96
CA ASN C 152 -56.51 -46.38 30.13
C ASN C 152 -57.17 -45.34 31.01
N ARG C 153 -58.46 -45.57 31.29
CA ARG C 153 -59.25 -44.74 32.18
C ARG C 153 -59.67 -45.59 33.36
N ASN C 154 -59.43 -45.08 34.57
CA ASN C 154 -59.77 -45.81 35.78
C ASN C 154 -61.22 -45.55 36.17
N ALA C 155 -61.66 -46.19 37.24
CA ALA C 155 -63.07 -46.11 37.65
C ALA C 155 -63.48 -44.75 38.15
N GLN C 156 -62.54 -43.83 38.34
CA GLN C 156 -62.85 -42.44 38.70
C GLN C 156 -62.77 -41.51 37.50
N ALA C 157 -62.79 -42.06 36.29
CA ALA C 157 -62.77 -41.32 35.03
C ALA C 157 -61.46 -40.57 34.78
N GLU C 158 -60.39 -40.97 35.46
CA GLU C 158 -59.09 -40.32 35.33
C GLU C 158 -58.14 -41.17 34.50
N LEU C 159 -57.11 -40.53 33.99
CA LEU C 159 -56.10 -41.23 33.20
C LEU C 159 -55.25 -42.12 34.09
N THR C 160 -55.05 -43.36 33.67
CA THR C 160 -54.21 -44.31 34.39
C THR C 160 -53.15 -44.86 33.45
N ILE C 161 -51.95 -45.03 34.00
CA ILE C 161 -50.79 -45.54 33.28
C ILE C 161 -50.38 -46.85 33.93
N SER C 162 -50.12 -47.86 33.10
CA SER C 162 -49.59 -49.12 33.57
C SER C 162 -48.08 -49.06 33.66
N SER C 163 -47.50 -50.04 34.34
CA SER C 163 -46.07 -50.18 34.29
C SER C 163 -45.64 -50.54 32.88
N PRO C 164 -44.47 -50.09 32.45
CA PRO C 164 -44.07 -50.29 31.06
C PRO C 164 -43.79 -51.74 30.74
N LEU C 165 -43.99 -52.10 29.47
CA LEU C 165 -43.62 -53.40 28.93
C LEU C 165 -42.47 -53.20 27.96
N GLU C 166 -41.45 -54.04 28.07
CA GLU C 166 -40.22 -53.81 27.33
C GLU C 166 -40.11 -54.73 26.12
N ALA C 167 -39.42 -54.22 25.10
CA ALA C 167 -39.16 -54.94 23.87
C ALA C 167 -37.73 -54.64 23.44
N HIS C 168 -36.77 -55.05 24.25
CA HIS C 168 -35.36 -54.75 24.03
C HIS C 168 -34.72 -55.81 23.14
N LYS C 169 -33.86 -55.36 22.22
CA LYS C 169 -33.05 -56.27 21.43
C LYS C 169 -31.68 -55.66 21.19
N PRO C 170 -30.62 -56.20 21.79
CA PRO C 170 -29.30 -55.59 21.66
C PRO C 170 -28.83 -55.54 20.23
N GLY C 171 -28.21 -54.42 19.86
CA GLY C 171 -27.65 -54.23 18.55
C GLY C 171 -28.56 -53.58 17.53
N VAL C 172 -29.75 -53.16 17.92
CA VAL C 172 -30.74 -52.61 17.00
C VAL C 172 -30.63 -51.09 16.99
N ILE C 173 -30.72 -50.51 15.80
CA ILE C 173 -30.68 -49.07 15.58
C ILE C 173 -31.95 -48.68 14.86
N VAL C 174 -32.57 -47.58 15.32
CA VAL C 174 -33.89 -47.14 14.87
C VAL C 174 -33.74 -45.83 14.12
N LEU C 175 -34.29 -45.79 12.90
CA LEU C 175 -34.29 -44.57 12.11
C LEU C 175 -35.61 -43.82 12.17
N SER C 176 -36.73 -44.54 12.20
CA SER C 176 -38.05 -43.93 12.26
C SER C 176 -38.94 -44.80 13.12
N LEU C 177 -39.97 -44.19 13.71
CA LEU C 177 -40.94 -44.93 14.51
C LEU C 177 -42.27 -44.23 14.41
N VAL C 178 -43.29 -44.96 13.93
CA VAL C 178 -44.66 -44.48 13.92
C VAL C 178 -45.55 -45.58 14.46
N ALA C 179 -46.78 -45.21 14.78
CA ALA C 179 -47.78 -46.14 15.26
C ALA C 179 -48.75 -46.48 14.14
N LEU C 180 -49.02 -47.76 13.93
CA LEU C 180 -49.96 -48.17 12.91
C LEU C 180 -51.39 -47.83 13.32
N ASP C 181 -52.21 -47.55 12.32
CA ASP C 181 -53.66 -47.41 12.51
C ASP C 181 -54.25 -48.78 12.21
N VAL C 182 -54.67 -49.48 13.26
CA VAL C 182 -55.23 -50.81 13.13
C VAL C 182 -56.67 -50.85 13.61
N GLY C 183 -57.34 -49.71 13.62
CA GLY C 183 -58.70 -49.68 14.14
C GLY C 183 -58.66 -49.92 15.64
N TYR C 184 -59.38 -50.93 16.10
CA TYR C 184 -59.41 -51.30 17.50
C TYR C 184 -58.90 -52.71 17.74
N SER C 185 -58.05 -53.21 16.85
CA SER C 185 -57.39 -54.47 17.10
C SER C 185 -56.16 -54.21 17.95
N ASN C 186 -55.34 -55.22 18.17
CA ASN C 186 -54.16 -55.06 19.01
C ASN C 186 -53.27 -53.98 18.43
N PRO C 187 -52.82 -53.01 19.22
CA PRO C 187 -52.03 -51.91 18.67
C PRO C 187 -50.69 -52.40 18.16
N VAL C 188 -50.18 -51.72 17.15
CA VAL C 188 -48.93 -52.09 16.50
C VAL C 188 -48.10 -50.82 16.32
N PHE C 189 -46.82 -50.88 16.68
CA PHE C 189 -45.87 -49.82 16.43
C PHE C 189 -44.86 -50.30 15.39
N ALA C 190 -44.71 -49.54 14.32
CA ALA C 190 -43.80 -49.90 13.24
C ALA C 190 -42.51 -49.10 13.37
N ALA C 191 -41.38 -49.77 13.13
CA ALA C 191 -40.08 -49.14 13.20
C ALA C 191 -39.25 -49.55 12.01
N LEU C 192 -38.38 -48.64 11.58
CA LEU C 192 -37.32 -48.93 10.63
C LEU C 192 -36.04 -49.20 11.42
N GLU C 193 -35.55 -50.43 11.34
CA GLU C 193 -34.43 -50.85 12.17
C GLU C 193 -33.34 -51.48 11.31
N TYR C 194 -32.12 -51.48 11.84
CA TYR C 194 -31.07 -52.36 11.35
C TYR C 194 -30.26 -52.84 12.54
N GLU C 195 -29.41 -53.84 12.32
CA GLU C 195 -28.66 -54.45 13.40
C GLU C 195 -27.18 -54.39 13.09
N TYR C 196 -26.38 -53.92 14.04
CA TYR C 196 -24.93 -53.85 13.85
C TYR C 196 -24.21 -55.07 14.39
N SER C 197 -24.93 -56.04 14.97
CA SER C 197 -24.26 -57.18 15.57
C SER C 197 -23.52 -58.02 14.54
N GLU C 198 -24.05 -58.10 13.31
CA GLU C 198 -23.32 -58.81 12.26
C GLU C 198 -22.04 -58.09 11.91
N ALA C 199 -22.10 -56.77 11.70
CA ALA C 199 -20.92 -56.03 11.32
C ALA C 199 -19.87 -56.03 12.41
N ASP C 200 -20.27 -56.20 13.67
CA ASP C 200 -19.30 -56.22 14.76
C ASP C 200 -18.51 -57.51 14.81
N GLN C 201 -18.98 -58.58 14.17
CA GLN C 201 -18.32 -59.87 14.19
C GLN C 201 -17.55 -60.15 12.90
N ASP C 202 -17.33 -59.14 12.07
CA ASP C 202 -16.82 -59.35 10.72
C ASP C 202 -15.59 -58.49 10.44
N PRO C 203 -14.39 -59.08 10.37
CA PRO C 203 -13.20 -58.29 10.04
C PRO C 203 -13.03 -58.00 8.55
N THR C 204 -13.74 -58.68 7.66
CA THR C 204 -13.65 -58.30 6.26
C THR C 204 -14.47 -57.06 5.94
N GLY C 205 -15.31 -56.60 6.86
CA GLY C 205 -16.11 -55.42 6.63
C GLY C 205 -17.14 -55.55 5.54
N GLN C 206 -17.42 -56.75 5.05
CA GLN C 206 -18.42 -56.92 4.01
C GLN C 206 -19.81 -56.57 4.52
N ALA C 207 -20.12 -56.94 5.76
CA ALA C 207 -21.41 -56.60 6.34
C ALA C 207 -21.61 -55.09 6.41
N ALA C 208 -20.54 -54.33 6.65
CA ALA C 208 -20.63 -52.89 6.77
C ALA C 208 -20.72 -52.19 5.42
N LYS C 209 -20.56 -52.89 4.32
CA LYS C 209 -20.67 -52.24 3.02
C LYS C 209 -22.09 -51.77 2.74
N GLN C 210 -23.08 -52.49 3.26
CA GLN C 210 -24.48 -52.14 3.03
C GLN C 210 -25.28 -52.52 4.27
N LEU C 211 -26.19 -51.65 4.66
CA LEU C 211 -27.10 -51.97 5.74
C LEU C 211 -28.12 -53.00 5.29
N GLU C 212 -28.63 -53.77 6.24
CA GLU C 212 -29.82 -54.59 6.01
C GLU C 212 -30.94 -53.94 6.82
N MET C 213 -31.79 -53.18 6.14
CA MET C 213 -32.84 -52.43 6.79
C MET C 213 -34.13 -53.24 6.80
N GLN C 214 -34.76 -53.33 7.96
CA GLN C 214 -35.99 -54.09 8.12
C GLN C 214 -37.10 -53.19 8.65
N LEU C 215 -38.30 -53.38 8.11
CA LEU C 215 -39.51 -52.83 8.68
C LEU C 215 -40.05 -53.86 9.68
N VAL C 216 -40.23 -53.43 10.92
CA VAL C 216 -40.55 -54.32 12.03
C VAL C 216 -41.81 -53.82 12.72
N TYR C 217 -42.75 -54.74 12.95
CA TYR C 217 -43.99 -54.46 13.66
C TYR C 217 -43.89 -55.02 15.06
N TYR C 218 -44.03 -54.17 16.06
CA TYR C 218 -44.15 -54.58 17.45
C TYR C 218 -45.63 -54.55 17.83
N GLU C 219 -46.17 -55.72 18.17
CA GLU C 219 -47.59 -55.85 18.50
C GLU C 219 -47.77 -55.92 20.01
N LEU C 220 -48.77 -55.18 20.50
CA LEU C 220 -49.14 -55.21 21.91
C LEU C 220 -50.42 -56.04 22.04
N ASP C 221 -50.29 -57.22 22.64
CA ASP C 221 -51.43 -58.09 22.87
C ASP C 221 -52.08 -57.69 24.19
N LEU C 222 -53.29 -57.13 24.11
CA LEU C 222 -53.93 -56.57 25.29
C LEU C 222 -54.39 -57.65 26.25
N GLY C 223 -54.76 -58.82 25.74
CA GLY C 223 -55.15 -59.90 26.63
C GLY C 223 -53.97 -60.48 27.37
N LEU C 224 -52.93 -60.87 26.63
CA LEU C 224 -51.72 -61.42 27.24
C LEU C 224 -50.87 -60.36 27.92
N ASN C 225 -51.01 -59.09 27.51
CA ASN C 225 -50.32 -57.97 28.13
C ASN C 225 -48.80 -58.12 28.03
N HIS C 226 -48.33 -58.17 26.79
CA HIS C 226 -46.90 -58.12 26.50
C HIS C 226 -46.71 -57.76 25.03
N VAL C 227 -45.48 -57.42 24.67
CA VAL C 227 -45.13 -56.95 23.33
C VAL C 227 -44.24 -58.00 22.68
N VAL C 228 -44.44 -58.22 21.38
CA VAL C 228 -43.69 -59.21 20.63
C VAL C 228 -43.39 -58.66 19.23
N ARG C 229 -42.20 -58.99 18.72
CA ARG C 229 -41.88 -58.73 17.33
C ARG C 229 -42.71 -59.68 16.47
N LYS C 230 -43.81 -59.17 15.94
CA LYS C 230 -44.80 -60.00 15.27
C LYS C 230 -44.48 -60.24 13.80
N TRP C 231 -44.05 -59.20 13.09
CA TRP C 231 -43.83 -59.30 11.65
C TRP C 231 -42.67 -58.39 11.27
N SER C 232 -41.95 -58.79 10.23
CA SER C 232 -40.82 -57.99 9.75
C SER C 232 -40.51 -58.38 8.32
N ASP C 233 -40.06 -57.41 7.54
CA ASP C 233 -39.57 -57.74 6.21
C ASP C 233 -38.47 -56.76 5.81
N THR C 234 -37.71 -57.15 4.79
CA THR C 234 -36.62 -56.33 4.30
C THR C 234 -37.16 -55.18 3.46
N VAL C 235 -36.55 -54.01 3.59
CA VAL C 235 -36.90 -52.84 2.82
C VAL C 235 -35.63 -52.25 2.22
N ASP C 236 -35.81 -51.23 1.39
CA ASP C 236 -34.70 -50.49 0.81
C ASP C 236 -33.77 -50.02 1.92
N PRO C 237 -32.45 -50.24 1.80
CA PRO C 237 -31.54 -49.79 2.86
C PRO C 237 -31.42 -48.28 2.97
N THR C 238 -31.81 -47.54 1.94
CA THR C 238 -31.81 -46.09 2.02
C THR C 238 -33.04 -45.55 2.72
N SER C 239 -33.94 -46.41 3.15
CA SER C 239 -35.16 -45.97 3.82
C SER C 239 -34.83 -45.24 5.11
N SER C 240 -35.48 -44.11 5.32
CA SER C 240 -35.23 -43.31 6.50
C SER C 240 -36.48 -42.79 7.19
N LEU C 241 -37.64 -42.78 6.54
CA LEU C 241 -38.83 -42.28 7.21
C LEU C 241 -40.01 -43.23 7.00
N LEU C 242 -40.89 -43.28 7.99
CA LEU C 242 -42.13 -44.04 7.92
C LEU C 242 -43.31 -43.11 8.08
N PHE C 243 -44.40 -43.43 7.40
CA PHE C 243 -45.61 -42.62 7.52
C PHE C 243 -46.83 -43.52 7.65
N GLN C 244 -47.76 -43.10 8.50
CA GLN C 244 -48.90 -43.91 8.88
C GLN C 244 -50.02 -43.78 7.87
N VAL C 245 -50.55 -44.91 7.41
CA VAL C 245 -51.70 -44.95 6.52
C VAL C 245 -52.93 -45.24 7.36
N PRO C 246 -54.07 -44.60 7.08
CA PRO C 246 -55.28 -44.88 7.86
C PRO C 246 -55.68 -46.35 7.80
N GLY C 247 -56.28 -46.83 8.89
CA GLY C 247 -56.59 -48.24 9.02
C GLY C 247 -58.03 -48.46 9.43
N GLY C 248 -58.38 -49.75 9.54
CA GLY C 248 -59.72 -50.11 9.93
C GLY C 248 -60.72 -49.81 8.83
N ASN C 249 -61.80 -49.13 9.19
CA ASN C 249 -62.82 -48.74 8.23
C ASN C 249 -62.41 -47.54 7.39
N ASP C 250 -61.29 -46.90 7.71
CA ASP C 250 -60.88 -45.68 7.02
C ASP C 250 -59.74 -45.90 6.03
N GLY C 251 -59.19 -47.10 5.95
CA GLY C 251 -58.12 -47.36 5.01
C GLY C 251 -57.50 -48.73 5.14
N PRO C 252 -56.40 -48.95 4.39
CA PRO C 252 -55.78 -50.27 4.34
C PRO C 252 -54.75 -50.54 5.42
N SER C 253 -54.38 -49.54 6.21
CA SER C 253 -53.34 -49.64 7.23
C SER C 253 -51.99 -49.90 6.58
N GLY C 254 -50.97 -50.17 7.39
CA GLY C 254 -49.62 -50.25 6.90
C GLY C 254 -48.94 -48.90 6.92
N VAL C 255 -47.77 -48.84 6.29
CA VAL C 255 -46.99 -47.62 6.28
C VAL C 255 -46.42 -47.36 4.89
N LEU C 256 -46.14 -46.08 4.63
CA LEU C 256 -45.29 -45.67 3.53
C LEU C 256 -43.86 -45.66 4.04
N VAL C 257 -43.00 -46.44 3.39
CA VAL C 257 -41.57 -46.46 3.69
C VAL C 257 -40.86 -45.56 2.69
N CYS C 258 -40.07 -44.62 3.21
CA CYS C 258 -39.47 -43.57 2.41
C CYS C 258 -37.95 -43.66 2.49
N GLY C 259 -37.32 -43.87 1.33
CA GLY C 259 -35.88 -43.88 1.12
C GLY C 259 -35.50 -43.19 -0.17
N GLU C 260 -34.26 -43.40 -0.63
CA GLU C 260 -33.71 -42.66 -1.75
C GLU C 260 -34.53 -42.84 -3.02
N GLU C 261 -35.23 -41.77 -3.42
CA GLU C 261 -36.12 -41.79 -4.58
C GLU C 261 -37.08 -42.98 -4.53
N ASN C 262 -37.46 -43.39 -3.32
CA ASN C 262 -38.33 -44.55 -3.14
C ASN C 262 -39.40 -44.21 -2.12
N ILE C 263 -40.66 -44.29 -2.54
CA ILE C 263 -41.80 -44.24 -1.63
C ILE C 263 -42.57 -45.54 -1.87
N THR C 264 -42.37 -46.52 -0.99
CA THR C 264 -42.95 -47.85 -1.16
C THR C 264 -44.00 -48.08 -0.09
N TYR C 265 -45.25 -48.29 -0.51
CA TYR C 265 -46.28 -48.72 0.42
C TYR C 265 -46.07 -50.17 0.80
N ARG C 266 -46.14 -50.45 2.11
CA ARG C 266 -45.92 -51.77 2.67
C ARG C 266 -46.92 -52.05 3.77
N HIS C 267 -47.35 -53.31 3.85
CA HIS C 267 -48.14 -53.82 4.95
C HIS C 267 -48.01 -55.34 4.94
N SER C 268 -48.38 -55.96 6.06
CA SER C 268 -48.18 -57.39 6.21
C SER C 268 -49.20 -58.24 5.46
N ASN C 269 -50.31 -57.65 5.03
CA ASN C 269 -51.32 -58.38 4.26
C ASN C 269 -51.57 -57.76 2.90
N GLN C 270 -50.62 -56.99 2.38
CA GLN C 270 -50.75 -56.37 1.07
C GLN C 270 -49.42 -56.50 0.33
N GLU C 271 -49.50 -56.42 -0.99
CA GLU C 271 -48.28 -56.43 -1.78
C GLU C 271 -47.51 -55.13 -1.56
N ALA C 272 -46.28 -55.10 -2.08
CA ALA C 272 -45.46 -53.91 -2.05
C ALA C 272 -45.77 -53.05 -3.27
N PHE C 273 -45.98 -51.74 -3.05
CA PHE C 273 -46.31 -50.86 -4.17
C PHE C 273 -45.36 -49.67 -4.15
N ARG C 274 -44.40 -49.65 -5.08
CA ARG C 274 -43.32 -48.66 -5.07
C ARG C 274 -43.60 -47.52 -6.04
N VAL C 275 -43.17 -46.32 -5.64
CA VAL C 275 -43.31 -45.11 -6.45
C VAL C 275 -42.01 -44.33 -6.40
N PRO C 276 -41.66 -43.68 -7.50
CA PRO C 276 -40.45 -42.86 -7.52
C PRO C 276 -40.72 -41.44 -7.02
N ILE C 277 -39.64 -40.72 -6.77
CA ILE C 277 -39.68 -39.30 -6.44
C ILE C 277 -39.16 -38.54 -7.66
N PRO C 278 -39.98 -37.71 -8.30
CA PRO C 278 -39.52 -36.99 -9.49
C PRO C 278 -38.32 -36.10 -9.18
N ARG C 279 -37.61 -35.74 -10.25
CA ARG C 279 -36.43 -34.92 -10.15
C ARG C 279 -36.69 -33.54 -10.77
N ARG C 280 -36.05 -32.54 -10.21
CA ARG C 280 -36.21 -31.18 -10.73
C ARG C 280 -35.57 -31.07 -12.11
N ARG C 281 -36.15 -30.20 -12.93
CA ARG C 281 -35.59 -29.90 -14.24
C ARG C 281 -35.77 -28.41 -14.50
N GLY C 282 -34.89 -27.82 -15.30
CA GLY C 282 -33.77 -28.52 -15.89
C GLY C 282 -32.45 -27.80 -15.69
N ALA C 283 -32.41 -26.55 -16.12
CA ALA C 283 -31.18 -25.77 -16.00
C ALA C 283 -30.75 -25.67 -14.54
N THR C 284 -29.45 -25.78 -14.31
CA THR C 284 -28.81 -25.67 -13.00
C THR C 284 -29.21 -26.81 -12.06
N GLU C 285 -30.09 -27.71 -12.48
CA GLU C 285 -30.51 -28.85 -11.68
C GLU C 285 -29.88 -30.11 -12.25
N ASP C 286 -29.12 -30.81 -11.44
CA ASP C 286 -28.51 -32.08 -11.83
C ASP C 286 -29.60 -33.07 -12.22
N PRO C 287 -29.60 -33.58 -13.45
CA PRO C 287 -30.62 -34.56 -13.85
C PRO C 287 -30.36 -35.97 -13.32
N ASN C 288 -29.29 -36.17 -12.55
CA ASN C 288 -29.00 -37.48 -11.99
C ASN C 288 -29.07 -37.47 -10.46
N ARG C 289 -29.67 -36.45 -9.89
CA ARG C 289 -29.78 -36.31 -8.45
C ARG C 289 -31.06 -36.96 -7.97
N LYS C 290 -30.94 -37.91 -7.04
CA LYS C 290 -32.08 -38.52 -6.38
C LYS C 290 -32.35 -37.79 -5.07
N ARG C 291 -33.61 -37.52 -4.80
CA ARG C 291 -34.00 -36.86 -3.57
C ARG C 291 -34.53 -37.90 -2.57
N THR C 292 -34.58 -37.49 -1.31
CA THR C 292 -35.23 -38.26 -0.26
C THR C 292 -36.39 -37.42 0.29
N ILE C 293 -37.08 -37.99 1.27
CA ILE C 293 -38.18 -37.30 1.94
C ILE C 293 -37.71 -36.91 3.33
N VAL C 294 -38.05 -35.68 3.74
CA VAL C 294 -37.61 -35.14 5.02
C VAL C 294 -38.76 -34.79 5.95
N ALA C 295 -39.99 -34.78 5.46
CA ALA C 295 -41.15 -34.45 6.28
C ALA C 295 -42.40 -34.88 5.53
N GLY C 296 -43.47 -35.13 6.29
CA GLY C 296 -44.72 -35.51 5.66
C GLY C 296 -45.91 -35.33 6.58
N VAL C 297 -47.09 -35.34 5.97
CA VAL C 297 -48.36 -35.23 6.67
C VAL C 297 -49.30 -36.29 6.13
N MET C 298 -50.24 -36.72 6.97
CA MET C 298 -51.40 -37.48 6.53
C MET C 298 -52.65 -36.75 7.00
N HIS C 299 -53.66 -36.71 6.13
CA HIS C 299 -54.89 -35.99 6.42
C HIS C 299 -56.07 -36.75 5.86
N LYS C 300 -57.15 -36.81 6.62
CA LYS C 300 -58.35 -37.55 6.25
C LYS C 300 -59.48 -36.56 6.02
N LEU C 301 -60.08 -36.61 4.84
CA LEU C 301 -61.25 -35.78 4.55
C LEU C 301 -62.45 -36.28 5.34
N LYS C 302 -63.31 -35.34 5.73
CA LYS C 302 -64.43 -35.67 6.61
C LYS C 302 -65.38 -36.66 5.95
N GLY C 303 -65.47 -36.65 4.62
CA GLY C 303 -66.29 -37.62 3.92
C GLY C 303 -65.65 -39.00 3.88
N SER C 304 -65.94 -39.81 4.88
CA SER C 304 -65.46 -41.19 4.95
C SER C 304 -65.98 -41.98 3.74
N ALA C 305 -65.30 -43.05 3.34
CA ALA C 305 -64.06 -43.52 3.95
C ALA C 305 -62.97 -43.66 2.91
N GLY C 306 -61.71 -43.71 3.34
CA GLY C 306 -60.59 -43.78 2.44
C GLY C 306 -60.27 -42.49 1.71
N ALA C 307 -60.95 -41.39 2.04
CA ALA C 307 -60.69 -40.10 1.43
C ALA C 307 -59.52 -39.45 2.16
N PHE C 308 -58.33 -39.95 1.87
CA PHE C 308 -57.13 -39.48 2.54
C PHE C 308 -56.01 -39.25 1.52
N PHE C 309 -55.07 -38.39 1.89
CA PHE C 309 -53.91 -38.10 1.06
C PHE C 309 -52.73 -37.78 1.96
N PHE C 310 -51.55 -37.72 1.35
CA PHE C 310 -50.31 -37.33 2.00
C PHE C 310 -49.69 -36.15 1.28
N LEU C 311 -48.97 -35.33 2.04
CA LEU C 311 -48.05 -34.35 1.49
C LEU C 311 -46.66 -34.69 2.02
N LEU C 312 -45.78 -35.16 1.15
CA LEU C 312 -44.42 -35.48 1.51
C LEU C 312 -43.47 -34.47 0.90
N GLN C 313 -42.46 -34.07 1.66
CA GLN C 313 -41.54 -33.01 1.25
C GLN C 313 -40.18 -33.59 0.92
N THR C 314 -39.62 -33.19 -0.22
CA THR C 314 -38.30 -33.62 -0.59
C THR C 314 -37.25 -32.77 0.12
N GLU C 315 -35.99 -33.19 -0.01
CA GLU C 315 -34.91 -32.44 0.61
C GLU C 315 -34.71 -31.06 0.02
N ASP C 316 -35.45 -30.71 -1.01
CA ASP C 316 -35.42 -29.37 -1.60
C ASP C 316 -36.59 -28.51 -1.15
N GLY C 317 -37.53 -29.07 -0.39
CA GLY C 317 -38.71 -28.35 0.04
C GLY C 317 -39.94 -28.54 -0.81
N ASP C 318 -39.90 -29.45 -1.79
CA ASP C 318 -41.01 -29.65 -2.69
C ASP C 318 -42.01 -30.65 -2.11
N LEU C 319 -43.27 -30.24 -2.05
CA LEU C 319 -44.37 -31.03 -1.52
C LEU C 319 -45.07 -31.77 -2.65
N PHE C 320 -45.14 -33.10 -2.51
CA PHE C 320 -45.84 -34.01 -3.41
C PHE C 320 -47.04 -34.62 -2.70
N LYS C 321 -48.10 -34.84 -3.47
CA LYS C 321 -49.36 -35.38 -2.96
C LYS C 321 -49.41 -36.87 -3.31
N VAL C 322 -49.46 -37.72 -2.28
CA VAL C 322 -49.50 -39.16 -2.46
C VAL C 322 -50.89 -39.65 -2.09
N THR C 323 -51.43 -40.56 -2.88
CA THR C 323 -52.75 -41.12 -2.65
C THR C 323 -52.70 -42.63 -2.82
N ILE C 324 -53.73 -43.31 -2.35
CA ILE C 324 -53.87 -44.75 -2.51
C ILE C 324 -55.17 -45.03 -3.25
N ASP C 325 -55.11 -45.95 -4.20
CA ASP C 325 -56.29 -46.43 -4.91
C ASP C 325 -56.58 -47.87 -4.53
N MET C 326 -57.85 -48.17 -4.28
CA MET C 326 -58.28 -49.51 -3.91
C MET C 326 -58.93 -50.18 -5.11
N VAL C 327 -58.75 -51.51 -5.19
CA VAL C 327 -59.43 -52.27 -6.24
C VAL C 327 -60.93 -52.18 -6.03
N GLU C 328 -61.68 -52.35 -7.10
CA GLU C 328 -63.12 -52.18 -7.08
C GLU C 328 -63.85 -53.51 -7.25
N ASP C 329 -65.08 -53.54 -6.76
CA ASP C 329 -65.96 -54.69 -6.93
C ASP C 329 -66.44 -54.74 -8.38
N GLU C 330 -67.38 -55.64 -8.64
CA GLU C 330 -68.14 -55.58 -9.89
C GLU C 330 -68.89 -54.27 -9.98
N LYS C 331 -69.53 -53.86 -8.89
CA LYS C 331 -69.98 -52.49 -8.72
C LYS C 331 -68.81 -51.62 -8.28
N GLY C 332 -68.86 -50.34 -8.64
CA GLY C 332 -67.81 -49.41 -8.26
C GLY C 332 -67.64 -49.23 -6.77
N ASN C 333 -67.36 -50.32 -6.05
CA ASN C 333 -67.18 -50.30 -4.61
C ASN C 333 -65.78 -50.79 -4.26
N PRO C 334 -65.06 -50.11 -3.38
CA PRO C 334 -63.68 -50.51 -3.08
C PRO C 334 -63.64 -51.78 -2.25
N THR C 335 -62.65 -52.62 -2.52
CA THR C 335 -62.35 -53.79 -1.69
C THR C 335 -61.13 -53.50 -0.82
N GLY C 336 -60.75 -54.48 -0.02
CA GLY C 336 -59.63 -54.31 0.88
C GLY C 336 -58.27 -54.32 0.21
N GLU C 337 -58.20 -54.73 -1.05
CA GLU C 337 -56.93 -54.82 -1.76
C GLU C 337 -56.55 -53.46 -2.34
N VAL C 338 -55.26 -53.19 -2.37
CA VAL C 338 -54.73 -51.93 -2.87
C VAL C 338 -54.30 -52.12 -4.31
N LYS C 339 -54.72 -51.21 -5.18
CA LYS C 339 -54.39 -51.31 -6.61
C LYS C 339 -53.08 -50.62 -6.95
N ARG C 340 -52.91 -49.36 -6.52
CA ARG C 340 -51.72 -48.61 -6.88
C ARG C 340 -51.56 -47.43 -5.95
N VAL C 341 -50.37 -46.82 -6.01
CA VAL C 341 -50.03 -45.62 -5.25
C VAL C 341 -49.65 -44.53 -6.25
N LYS C 342 -50.10 -43.30 -6.00
CA LYS C 342 -49.99 -42.21 -6.97
C LYS C 342 -49.26 -41.02 -6.36
N ILE C 343 -48.40 -40.39 -7.17
CA ILE C 343 -47.63 -39.22 -6.75
C ILE C 343 -47.83 -38.10 -7.76
N LYS C 344 -47.90 -36.88 -7.25
CA LYS C 344 -48.26 -35.69 -8.01
C LYS C 344 -47.63 -34.49 -7.32
N TYR C 345 -47.02 -33.61 -8.10
CA TYR C 345 -46.39 -32.43 -7.52
C TYR C 345 -47.45 -31.45 -7.02
N PHE C 346 -47.33 -31.06 -5.76
CA PHE C 346 -48.30 -30.18 -5.13
C PHE C 346 -47.82 -28.73 -5.11
N ASP C 347 -46.77 -28.44 -4.36
CA ASP C 347 -46.35 -27.05 -4.23
C ASP C 347 -45.04 -27.01 -3.45
N THR C 348 -44.33 -25.89 -3.55
CA THR C 348 -43.04 -25.74 -2.90
C THR C 348 -43.17 -24.77 -1.73
N VAL C 349 -42.86 -25.26 -0.53
CA VAL C 349 -42.82 -24.44 0.69
C VAL C 349 -41.43 -24.66 1.29
N PRO C 350 -41.05 -23.93 2.34
CA PRO C 350 -39.74 -24.18 2.95
C PRO C 350 -39.59 -25.62 3.45
N ILE C 351 -38.35 -26.02 3.66
CA ILE C 351 -38.07 -27.31 4.27
C ILE C 351 -38.50 -27.25 5.73
N ALA C 352 -39.21 -28.28 6.18
CA ALA C 352 -39.92 -28.24 7.45
C ALA C 352 -39.45 -29.34 8.38
N HIS C 353 -39.51 -29.04 9.67
CA HIS C 353 -39.43 -30.08 10.70
C HIS C 353 -40.76 -30.81 10.84
N SER C 354 -41.87 -30.07 10.73
CA SER C 354 -43.21 -30.60 10.86
C SER C 354 -44.11 -29.84 9.90
N LEU C 355 -45.05 -30.55 9.29
CA LEU C 355 -46.11 -29.92 8.51
C LEU C 355 -47.45 -30.37 9.06
N CYS C 356 -48.42 -29.46 9.10
CA CYS C 356 -49.70 -29.74 9.73
C CYS C 356 -50.83 -29.23 8.83
N ILE C 357 -51.88 -30.03 8.70
CA ILE C 357 -53.05 -29.66 7.91
C ILE C 357 -54.23 -29.49 8.86
N LEU C 358 -54.75 -28.26 8.92
CA LEU C 358 -55.85 -27.92 9.80
C LEU C 358 -57.17 -28.21 9.12
N LYS C 359 -58.15 -28.69 9.91
CA LYS C 359 -59.44 -29.05 9.35
C LYS C 359 -60.13 -27.88 8.67
N SER C 360 -59.81 -26.66 9.09
CA SER C 360 -60.39 -25.46 8.50
C SER C 360 -59.71 -25.05 7.20
N GLY C 361 -58.82 -25.89 6.66
CA GLY C 361 -58.25 -25.64 5.35
C GLY C 361 -56.99 -24.79 5.34
N PHE C 362 -56.04 -25.10 6.20
CA PHE C 362 -54.79 -24.36 6.27
C PHE C 362 -53.62 -25.32 6.43
N LEU C 363 -52.44 -24.85 6.05
CA LEU C 363 -51.21 -25.62 6.18
C LEU C 363 -50.23 -24.83 7.03
N PHE C 364 -49.81 -25.42 8.15
CA PHE C 364 -48.82 -24.82 9.03
C PHE C 364 -47.49 -25.51 8.80
N VAL C 365 -46.50 -24.74 8.37
CA VAL C 365 -45.16 -25.25 8.05
C VAL C 365 -44.22 -24.77 9.12
N ALA C 366 -43.69 -25.70 9.91
CA ALA C 366 -42.67 -25.40 10.90
C ALA C 366 -41.32 -25.53 10.21
N SER C 367 -40.75 -24.39 9.83
CA SER C 367 -39.52 -24.39 9.07
C SER C 367 -38.35 -24.88 9.91
N GLU C 368 -37.48 -25.68 9.30
CA GLU C 368 -36.27 -26.09 9.99
C GLU C 368 -35.34 -24.91 10.19
N PHE C 369 -35.36 -23.94 9.27
CA PHE C 369 -34.62 -22.71 9.39
C PHE C 369 -35.45 -21.58 8.78
N GLY C 370 -35.36 -20.41 9.38
CA GLY C 370 -36.04 -19.25 8.85
C GLY C 370 -37.41 -19.06 9.43
N ASN C 371 -38.13 -18.11 8.85
CA ASN C 371 -39.48 -17.81 9.29
C ASN C 371 -40.39 -19.02 9.05
N HIS C 372 -41.45 -19.10 9.84
CA HIS C 372 -42.44 -20.15 9.65
C HIS C 372 -43.55 -19.64 8.74
N HIS C 373 -44.25 -20.56 8.10
CA HIS C 373 -45.22 -20.20 7.09
C HIS C 373 -46.60 -20.76 7.42
N PHE C 374 -47.62 -19.94 7.21
CA PHE C 374 -49.01 -20.33 7.40
C PHE C 374 -49.75 -20.04 6.10
N TYR C 375 -50.12 -21.11 5.40
CA TYR C 375 -50.81 -21.06 4.12
C TYR C 375 -52.29 -21.41 4.29
N GLN C 376 -53.08 -20.98 3.31
CA GLN C 376 -54.46 -21.41 3.15
C GLN C 376 -54.55 -22.21 1.86
N PHE C 377 -55.40 -23.24 1.87
CA PHE C 377 -55.63 -24.04 0.67
C PHE C 377 -56.58 -23.27 -0.24
N GLU C 378 -56.03 -22.66 -1.29
CA GLU C 378 -56.89 -22.07 -2.31
C GLU C 378 -57.75 -23.15 -2.97
N LYS C 379 -57.18 -24.33 -3.14
CA LYS C 379 -57.87 -25.49 -3.70
C LYS C 379 -57.01 -26.71 -3.40
N LEU C 380 -57.60 -27.88 -3.59
CA LEU C 380 -56.82 -29.12 -3.42
C LEU C 380 -56.05 -29.40 -4.70
N GLY C 381 -55.65 -30.65 -4.90
CA GLY C 381 -54.93 -31.01 -6.10
C GLY C 381 -55.83 -31.54 -7.19
N ASP C 382 -56.43 -30.64 -7.99
CA ASP C 382 -57.22 -31.06 -9.12
C ASP C 382 -56.36 -31.82 -10.11
N ASP C 383 -57.02 -32.62 -10.96
CA ASP C 383 -56.30 -33.33 -12.00
C ASP C 383 -55.62 -32.38 -12.98
N ASP C 384 -56.11 -31.16 -13.08
CA ASP C 384 -55.57 -30.21 -14.06
C ASP C 384 -54.21 -29.70 -13.63
N ASP C 385 -53.37 -29.41 -14.65
CA ASP C 385 -52.10 -28.70 -14.56
C ASP C 385 -50.92 -29.61 -14.23
N GLU C 386 -51.17 -30.80 -13.66
CA GLU C 386 -50.04 -31.56 -13.14
C GLU C 386 -50.06 -33.02 -13.59
N PRO C 387 -48.90 -33.56 -13.98
CA PRO C 387 -48.80 -34.99 -14.28
C PRO C 387 -48.84 -35.82 -13.01
N GLU C 388 -48.99 -37.13 -13.20
CA GLU C 388 -49.20 -38.08 -12.12
C GLU C 388 -48.48 -39.38 -12.44
N PHE C 389 -48.00 -40.06 -11.39
CA PHE C 389 -47.27 -41.30 -11.60
C PHE C 389 -47.75 -42.37 -10.62
N THR C 390 -47.81 -43.61 -11.10
CA THR C 390 -48.40 -44.71 -10.33
C THR C 390 -47.45 -45.89 -10.27
N SER C 391 -47.65 -46.72 -9.25
CA SER C 391 -46.87 -47.94 -9.06
C SER C 391 -47.12 -48.99 -10.12
N ASP C 392 -48.01 -48.74 -11.09
CA ASP C 392 -48.18 -49.69 -12.17
C ASP C 392 -46.93 -49.78 -13.04
N ASP C 393 -46.20 -48.68 -13.17
CA ASP C 393 -45.08 -48.59 -14.10
C ASP C 393 -43.74 -48.45 -13.37
N PHE C 394 -43.65 -48.95 -12.14
CA PHE C 394 -42.42 -48.87 -11.36
C PHE C 394 -42.34 -50.08 -10.46
N PRO C 395 -41.14 -50.58 -10.17
CA PRO C 395 -41.02 -51.91 -9.55
C PRO C 395 -40.90 -51.86 -8.03
N ALA C 396 -41.61 -52.76 -7.34
CA ALA C 396 -41.47 -52.85 -5.89
C ALA C 396 -40.04 -53.18 -5.47
N ASP C 397 -39.31 -53.91 -6.30
CA ASP C 397 -37.90 -54.16 -6.04
C ASP C 397 -37.15 -52.83 -6.14
N TRP C 398 -36.42 -52.45 -5.09
CA TRP C 398 -35.66 -51.22 -5.15
C TRP C 398 -34.45 -51.35 -6.06
N ASN C 399 -33.92 -52.57 -6.23
CA ASN C 399 -32.76 -52.79 -7.07
C ASN C 399 -33.09 -52.88 -8.55
N ALA C 400 -34.36 -53.06 -8.90
CA ALA C 400 -34.71 -53.22 -10.30
C ALA C 400 -34.56 -51.88 -11.04
N PRO C 401 -34.15 -51.94 -12.30
CA PRO C 401 -34.00 -50.69 -13.06
C PRO C 401 -35.35 -50.11 -13.44
N TYR C 402 -35.36 -48.81 -13.66
CA TYR C 402 -36.57 -48.09 -14.04
C TYR C 402 -36.15 -46.79 -14.70
N ASN C 403 -37.12 -46.11 -15.28
CA ASN C 403 -36.84 -44.89 -16.01
C ASN C 403 -37.09 -43.69 -15.11
N PRO C 404 -36.09 -42.89 -14.80
CA PRO C 404 -36.31 -41.70 -13.97
C PRO C 404 -37.37 -40.80 -14.57
N VAL C 405 -37.92 -39.94 -13.71
CA VAL C 405 -39.08 -39.12 -14.05
C VAL C 405 -38.83 -37.72 -13.52
N TYR C 406 -39.29 -36.71 -14.25
CA TYR C 406 -38.95 -35.33 -13.97
C TYR C 406 -40.21 -34.48 -13.87
N PHE C 407 -40.10 -33.37 -13.15
CA PHE C 407 -41.17 -32.41 -13.00
C PHE C 407 -40.57 -31.00 -13.00
N LYS C 408 -41.42 -30.02 -13.26
CA LYS C 408 -40.99 -28.63 -13.37
C LYS C 408 -41.59 -27.81 -12.24
N PRO C 409 -40.79 -27.35 -11.28
CA PRO C 409 -41.32 -26.51 -10.21
C PRO C 409 -41.89 -25.20 -10.75
N ARG C 410 -42.70 -24.54 -9.93
CA ARG C 410 -43.37 -23.31 -10.32
C ARG C 410 -43.99 -22.68 -9.07
N PRO C 411 -44.32 -21.39 -9.12
CA PRO C 411 -44.90 -20.73 -7.95
C PRO C 411 -46.20 -21.34 -7.47
N LEU C 412 -46.73 -20.81 -6.37
CA LEU C 412 -47.85 -21.44 -5.69
C LEU C 412 -49.10 -21.45 -6.56
N GLU C 413 -49.69 -22.63 -6.71
CA GLU C 413 -50.97 -22.79 -7.38
C GLU C 413 -52.06 -23.32 -6.47
N ASN C 414 -51.71 -24.12 -5.46
CA ASN C 414 -52.67 -24.71 -4.55
C ASN C 414 -52.65 -24.11 -3.16
N LEU C 415 -51.68 -23.25 -2.85
CA LEU C 415 -51.59 -22.61 -1.55
C LEU C 415 -51.52 -21.11 -1.73
N VAL C 416 -51.81 -20.40 -0.65
CA VAL C 416 -51.67 -18.96 -0.59
C VAL C 416 -51.10 -18.60 0.78
N LEU C 417 -49.94 -17.96 0.79
CA LEU C 417 -49.32 -17.59 2.06
C LEU C 417 -50.16 -16.52 2.72
N VAL C 418 -50.60 -16.78 3.95
CA VAL C 418 -51.41 -15.83 4.68
C VAL C 418 -50.72 -15.31 5.93
N GLU C 419 -49.70 -15.99 6.46
CA GLU C 419 -48.87 -15.35 7.47
C GLU C 419 -47.45 -15.86 7.37
N SER C 420 -46.50 -14.94 7.53
CA SER C 420 -45.08 -15.24 7.68
C SER C 420 -44.72 -14.93 9.13
N ILE C 421 -44.42 -15.97 9.89
CA ILE C 421 -44.25 -15.87 11.34
C ILE C 421 -42.76 -15.70 11.63
N ASP C 422 -42.42 -14.56 12.24
CA ASP C 422 -41.02 -14.20 12.46
C ASP C 422 -40.30 -15.26 13.27
N SER C 423 -39.12 -15.64 12.81
CA SER C 423 -38.25 -16.55 13.53
C SER C 423 -36.81 -16.13 13.32
N MET C 424 -36.00 -16.33 14.36
CA MET C 424 -34.57 -16.12 14.28
C MET C 424 -33.81 -17.44 14.35
N ASN C 425 -34.40 -18.51 13.82
CA ASN C 425 -33.94 -19.86 14.13
C ASN C 425 -32.49 -20.13 13.77
N PRO C 426 -32.00 -19.71 12.71
CA PRO C 426 -30.53 -19.82 12.61
C PRO C 426 -29.89 -18.49 13.02
N LEU C 427 -29.83 -18.26 14.31
CA LEU C 427 -29.26 -17.02 14.85
C LEU C 427 -27.76 -17.18 14.90
N VAL C 428 -27.08 -16.67 13.87
CA VAL C 428 -25.64 -16.83 13.77
C VAL C 428 -24.93 -15.87 14.71
N GLY C 429 -25.53 -14.75 15.04
CA GLY C 429 -24.90 -13.82 15.96
C GLY C 429 -25.62 -12.50 15.98
N CYS C 430 -25.19 -11.67 16.92
CA CYS C 430 -25.81 -10.38 17.16
C CYS C 430 -24.80 -9.44 17.79
N LYS C 431 -24.99 -8.15 17.56
CA LYS C 431 -24.23 -7.10 18.21
C LYS C 431 -25.19 -6.09 18.82
N VAL C 432 -24.82 -5.57 19.99
CA VAL C 432 -25.61 -4.57 20.68
C VAL C 432 -25.01 -3.21 20.38
N ALA C 433 -25.81 -2.32 19.78
CA ALA C 433 -25.26 -1.03 19.37
C ALA C 433 -26.37 0.00 19.33
N ASN C 434 -26.03 1.23 19.69
CA ASN C 434 -26.97 2.35 19.71
C ASN C 434 -26.66 3.23 18.51
N LEU C 435 -27.42 3.03 17.43
CA LEU C 435 -27.20 3.72 16.17
C LEU C 435 -28.15 4.88 15.93
N THR C 436 -29.11 5.11 16.82
CA THR C 436 -30.11 6.15 16.60
C THR C 436 -30.08 7.25 17.64
N GLY C 437 -29.24 7.15 18.66
CA GLY C 437 -29.24 8.11 19.74
C GLY C 437 -30.40 7.99 20.69
N GLU C 438 -31.29 7.02 20.50
CA GLU C 438 -32.36 6.76 21.44
C GLU C 438 -31.79 6.44 22.82
N ASP C 439 -32.67 6.37 23.81
CA ASP C 439 -32.22 6.08 25.17
C ASP C 439 -31.69 4.66 25.29
N ALA C 440 -32.28 3.72 24.57
CA ALA C 440 -31.87 2.34 24.66
C ALA C 440 -31.20 1.89 23.39
N PRO C 441 -30.06 1.20 23.47
CA PRO C 441 -29.44 0.67 22.26
C PRO C 441 -30.32 -0.40 21.65
N GLN C 442 -29.96 -0.80 20.44
CA GLN C 442 -30.69 -1.83 19.71
C GLN C 442 -29.86 -3.10 19.67
N ILE C 443 -30.53 -4.20 19.31
CA ILE C 443 -29.87 -5.49 19.18
C ILE C 443 -30.00 -5.91 17.73
N TYR C 444 -28.88 -5.96 17.01
CA TYR C 444 -28.85 -6.33 15.62
C TYR C 444 -28.41 -7.78 15.48
N ALA C 445 -29.07 -8.53 14.62
CA ALA C 445 -28.84 -9.96 14.54
C ALA C 445 -28.84 -10.39 13.09
N ILE C 446 -28.10 -11.44 12.80
CA ILE C 446 -28.03 -12.03 11.46
C ILE C 446 -28.58 -13.45 11.56
N CYS C 447 -29.56 -13.76 10.73
CA CYS C 447 -30.36 -14.98 10.89
C CYS C 447 -30.63 -15.60 9.53
N GLY C 448 -31.50 -16.61 9.55
CA GLY C 448 -32.01 -17.23 8.35
C GLY C 448 -31.01 -18.16 7.72
N ASN C 449 -31.45 -18.82 6.66
CA ASN C 449 -30.56 -19.66 5.87
C ASN C 449 -30.90 -19.50 4.40
N GLY C 450 -29.87 -19.61 3.56
CA GLY C 450 -30.04 -19.48 2.13
C GLY C 450 -30.55 -18.11 1.76
N ALA C 451 -31.36 -18.07 0.69
CA ALA C 451 -31.97 -16.83 0.28
C ALA C 451 -32.99 -16.31 1.27
N ARG C 452 -33.37 -17.11 2.26
CA ARG C 452 -34.31 -16.71 3.30
C ARG C 452 -33.60 -16.16 4.53
N SER C 453 -32.32 -15.83 4.41
CA SER C 453 -31.58 -15.27 5.51
C SER C 453 -31.97 -13.81 5.70
N SER C 454 -31.61 -13.24 6.85
CA SER C 454 -32.10 -11.89 7.10
C SER C 454 -31.19 -11.17 8.07
N PHE C 455 -31.24 -9.85 7.98
CA PHE C 455 -30.66 -8.94 8.96
C PHE C 455 -31.81 -8.30 9.71
N ARG C 456 -31.78 -8.36 11.04
CA ARG C 456 -32.87 -7.84 11.85
C ARG C 456 -32.35 -6.90 12.91
N MET C 457 -33.08 -5.82 13.14
CA MET C 457 -32.86 -4.98 14.31
C MET C 457 -34.06 -5.11 15.24
N LEU C 458 -33.78 -5.46 16.49
CA LEU C 458 -34.76 -5.53 17.55
C LEU C 458 -34.58 -4.30 18.43
N LYS C 459 -35.64 -3.51 18.55
CA LYS C 459 -35.73 -2.42 19.50
C LYS C 459 -36.75 -2.79 20.57
N HIS C 460 -36.54 -2.25 21.77
CA HIS C 460 -37.44 -2.47 22.89
C HIS C 460 -38.69 -1.63 22.67
N GLY C 461 -39.81 -2.28 22.40
CA GLY C 461 -41.04 -1.56 22.12
C GLY C 461 -42.19 -2.49 21.86
N LEU C 462 -43.32 -1.89 21.52
CA LEU C 462 -44.56 -2.60 21.26
C LEU C 462 -45.11 -2.15 19.92
N GLU C 463 -45.36 -3.10 19.03
CA GLU C 463 -45.73 -2.75 17.66
C GLU C 463 -47.14 -2.18 17.62
N VAL C 464 -47.29 -1.08 16.89
CA VAL C 464 -48.57 -0.41 16.73
C VAL C 464 -48.95 -0.41 15.26
N SER C 465 -50.21 -0.67 14.97
CA SER C 465 -50.71 -0.62 13.61
C SER C 465 -51.68 0.55 13.50
N GLU C 466 -51.36 1.49 12.62
CA GLU C 466 -52.14 2.71 12.46
C GLU C 466 -53.25 2.49 11.43
N ILE C 467 -54.48 2.84 11.79
CA ILE C 467 -55.63 2.64 10.93
C ILE C 467 -55.78 3.79 9.93
N VAL C 468 -55.71 5.03 10.41
CA VAL C 468 -55.96 6.18 9.56
C VAL C 468 -55.34 7.41 10.21
N ALA C 469 -54.95 8.38 9.39
CA ALA C 469 -54.49 9.68 9.83
C ALA C 469 -55.22 10.76 9.05
N SER C 470 -55.44 11.90 9.69
CA SER C 470 -56.16 13.00 9.07
C SER C 470 -55.58 14.33 9.54
N GLU C 471 -55.44 15.27 8.60
CA GLU C 471 -54.99 16.60 8.94
C GLU C 471 -56.15 17.43 9.47
N LEU C 472 -55.81 18.47 10.23
CA LEU C 472 -56.81 19.29 10.89
C LEU C 472 -56.55 20.77 10.62
N PRO C 473 -57.60 21.59 10.64
CA PRO C 473 -57.42 23.05 10.54
C PRO C 473 -56.94 23.64 11.86
N GLY C 474 -55.68 23.36 12.17
CA GLY C 474 -55.09 23.76 13.44
C GLY C 474 -54.55 22.56 14.19
N THR C 475 -54.05 22.83 15.39
CA THR C 475 -53.43 21.82 16.23
C THR C 475 -54.27 21.61 17.49
N PRO C 476 -54.91 20.47 17.66
CA PRO C 476 -55.80 20.28 18.80
C PRO C 476 -55.03 20.20 20.11
N SER C 477 -55.75 20.45 21.19
CA SER C 477 -55.20 20.29 22.53
C SER C 477 -55.68 19.03 23.23
N ALA C 478 -56.83 18.48 22.84
CA ALA C 478 -57.28 17.22 23.44
C ALA C 478 -58.32 16.57 22.56
N VAL C 479 -58.63 15.30 22.87
CA VAL C 479 -59.55 14.49 22.08
C VAL C 479 -60.32 13.56 23.03
N TRP C 480 -61.57 13.28 22.67
CA TRP C 480 -62.39 12.30 23.38
C TRP C 480 -63.29 11.58 22.39
N THR C 481 -63.93 10.52 22.87
CA THR C 481 -64.95 9.77 22.14
C THR C 481 -66.05 9.35 23.10
N THR C 482 -67.30 9.42 22.64
CA THR C 482 -68.42 9.01 23.48
C THR C 482 -69.60 8.62 22.60
N LYS C 483 -70.36 7.62 23.06
CA LYS C 483 -71.54 7.18 22.33
C LYS C 483 -72.79 7.43 23.16
N LEU C 484 -73.95 7.28 22.51
CA LEU C 484 -75.24 7.63 23.10
C LEU C 484 -76.33 6.62 22.77
N THR C 485 -76.82 5.87 23.76
CA THR C 485 -76.30 5.81 25.12
C THR C 485 -76.58 4.38 25.55
N LYS C 486 -75.90 3.90 26.58
CA LYS C 486 -76.18 2.58 27.16
C LYS C 486 -75.98 1.46 26.13
N TYR C 487 -74.73 1.32 25.69
CA TYR C 487 -74.18 0.13 25.05
C TYR C 487 -74.44 -0.01 23.56
N ASP C 488 -74.75 1.05 22.83
CA ASP C 488 -74.75 0.90 21.38
C ASP C 488 -73.30 0.77 20.89
N GLU C 489 -73.16 0.37 19.62
CA GLU C 489 -71.86 -0.13 19.15
C GLU C 489 -71.15 0.79 18.15
N TYR C 490 -70.03 1.38 18.56
CA TYR C 490 -69.54 1.28 19.94
C TYR C 490 -69.12 2.68 20.41
N ASP C 491 -68.99 3.60 19.45
CA ASP C 491 -68.71 5.01 19.73
C ASP C 491 -69.42 5.85 18.67
N ALA C 492 -69.77 7.08 19.03
CA ALA C 492 -70.55 7.93 18.13
C ALA C 492 -69.92 9.29 17.86
N TYR C 493 -69.28 9.90 18.85
CA TYR C 493 -68.77 11.26 18.77
C TYR C 493 -67.28 11.27 19.05
N ILE C 494 -66.53 11.95 18.19
CA ILE C 494 -65.12 12.26 18.42
C ILE C 494 -65.01 13.77 18.57
N VAL C 495 -64.56 14.23 19.73
CA VAL C 495 -64.50 15.66 20.02
C VAL C 495 -63.04 16.08 20.19
N LEU C 496 -62.72 17.29 19.72
CA LEU C 496 -61.37 17.81 19.75
C LEU C 496 -61.39 19.23 20.31
N SER C 497 -60.57 19.47 21.31
CA SER C 497 -60.46 20.78 21.94
C SER C 497 -59.19 21.48 21.47
N PHE C 498 -59.36 22.64 20.84
CA PHE C 498 -58.31 23.58 20.49
C PHE C 498 -58.31 24.73 21.48
N THR C 499 -57.36 25.65 21.30
CA THR C 499 -57.46 26.97 21.91
C THR C 499 -57.69 27.98 20.79
N ASN C 500 -58.91 28.52 20.74
CA ASN C 500 -59.87 28.24 21.80
C ASN C 500 -61.09 27.44 21.34
N ALA C 501 -61.06 26.87 20.15
CA ALA C 501 -62.25 26.28 19.58
C ALA C 501 -62.42 24.81 19.96
N THR C 502 -63.60 24.27 19.66
CA THR C 502 -63.93 22.86 19.85
C THR C 502 -64.60 22.34 18.59
N LEU C 503 -64.33 21.08 18.25
CA LEU C 503 -64.86 20.45 17.04
C LEU C 503 -65.39 19.06 17.38
N VAL C 504 -66.35 18.60 16.59
CA VAL C 504 -66.99 17.30 16.76
C VAL C 504 -67.11 16.64 15.38
N LEU C 505 -67.16 15.31 15.38
CA LEU C 505 -67.28 14.54 14.14
C LEU C 505 -68.11 13.28 14.39
N SER C 506 -68.43 12.58 13.31
CA SER C 506 -69.33 11.43 13.35
C SER C 506 -68.61 10.10 13.21
N ILE C 507 -69.33 9.08 12.71
CA ILE C 507 -68.84 7.71 12.63
C ILE C 507 -69.19 7.15 11.27
N GLY C 508 -68.18 6.64 10.56
CA GLY C 508 -68.37 6.07 9.24
C GLY C 508 -68.42 7.07 8.10
N GLU C 509 -68.61 8.36 8.41
CA GLU C 509 -68.70 9.40 7.38
C GLU C 509 -67.98 10.69 7.74
N THR C 510 -67.71 10.96 9.02
CA THR C 510 -66.86 12.08 9.48
C THR C 510 -67.51 13.43 9.16
N VAL C 511 -68.65 13.68 9.81
CA VAL C 511 -69.43 14.90 9.65
C VAL C 511 -69.98 15.31 11.01
N GLU C 512 -70.34 16.58 11.13
CA GLU C 512 -70.90 17.14 12.36
C GLU C 512 -72.05 18.07 12.03
N GLU C 513 -73.07 18.08 12.90
CA GLU C 513 -74.22 18.95 12.67
C GLU C 513 -74.58 19.80 13.90
N VAL C 514 -75.12 19.17 14.95
CA VAL C 514 -75.59 19.92 16.10
C VAL C 514 -74.40 20.57 16.81
N SER C 515 -74.57 21.84 17.18
CA SER C 515 -73.50 22.55 17.87
C SER C 515 -73.20 21.92 19.22
N ASP C 516 -74.22 21.79 20.07
CA ASP C 516 -74.05 21.37 21.45
C ASP C 516 -72.92 22.17 22.10
N SER C 517 -73.03 23.50 21.99
CA SER C 517 -72.03 24.43 22.51
C SER C 517 -70.67 24.18 21.87
N GLY C 518 -70.68 23.90 20.56
CA GLY C 518 -69.48 23.49 19.87
C GLY C 518 -68.37 24.52 19.92
N PHE C 519 -68.71 25.80 20.00
CA PHE C 519 -67.69 26.83 20.09
C PHE C 519 -67.06 26.84 21.48
N LEU C 520 -65.82 27.35 21.53
CA LEU C 520 -65.01 27.55 22.74
C LEU C 520 -64.34 26.26 23.20
N THR C 521 -63.32 26.40 24.04
CA THR C 521 -62.53 25.27 24.53
C THR C 521 -63.43 24.22 25.19
N THR C 522 -62.83 23.07 25.49
CA THR C 522 -63.57 21.96 26.07
C THR C 522 -62.62 21.12 26.92
N VAL C 523 -63.00 20.91 28.18
CA VAL C 523 -62.30 20.03 29.12
C VAL C 523 -63.06 18.71 29.01
N PRO C 524 -62.85 17.67 29.84
CA PRO C 524 -63.44 16.36 29.50
C PRO C 524 -64.95 16.41 29.33
N THR C 525 -65.46 15.37 28.67
CA THR C 525 -66.88 15.27 28.35
C THR C 525 -67.47 14.02 28.96
N ILE C 537 -72.66 15.32 28.54
CA ILE C 537 -72.16 16.42 29.35
C ILE C 537 -70.88 17.00 28.77
N GLN C 538 -70.83 18.32 28.60
CA GLN C 538 -69.65 19.01 28.10
C GLN C 538 -69.16 20.03 29.11
N ILE C 539 -67.84 20.10 29.27
CA ILE C 539 -67.13 21.07 30.10
C ILE C 539 -66.02 21.58 29.19
N HIS C 540 -65.75 22.88 29.09
CA HIS C 540 -66.24 23.96 29.95
C HIS C 540 -66.68 25.15 29.12
N PRO C 541 -67.98 25.28 28.88
CA PRO C 541 -68.49 26.50 28.23
C PRO C 541 -68.60 27.65 29.21
N LYS C 542 -67.62 27.79 30.09
CA LYS C 542 -67.70 28.61 31.29
C LYS C 542 -68.86 28.14 32.18
N GLY C 543 -69.18 26.87 32.07
CA GLY C 543 -70.12 26.21 32.96
C GLY C 543 -69.98 24.72 32.70
N ILE C 544 -71.04 23.98 32.99
CA ILE C 544 -71.22 22.62 32.47
C ILE C 544 -72.39 22.68 31.52
N ARG C 545 -72.49 21.71 30.62
CA ARG C 545 -73.63 21.67 29.70
C ARG C 545 -74.08 20.23 29.50
N HIS C 546 -75.12 19.85 30.24
CA HIS C 546 -75.82 18.59 30.02
C HIS C 546 -76.56 18.66 28.69
N ILE C 547 -76.46 17.61 27.89
CA ILE C 547 -77.09 17.55 26.58
C ILE C 547 -77.88 16.25 26.49
N VAL C 548 -79.21 16.36 26.45
CA VAL C 548 -80.10 15.24 26.15
C VAL C 548 -81.08 15.76 25.11
N GLN C 549 -80.69 15.68 23.83
CA GLN C 549 -81.43 16.25 22.69
C GLN C 549 -82.95 16.11 22.83
N GLY C 550 -83.66 17.22 22.62
CA GLY C 550 -83.07 18.48 22.18
C GLY C 550 -82.52 19.41 23.24
N ARG C 551 -83.02 19.26 24.47
CA ARG C 551 -82.57 20.02 25.63
C ARG C 551 -81.22 19.41 26.09
N VAL C 552 -80.60 19.80 27.21
CA VAL C 552 -81.01 20.87 28.13
C VAL C 552 -80.05 22.07 28.02
N ASN C 553 -80.22 23.04 28.93
CA ASN C 553 -79.53 24.32 28.82
C ASN C 553 -78.65 24.63 30.03
N GLU C 554 -78.47 23.68 30.94
CA GLU C 554 -77.48 23.80 32.02
C GLU C 554 -76.12 24.12 31.39
N TRP C 555 -75.16 24.71 32.12
CA TRP C 555 -75.16 24.97 33.55
C TRP C 555 -74.28 26.19 33.78
N PRO C 556 -74.51 26.94 34.86
CA PRO C 556 -73.69 28.13 35.10
C PRO C 556 -72.54 27.90 36.06
N ALA C 557 -71.34 28.36 35.68
CA ALA C 557 -70.23 28.29 36.62
C ALA C 557 -70.10 29.60 37.39
N PRO C 558 -69.70 29.53 38.66
CA PRO C 558 -69.54 30.75 39.46
C PRO C 558 -68.65 31.79 38.80
N GLN C 559 -69.22 32.97 38.53
CA GLN C 559 -68.45 34.06 37.96
C GLN C 559 -67.36 34.49 38.94
N HIS C 560 -66.40 35.28 38.43
CA HIS C 560 -65.20 35.68 39.13
C HIS C 560 -64.32 34.47 39.42
N ARG C 561 -64.75 33.30 38.97
CA ARG C 561 -63.97 32.07 39.05
C ARG C 561 -63.97 31.40 37.70
N SER C 562 -63.02 30.49 37.51
CA SER C 562 -62.96 29.64 36.34
C SER C 562 -62.58 28.24 36.80
N ILE C 563 -62.87 27.25 35.96
CA ILE C 563 -62.46 25.90 36.26
C ILE C 563 -61.27 25.55 35.38
N VAL C 564 -60.47 24.59 35.84
CA VAL C 564 -59.20 24.29 35.20
C VAL C 564 -58.96 22.79 35.14
N ALA C 565 -59.89 22.01 35.71
CA ALA C 565 -59.74 20.56 35.74
C ALA C 565 -61.10 19.93 36.05
N ALA C 566 -61.24 18.67 35.64
CA ALA C 566 -62.48 17.94 35.84
C ALA C 566 -62.26 16.47 35.52
N THR C 567 -63.11 15.61 36.11
CA THR C 567 -63.14 14.19 35.81
C THR C 567 -64.59 13.73 35.82
N THR C 568 -64.90 12.77 34.93
CA THR C 568 -66.25 12.25 34.78
C THR C 568 -66.21 10.74 34.75
N ASN C 569 -67.38 10.14 35.01
CA ASN C 569 -67.61 8.73 34.72
C ASN C 569 -69.05 8.55 34.25
N GLU C 570 -69.66 7.39 34.56
CA GLU C 570 -71.03 7.17 34.13
C GLU C 570 -72.02 7.90 35.03
N ASN C 571 -71.78 7.91 36.35
CA ASN C 571 -72.77 8.42 37.30
C ASN C 571 -72.21 9.45 38.27
N GLN C 572 -71.01 9.96 38.05
CA GLN C 572 -70.42 10.98 38.91
C GLN C 572 -69.67 11.99 38.05
N VAL C 573 -69.53 13.20 38.59
CA VAL C 573 -68.75 14.26 37.97
C VAL C 573 -68.05 15.04 39.06
N VAL C 574 -66.82 15.48 38.80
CA VAL C 574 -66.05 16.31 39.74
C VAL C 574 -65.34 17.40 38.94
N ILE C 575 -65.32 18.61 39.49
CA ILE C 575 -64.70 19.76 38.83
C ILE C 575 -63.85 20.52 39.84
N ALA C 576 -62.67 20.95 39.42
CA ALA C 576 -61.87 21.90 40.17
C ALA C 576 -61.98 23.29 39.53
N LEU C 577 -61.97 24.31 40.37
CA LEU C 577 -62.08 25.69 39.90
C LEU C 577 -60.75 26.41 40.09
N SER C 578 -60.74 27.73 39.86
CA SER C 578 -59.50 28.49 39.86
C SER C 578 -59.03 28.89 41.25
N SER C 579 -59.94 29.07 42.21
CA SER C 579 -59.49 29.44 43.55
C SER C 579 -58.92 28.26 44.32
N GLY C 580 -59.27 27.03 43.93
CA GLY C 580 -58.76 25.85 44.59
C GLY C 580 -59.84 24.89 45.02
N GLU C 581 -61.03 25.42 45.32
CA GLU C 581 -62.14 24.61 45.77
C GLU C 581 -62.54 23.58 44.72
N ILE C 582 -63.41 22.64 45.12
CA ILE C 582 -63.83 21.54 44.27
C ILE C 582 -65.35 21.43 44.35
N VAL C 583 -65.99 21.27 43.19
CA VAL C 583 -67.42 21.04 43.08
C VAL C 583 -67.65 19.58 42.72
N TYR C 584 -68.67 18.97 43.31
CA TYR C 584 -68.96 17.56 43.15
C TYR C 584 -70.38 17.38 42.64
N PHE C 585 -70.62 16.26 41.94
CA PHE C 585 -71.89 16.01 41.30
C PHE C 585 -72.22 14.52 41.40
N GLU C 586 -73.48 14.18 41.16
CA GLU C 586 -73.94 12.80 41.10
C GLU C 586 -75.22 12.75 40.27
N MET C 587 -75.77 11.54 40.15
CA MET C 587 -76.98 11.30 39.37
C MET C 587 -78.18 11.16 40.30
N ASP C 588 -79.33 10.87 39.70
CA ASP C 588 -80.59 10.71 40.42
C ASP C 588 -81.57 10.02 39.48
N ALA C 589 -82.86 10.03 39.86
CA ALA C 589 -83.87 9.31 39.10
C ALA C 589 -84.10 9.92 37.73
N ASP C 590 -83.97 11.24 37.59
CA ASP C 590 -84.25 11.93 36.33
C ASP C 590 -83.00 12.17 35.50
N GLY C 591 -81.84 11.65 35.93
CA GLY C 591 -80.63 11.88 35.18
C GLY C 591 -80.14 13.31 35.24
N SER C 592 -80.31 13.97 36.37
CA SER C 592 -79.80 15.31 36.60
C SER C 592 -78.67 15.26 37.62
N LEU C 593 -78.12 16.43 37.93
CA LEU C 593 -76.90 16.52 38.73
C LEU C 593 -77.17 17.28 40.02
N ALA C 594 -76.97 16.62 41.15
CA ALA C 594 -77.05 17.24 42.47
C ALA C 594 -75.65 17.65 42.92
N GLU C 595 -75.55 18.82 43.56
CA GLU C 595 -74.28 19.51 43.63
C GLU C 595 -73.50 19.32 44.93
N TYR C 596 -74.16 19.03 46.05
CA TYR C 596 -73.49 18.87 47.34
C TYR C 596 -72.45 19.97 47.53
N ASP C 597 -72.93 21.21 47.56
CA ASP C 597 -72.04 22.37 47.49
C ASP C 597 -71.58 22.80 48.88
N GLU C 598 -70.89 21.89 49.55
CA GLU C 598 -69.99 22.21 50.65
C GLU C 598 -68.57 21.99 50.17
N LYS C 599 -68.14 22.85 49.25
CA LYS C 599 -66.90 22.67 48.52
C LYS C 599 -65.69 22.69 49.45
N LYS C 600 -64.55 22.30 48.90
CA LYS C 600 -63.32 22.06 49.66
C LYS C 600 -62.17 22.81 49.01
N GLN C 601 -61.60 23.77 49.73
CA GLN C 601 -60.73 24.77 49.11
C GLN C 601 -59.38 24.20 48.70
N MET C 602 -58.82 23.28 49.50
CA MET C 602 -57.45 22.81 49.34
C MET C 602 -56.45 23.95 49.57
N SER C 603 -55.19 23.62 49.81
CA SER C 603 -54.19 24.64 50.11
C SER C 603 -53.35 25.03 48.90
N GLY C 604 -53.40 24.27 47.81
CA GLY C 604 -52.63 24.58 46.63
C GLY C 604 -53.51 24.53 45.38
N THR C 605 -52.92 24.94 44.26
CA THR C 605 -53.63 24.89 42.99
C THR C 605 -53.85 23.43 42.59
N VAL C 606 -55.00 23.15 41.99
CA VAL C 606 -55.37 21.80 41.62
C VAL C 606 -54.90 21.52 40.21
N THR C 607 -54.02 20.53 40.07
CA THR C 607 -53.47 20.15 38.77
C THR C 607 -53.96 18.80 38.28
N SER C 608 -54.24 17.87 39.19
CA SER C 608 -54.58 16.50 38.83
C SER C 608 -55.84 16.07 39.55
N LEU C 609 -56.75 15.46 38.81
CA LEU C 609 -57.94 14.85 39.37
C LEU C 609 -58.19 13.53 38.65
N SER C 610 -58.74 12.56 39.37
CA SER C 610 -59.15 11.32 38.73
C SER C 610 -60.35 10.74 39.47
N LEU C 611 -61.32 10.29 38.69
CA LEU C 611 -62.50 9.63 39.21
C LEU C 611 -62.47 8.18 38.74
N GLY C 612 -62.39 7.26 39.70
CA GLY C 612 -62.40 5.86 39.36
C GLY C 612 -63.69 5.47 38.65
N LYS C 613 -63.61 4.42 37.84
CA LYS C 613 -64.80 3.94 37.17
C LYS C 613 -65.76 3.31 38.16
N VAL C 614 -67.01 3.18 37.74
CA VAL C 614 -68.06 2.61 38.58
C VAL C 614 -67.98 1.09 38.50
N PRO C 615 -67.65 0.41 39.59
CA PRO C 615 -67.78 -1.05 39.60
C PRO C 615 -69.21 -1.44 39.26
N GLU C 616 -69.35 -2.49 38.45
CA GLU C 616 -70.67 -2.80 37.89
C GLU C 616 -71.69 -3.10 38.98
N GLY C 617 -71.25 -3.65 40.12
CA GLY C 617 -72.18 -3.93 41.18
C GLY C 617 -72.59 -2.73 42.00
N LEU C 618 -71.71 -1.73 42.10
CA LEU C 618 -71.91 -0.60 43.00
C LEU C 618 -72.52 0.59 42.25
N ARG C 619 -73.04 1.55 43.03
CA ARG C 619 -73.66 2.73 42.46
C ARG C 619 -72.63 3.78 42.04
N ARG C 620 -71.49 3.83 42.72
CA ARG C 620 -70.57 4.95 42.56
C ARG C 620 -69.15 4.48 42.87
N SER C 621 -68.19 5.24 42.36
CA SER C 621 -66.81 5.09 42.79
C SER C 621 -66.66 5.73 44.17
N SER C 622 -66.13 4.96 45.11
CA SER C 622 -66.05 5.39 46.49
C SER C 622 -64.78 6.19 46.79
N PHE C 623 -64.05 6.62 45.77
CA PHE C 623 -62.80 7.32 46.00
C PHE C 623 -62.57 8.37 44.93
N LEU C 624 -61.82 9.40 45.31
CA LEU C 624 -61.37 10.46 44.41
C LEU C 624 -59.94 10.80 44.74
N ALA C 625 -59.14 11.09 43.71
CA ALA C 625 -57.75 11.46 43.89
C ALA C 625 -57.56 12.89 43.43
N VAL C 626 -56.85 13.69 44.23
CA VAL C 626 -56.61 15.10 43.94
C VAL C 626 -55.12 15.35 43.97
N GLY C 627 -54.60 16.00 42.93
CA GLY C 627 -53.20 16.38 42.86
C GLY C 627 -53.07 17.89 42.96
N CYS C 628 -52.18 18.33 43.84
CA CYS C 628 -52.09 19.75 44.15
C CYS C 628 -50.70 20.32 43.92
N ASP C 629 -50.64 21.65 43.85
CA ASP C 629 -49.39 22.36 43.61
C ASP C 629 -48.34 22.01 44.64
N ASP C 630 -48.75 21.76 45.88
CA ASP C 630 -47.84 21.45 46.99
C ASP C 630 -47.15 20.12 46.84
N CYS C 631 -47.17 19.50 45.65
CA CYS C 631 -46.54 18.20 45.43
C CYS C 631 -47.15 17.14 46.34
N THR C 632 -48.48 17.13 46.40
CA THR C 632 -49.21 16.18 47.23
C THR C 632 -50.38 15.60 46.45
N VAL C 633 -50.70 14.35 46.76
CA VAL C 633 -51.84 13.63 46.21
C VAL C 633 -52.71 13.17 47.37
N ARG C 634 -54.02 13.27 47.21
CA ARG C 634 -54.96 12.97 48.30
C ARG C 634 -56.05 12.02 47.82
N ILE C 635 -56.44 11.12 48.72
CA ILE C 635 -57.56 10.21 48.51
C ILE C 635 -58.70 10.67 49.40
N LEU C 636 -59.80 11.08 48.77
CA LEU C 636 -61.00 11.58 49.43
C LEU C 636 -62.14 10.60 49.19
N SER C 637 -62.87 10.27 50.25
CA SER C 637 -63.98 9.33 50.12
C SER C 637 -65.22 10.02 49.57
N LEU C 638 -66.06 9.25 48.88
CA LEU C 638 -67.28 9.76 48.28
C LEU C 638 -68.52 9.01 48.77
N ASP C 639 -68.40 8.19 49.80
CA ASP C 639 -69.56 7.50 50.37
C ASP C 639 -70.52 8.53 50.97
N PRO C 640 -71.82 8.17 51.10
CA PRO C 640 -72.77 9.10 51.70
C PRO C 640 -72.32 9.54 53.09
N GLU C 641 -72.20 8.59 54.00
CA GLU C 641 -71.46 8.85 55.22
C GLU C 641 -70.04 9.24 54.87
N SER C 642 -69.57 10.37 55.44
CA SER C 642 -68.21 10.86 55.23
C SER C 642 -67.94 11.15 53.75
N THR C 643 -68.74 12.06 53.20
CA THR C 643 -68.60 12.45 51.80
C THR C 643 -67.60 13.60 51.68
N LEU C 644 -66.66 13.46 50.75
CA LEU C 644 -65.56 14.40 50.50
C LEU C 644 -64.59 14.51 51.67
N GLU C 645 -64.74 13.68 52.69
CA GLU C 645 -63.73 13.66 53.76
C GLU C 645 -62.45 13.02 53.26
N MET C 646 -61.35 13.35 53.93
CA MET C 646 -60.02 12.98 53.45
C MET C 646 -59.63 11.62 53.99
N LYS C 647 -59.40 10.67 53.08
CA LYS C 647 -58.99 9.33 53.49
C LYS C 647 -57.48 9.23 53.71
N SER C 648 -56.68 9.72 52.77
CA SER C 648 -55.23 9.67 52.98
C SER C 648 -54.55 10.75 52.14
N ILE C 649 -53.27 10.95 52.41
CA ILE C 649 -52.47 11.97 51.74
C ILE C 649 -51.04 11.47 51.60
N GLN C 650 -50.40 11.84 50.49
CA GLN C 650 -49.03 11.43 50.22
C GLN C 650 -48.28 12.56 49.55
N ALA C 651 -47.00 12.71 49.91
CA ALA C 651 -46.13 13.71 49.31
C ALA C 651 -45.39 13.10 48.12
N LEU C 652 -45.19 13.90 47.09
CA LEU C 652 -44.56 13.46 45.86
C LEU C 652 -43.31 14.28 45.56
N THR C 653 -42.35 13.65 44.89
CA THR C 653 -41.09 14.33 44.56
C THR C 653 -41.32 15.50 43.63
N ALA C 654 -42.44 15.54 42.92
CA ALA C 654 -42.73 16.63 42.01
C ALA C 654 -44.24 16.87 42.03
N ALA C 655 -44.66 17.91 41.32
CA ALA C 655 -46.08 18.21 41.23
C ALA C 655 -46.75 17.19 40.31
N PRO C 656 -47.91 16.66 40.70
CA PRO C 656 -48.57 15.66 39.86
C PRO C 656 -49.20 16.30 38.63
N SER C 657 -48.88 15.76 37.46
CA SER C 657 -49.45 16.23 36.21
C SER C 657 -50.69 15.46 35.81
N SER C 658 -50.85 14.21 36.25
CA SER C 658 -52.04 13.46 35.94
C SER C 658 -52.29 12.42 37.02
N LEU C 659 -53.55 12.00 37.13
CA LEU C 659 -53.93 10.94 38.04
C LEU C 659 -54.96 10.07 37.34
N LEU C 660 -54.93 8.77 37.63
CA LEU C 660 -55.89 7.87 37.02
C LEU C 660 -56.14 6.69 37.95
N ILE C 661 -57.38 6.54 38.40
CA ILE C 661 -57.77 5.37 39.17
C ILE C 661 -58.26 4.31 38.21
N MET C 662 -57.84 3.07 38.42
CA MET C 662 -58.19 2.02 37.48
C MET C 662 -58.10 0.67 38.19
N SER C 663 -59.05 -0.22 37.90
CA SER C 663 -59.03 -1.58 38.40
C SER C 663 -58.37 -2.47 37.37
N MET C 664 -57.33 -3.20 37.78
CA MET C 664 -56.59 -4.04 36.86
C MET C 664 -56.59 -5.48 37.34
N GLU C 665 -56.64 -6.40 36.40
CA GLU C 665 -56.43 -7.81 36.74
C GLU C 665 -54.98 -8.01 37.17
N ASP C 666 -54.80 -8.41 38.42
CA ASP C 666 -53.48 -8.47 39.02
C ASP C 666 -52.85 -9.84 38.77
N SER C 667 -51.74 -10.11 39.44
CA SER C 667 -51.10 -11.42 39.34
C SER C 667 -51.98 -12.53 39.86
N THR C 668 -53.01 -12.19 40.64
CA THR C 668 -53.89 -13.19 41.24
C THR C 668 -55.26 -13.18 40.55
N GLY C 669 -56.31 -12.94 41.33
CA GLY C 669 -57.66 -13.01 40.79
C GLY C 669 -58.03 -11.85 39.89
N GLY C 670 -57.95 -10.62 40.40
CA GLY C 670 -58.32 -9.47 39.60
C GLY C 670 -58.96 -8.35 40.41
N THR C 671 -59.21 -8.61 41.70
CA THR C 671 -59.80 -7.60 42.57
C THR C 671 -58.70 -6.72 43.14
N THR C 672 -58.13 -5.89 42.25
CA THR C 672 -57.09 -4.95 42.65
C THR C 672 -57.30 -3.61 41.99
N LEU C 673 -57.52 -2.59 42.81
CA LEU C 673 -57.69 -1.22 42.38
C LEU C 673 -56.39 -0.47 42.56
N TYR C 674 -55.92 0.18 41.50
CA TYR C 674 -54.67 0.89 41.48
C TYR C 674 -54.91 2.37 41.23
N LEU C 675 -53.99 3.20 41.73
CA LEU C 675 -53.94 4.62 41.42
C LEU C 675 -52.64 4.90 40.69
N HIS C 676 -52.74 5.30 39.43
CA HIS C 676 -51.60 5.68 38.62
C HIS C 676 -51.35 7.18 38.78
N ILE C 677 -50.10 7.53 39.05
CA ILE C 677 -49.69 8.91 39.28
C ILE C 677 -48.73 9.31 38.17
N GLY C 678 -48.96 10.49 37.60
CA GLY C 678 -48.08 11.06 36.61
C GLY C 678 -47.49 12.37 37.09
N LEU C 679 -46.19 12.35 37.38
CA LEU C 679 -45.51 13.52 37.92
C LEU C 679 -45.12 14.48 36.79
N HIS C 680 -44.94 15.75 37.17
CA HIS C 680 -44.54 16.77 36.20
C HIS C 680 -43.13 16.51 35.68
N SER C 681 -42.25 15.97 36.52
CA SER C 681 -40.87 15.67 36.16
C SER C 681 -40.74 14.48 35.25
N GLY C 682 -41.82 13.98 34.68
CA GLY C 682 -41.77 12.83 33.80
C GLY C 682 -41.84 11.49 34.49
N VAL C 683 -41.90 11.46 35.82
CA VAL C 683 -41.97 10.22 36.55
C VAL C 683 -43.38 9.64 36.44
N TYR C 684 -43.47 8.32 36.54
CA TYR C 684 -44.72 7.60 36.59
C TYR C 684 -44.68 6.66 37.80
N LEU C 685 -45.76 6.64 38.56
CA LEU C 685 -45.91 5.79 39.73
C LEU C 685 -47.17 4.95 39.59
N ARG C 686 -47.13 3.73 40.16
CA ARG C 686 -48.33 2.92 40.31
C ARG C 686 -48.48 2.56 41.78
N THR C 687 -49.63 2.88 42.36
CA THR C 687 -49.89 2.71 43.77
C THR C 687 -51.10 1.81 43.97
N VAL C 688 -51.17 1.17 45.14
CA VAL C 688 -52.27 0.28 45.47
C VAL C 688 -53.27 1.06 46.33
N LEU C 689 -54.46 1.28 45.80
CA LEU C 689 -55.54 1.91 46.53
C LEU C 689 -56.26 0.84 47.36
N ASP C 690 -56.32 1.04 48.67
CA ASP C 690 -56.70 -0.04 49.57
C ASP C 690 -58.15 -0.46 49.44
N GLU C 691 -59.01 0.41 48.90
CA GLU C 691 -60.45 0.20 48.71
C GLU C 691 -61.22 0.36 50.02
N ILE C 692 -60.56 0.37 51.18
CA ILE C 692 -61.22 0.58 52.46
C ILE C 692 -60.68 1.83 53.13
N THR C 693 -59.45 1.77 53.63
CA THR C 693 -58.86 2.94 54.25
C THR C 693 -58.46 3.99 53.23
N GLY C 694 -58.14 3.58 52.01
CA GLY C 694 -57.74 4.51 50.97
C GLY C 694 -56.29 4.92 50.99
N GLU C 695 -55.46 4.27 51.79
CA GLU C 695 -54.03 4.59 51.80
C GLU C 695 -53.35 4.02 50.56
N LEU C 696 -52.27 4.68 50.16
CA LEU C 696 -51.50 4.30 48.99
C LEU C 696 -50.25 3.53 49.42
N THR C 697 -50.00 2.38 48.77
CA THR C 697 -48.87 1.54 49.12
C THR C 697 -48.35 0.83 47.88
N ASP C 698 -47.24 0.12 48.06
CA ASP C 698 -46.64 -0.73 47.03
C ASP C 698 -46.34 0.05 45.76
N THR C 699 -45.75 1.23 45.92
CA THR C 699 -45.50 2.09 44.79
C THR C 699 -44.48 1.45 43.85
N ARG C 700 -44.71 1.63 42.55
CA ARG C 700 -43.76 1.28 41.51
C ARG C 700 -43.37 2.56 40.79
N GLN C 701 -42.08 2.76 40.58
CA GLN C 701 -41.53 4.02 40.11
C GLN C 701 -40.80 3.80 38.79
N LYS C 702 -41.02 4.69 37.83
CA LYS C 702 -40.26 4.63 36.59
C LYS C 702 -40.26 5.99 35.91
N PHE C 703 -39.08 6.47 35.53
CA PHE C 703 -38.96 7.70 34.78
C PHE C 703 -39.24 7.44 33.31
N LEU C 704 -40.06 8.29 32.69
CA LEU C 704 -40.55 8.08 31.33
C LEU C 704 -39.91 9.02 30.32
N GLY C 705 -39.88 10.31 30.60
CA GLY C 705 -39.33 11.28 29.68
C GLY C 705 -39.31 12.67 30.28
N PRO C 706 -38.64 13.61 29.61
CA PRO C 706 -38.59 14.97 30.14
C PRO C 706 -39.94 15.65 30.24
N LYS C 707 -40.87 15.36 29.33
CA LYS C 707 -42.15 16.02 29.36
C LYS C 707 -43.00 15.51 30.52
N PRO C 708 -43.96 16.30 30.98
CA PRO C 708 -44.86 15.84 32.04
C PRO C 708 -45.73 14.69 31.56
N THR C 709 -45.94 13.72 32.45
CA THR C 709 -46.64 12.48 32.10
C THR C 709 -48.14 12.68 32.23
N LYS C 710 -48.88 12.22 31.22
CA LYS C 710 -50.33 12.26 31.24
C LYS C 710 -50.87 10.83 31.22
N LEU C 711 -51.98 10.59 31.89
CA LEU C 711 -52.49 9.24 32.05
C LEU C 711 -53.86 9.10 31.40
N PHE C 712 -54.08 7.95 30.76
CA PHE C 712 -55.32 7.65 30.08
C PHE C 712 -55.62 6.17 30.26
N GLN C 713 -56.88 5.79 30.05
CA GLN C 713 -57.29 4.40 30.15
C GLN C 713 -57.75 3.93 28.79
N VAL C 714 -57.22 2.79 28.35
CA VAL C 714 -57.59 2.18 27.09
C VAL C 714 -57.85 0.70 27.33
N THR C 715 -58.37 0.02 26.32
CA THR C 715 -58.58 -1.41 26.36
C THR C 715 -57.82 -2.05 25.20
N VAL C 716 -56.94 -3.00 25.52
CA VAL C 716 -56.11 -3.68 24.54
C VAL C 716 -56.25 -5.18 24.78
N GLN C 717 -56.76 -5.90 23.78
CA GLN C 717 -56.98 -7.34 23.86
C GLN C 717 -57.76 -7.71 25.11
N ASN C 718 -58.90 -7.04 25.29
CA ASN C 718 -59.83 -7.29 26.40
C ASN C 718 -59.17 -7.12 27.76
N GLN C 719 -58.15 -6.27 27.84
CA GLN C 719 -57.54 -5.90 29.11
C GLN C 719 -57.58 -4.38 29.23
N THR C 720 -58.06 -3.90 30.36
CA THR C 720 -58.01 -2.48 30.66
C THR C 720 -56.58 -2.13 31.06
N CYS C 721 -55.95 -1.23 30.31
CA CYS C 721 -54.56 -0.88 30.51
C CYS C 721 -54.43 0.64 30.59
N VAL C 722 -53.33 1.08 31.19
CA VAL C 722 -53.04 2.50 31.32
C VAL C 722 -52.13 2.93 30.17
N LEU C 723 -52.52 3.97 29.47
CA LEU C 723 -51.70 4.56 28.42
C LEU C 723 -51.13 5.86 28.97
N ALA C 724 -49.81 5.90 29.12
CA ALA C 724 -49.10 7.05 29.67
C ALA C 724 -48.40 7.79 28.55
N LEU C 725 -48.70 9.08 28.41
CA LEU C 725 -48.09 9.92 27.41
C LEU C 725 -46.96 10.73 28.00
N SER C 726 -45.84 10.78 27.28
CA SER C 726 -44.67 11.54 27.65
C SER C 726 -43.91 11.88 26.38
N SER C 727 -42.57 11.88 26.43
CA SER C 727 -41.79 12.03 25.22
C SER C 727 -42.17 10.96 24.20
N ARG C 728 -42.42 9.75 24.67
CA ARG C 728 -42.97 8.65 23.88
C ARG C 728 -44.20 8.12 24.59
N PRO C 729 -45.09 7.44 23.88
CA PRO C 729 -46.20 6.77 24.55
C PRO C 729 -45.77 5.44 25.15
N TRP C 730 -46.17 5.21 26.40
CA TRP C 730 -45.90 3.98 27.12
C TRP C 730 -47.21 3.31 27.46
N LEU C 731 -47.18 1.98 27.53
CA LEU C 731 -48.37 1.19 27.86
C LEU C 731 -48.07 0.36 29.09
N GLY C 732 -48.84 0.58 30.15
CA GLY C 732 -48.75 -0.20 31.36
C GLY C 732 -49.87 -1.20 31.39
N TYR C 733 -49.50 -2.48 31.48
CA TYR C 733 -50.46 -3.56 31.42
C TYR C 733 -49.92 -4.76 32.17
N THR C 734 -50.80 -5.71 32.44
CA THR C 734 -50.42 -6.96 33.05
C THR C 734 -50.15 -7.98 31.95
N ALA C 735 -48.97 -8.59 31.99
CA ALA C 735 -48.55 -9.47 30.92
C ALA C 735 -49.49 -10.66 30.79
N PRO C 736 -50.01 -10.95 29.61
CA PRO C 736 -51.06 -11.98 29.49
C PRO C 736 -50.60 -13.37 29.92
N ILE C 737 -49.36 -13.74 29.69
CA ILE C 737 -48.86 -15.07 30.03
C ILE C 737 -48.17 -15.08 31.38
N THR C 738 -47.19 -14.19 31.59
CA THR C 738 -46.38 -14.21 32.80
C THR C 738 -47.04 -13.50 33.98
N ARG C 739 -48.12 -12.76 33.75
CA ARG C 739 -48.98 -12.20 34.79
C ARG C 739 -48.33 -11.12 35.64
N ASN C 740 -47.04 -10.86 35.46
CA ASN C 740 -46.45 -9.74 36.16
C ASN C 740 -46.85 -8.44 35.45
N PHE C 741 -46.68 -7.33 36.16
CA PHE C 741 -47.00 -6.03 35.61
C PHE C 741 -45.80 -5.49 34.83
N VAL C 742 -46.06 -4.93 33.66
CA VAL C 742 -45.00 -4.41 32.81
C VAL C 742 -45.41 -3.06 32.22
N MET C 743 -44.40 -2.26 31.91
CA MET C 743 -44.53 -0.95 31.29
C MET C 743 -43.64 -0.94 30.06
N THR C 744 -44.25 -0.80 28.88
CA THR C 744 -43.52 -0.99 27.63
C THR C 744 -43.78 0.16 26.67
N PRO C 745 -42.75 0.76 26.09
CA PRO C 745 -42.97 1.86 25.14
C PRO C 745 -43.57 1.38 23.84
N LEU C 746 -44.02 2.33 23.04
CA LEU C 746 -44.65 2.07 21.75
C LEU C 746 -43.76 2.61 20.64
N SER C 747 -43.62 1.83 19.57
CA SER C 747 -42.99 2.32 18.35
C SER C 747 -44.04 3.11 17.60
N TYR C 748 -44.24 4.34 18.05
CA TYR C 748 -45.29 5.19 17.50
C TYR C 748 -44.93 6.63 17.76
N THR C 749 -45.53 7.52 16.98
CA THR C 749 -45.25 8.94 17.11
C THR C 749 -45.62 9.43 18.49
N GLU C 750 -44.99 10.54 18.88
CA GLU C 750 -45.34 11.19 20.14
C GLU C 750 -46.80 11.63 20.09
N LEU C 751 -47.47 11.55 21.22
CA LEU C 751 -48.88 11.89 21.32
C LEU C 751 -49.10 12.89 22.44
N GLY C 752 -50.02 13.82 22.21
CA GLY C 752 -50.38 14.79 23.22
C GLY C 752 -51.62 14.39 23.99
N TYR C 753 -52.47 13.61 23.35
CA TYR C 753 -53.72 13.17 23.96
C TYR C 753 -54.20 11.92 23.25
N THR C 754 -54.83 11.02 24.02
CA THR C 754 -55.32 9.75 23.54
C THR C 754 -56.59 9.38 24.29
N TRP C 755 -57.42 8.57 23.66
CA TRP C 755 -58.65 8.11 24.27
C TRP C 755 -59.12 6.83 23.60
N SER C 756 -59.73 5.95 24.39
CA SER C 756 -60.17 4.67 23.88
C SER C 756 -61.20 4.86 22.78
N PHE C 757 -61.05 4.09 21.71
CA PHE C 757 -61.82 4.26 20.49
C PHE C 757 -62.50 2.94 20.12
N ASN C 758 -63.55 3.05 19.33
CA ASN C 758 -64.30 1.89 18.86
C ASN C 758 -64.95 2.24 17.54
N SER C 759 -65.54 1.23 16.89
CA SER C 759 -66.10 1.42 15.56
C SER C 759 -66.95 0.21 15.20
N GLU C 760 -67.77 0.38 14.15
CA GLU C 760 -68.58 -0.71 13.63
C GLU C 760 -67.73 -1.90 13.19
N GLN C 761 -66.43 -1.69 13.02
CA GLN C 761 -65.48 -2.74 12.64
C GLN C 761 -65.36 -3.83 13.69
N CYS C 762 -66.06 -3.65 14.82
CA CYS C 762 -65.99 -4.47 16.02
C CYS C 762 -64.62 -4.40 16.68
N GLN C 763 -63.73 -3.55 16.19
CA GLN C 763 -62.38 -3.44 16.72
C GLN C 763 -62.36 -2.52 17.93
N GLU C 764 -61.62 -2.92 18.95
CA GLU C 764 -61.28 -2.01 20.04
C GLU C 764 -59.98 -1.30 19.69
N GLY C 765 -59.97 0.01 19.85
CA GLY C 765 -58.82 0.77 19.44
C GLY C 765 -58.59 2.03 20.24
N MET C 766 -57.88 2.98 19.66
CA MET C 766 -57.55 4.22 20.34
C MET C 766 -57.50 5.35 19.31
N VAL C 767 -57.60 6.58 19.82
CA VAL C 767 -57.47 7.77 19.00
C VAL C 767 -56.55 8.74 19.72
N GLY C 768 -55.58 9.30 19.00
CA GLY C 768 -54.65 10.24 19.58
C GLY C 768 -54.39 11.39 18.64
N ILE C 769 -53.69 12.40 19.15
CA ILE C 769 -53.40 13.58 18.34
C ILE C 769 -51.94 14.00 18.52
N HIS C 770 -51.34 14.46 17.43
CA HIS C 770 -50.01 15.06 17.47
C HIS C 770 -49.97 16.16 16.41
N ALA C 771 -49.55 17.35 16.84
CA ALA C 771 -49.43 18.52 15.95
C ALA C 771 -50.80 18.74 15.30
N ASN C 772 -50.88 18.92 13.99
CA ASN C 772 -52.13 19.18 13.30
C ASN C 772 -52.81 17.90 12.83
N TYR C 773 -52.49 16.75 13.42
CA TYR C 773 -52.95 15.47 12.91
C TYR C 773 -53.64 14.67 14.01
N LEU C 774 -54.77 14.08 13.66
CA LEU C 774 -55.47 13.13 14.50
C LEU C 774 -55.26 11.73 13.95
N ARG C 775 -55.03 10.77 14.84
CA ARG C 775 -54.68 9.42 14.42
C ARG C 775 -55.56 8.40 15.14
N ILE C 776 -55.99 7.40 14.38
CA ILE C 776 -56.62 6.20 14.92
C ILE C 776 -55.62 5.07 14.78
N PHE C 777 -55.47 4.27 15.84
CA PHE C 777 -54.49 3.20 15.82
C PHE C 777 -54.92 2.11 16.78
N THR C 778 -54.39 0.91 16.56
CA THR C 778 -54.62 -0.20 17.47
C THR C 778 -53.30 -0.86 17.83
N ILE C 779 -53.30 -1.48 19.00
CA ILE C 779 -52.17 -2.23 19.52
C ILE C 779 -52.59 -3.69 19.52
N GLU C 780 -51.93 -4.50 18.71
CA GLU C 780 -52.18 -5.93 18.66
C GLU C 780 -50.92 -6.67 19.08
N LYS C 781 -51.08 -7.96 19.31
CA LYS C 781 -49.98 -8.82 19.78
C LYS C 781 -49.34 -8.22 21.04
N LEU C 782 -50.17 -8.08 22.06
CA LEU C 782 -49.68 -7.74 23.38
C LEU C 782 -48.84 -8.88 23.92
N GLY C 783 -47.75 -8.55 24.60
CA GLY C 783 -46.88 -9.53 25.23
C GLY C 783 -45.51 -9.64 24.62
N GLN C 784 -45.39 -9.43 23.31
CA GLN C 784 -44.08 -9.42 22.66
C GLN C 784 -43.46 -8.04 22.83
N THR C 785 -42.36 -7.98 23.57
CA THR C 785 -41.78 -6.72 24.01
C THR C 785 -40.67 -6.22 23.09
N MET C 786 -40.38 -6.90 21.99
CA MET C 786 -39.30 -6.49 21.10
C MET C 786 -39.84 -6.43 19.68
N ILE C 787 -39.65 -5.30 19.02
CA ILE C 787 -40.06 -5.09 17.64
C ILE C 787 -38.84 -5.30 16.76
N GLN C 788 -39.00 -6.01 15.66
CA GLN C 788 -37.92 -6.23 14.74
C GLN C 788 -38.29 -5.73 13.36
N LYS C 789 -37.39 -4.96 12.76
CA LYS C 789 -37.45 -4.67 11.34
C LYS C 789 -36.30 -5.44 10.69
N SER C 790 -36.53 -5.95 9.48
CA SER C 790 -35.58 -6.87 8.91
C SER C 790 -35.56 -6.74 7.40
N CYS C 791 -34.48 -7.20 6.80
CA CYS C 791 -34.31 -7.20 5.36
C CYS C 791 -33.67 -8.51 4.94
N PRO C 792 -33.91 -8.97 3.72
CA PRO C 792 -33.33 -10.24 3.27
C PRO C 792 -31.85 -10.09 2.99
N LEU C 793 -31.10 -11.14 3.32
CA LEU C 793 -29.73 -11.29 2.86
C LEU C 793 -29.70 -12.33 1.74
N THR C 794 -28.51 -12.64 1.25
CA THR C 794 -28.37 -13.47 0.05
C THR C 794 -28.02 -14.93 0.37
N TYR C 795 -27.12 -15.16 1.32
CA TYR C 795 -26.78 -16.50 1.77
C TYR C 795 -26.78 -16.51 3.29
N THR C 796 -26.64 -17.69 3.90
CA THR C 796 -26.75 -17.74 5.36
C THR C 796 -25.54 -17.08 5.99
N PRO C 797 -25.74 -16.14 6.91
CA PRO C 797 -24.62 -15.34 7.43
C PRO C 797 -23.61 -16.20 8.16
N LYS C 798 -22.45 -15.61 8.39
CA LYS C 798 -21.39 -16.22 9.18
C LYS C 798 -20.93 -15.33 10.33
N ARG C 799 -20.69 -14.05 10.05
CA ARG C 799 -20.25 -13.11 11.08
C ARG C 799 -20.83 -11.75 10.75
N LEU C 800 -20.70 -10.84 11.71
CA LEU C 800 -21.25 -9.49 11.61
C LEU C 800 -20.27 -8.53 12.26
N VAL C 801 -19.90 -7.47 11.53
CA VAL C 801 -19.01 -6.45 12.05
C VAL C 801 -19.58 -5.09 11.71
N LYS C 802 -19.30 -4.11 12.56
CA LYS C 802 -19.83 -2.76 12.46
C LYS C 802 -18.70 -1.79 12.16
N HIS C 803 -18.98 -0.83 11.27
CA HIS C 803 -18.05 0.25 11.01
C HIS C 803 -17.79 1.03 12.30
N PRO C 804 -16.55 1.39 12.59
CA PRO C 804 -16.24 1.95 13.92
C PRO C 804 -16.89 3.29 14.21
N GLU C 805 -17.18 4.11 13.19
CA GLU C 805 -17.69 5.44 13.45
C GLU C 805 -19.06 5.71 12.83
N GLN C 806 -19.43 5.03 11.76
CA GLN C 806 -20.70 5.26 11.09
C GLN C 806 -21.69 4.14 11.35
N PRO C 807 -23.03 4.37 11.07
CA PRO C 807 -24.04 3.34 11.36
C PRO C 807 -24.26 2.36 10.20
N TYR C 808 -23.24 1.56 9.90
CA TYR C 808 -23.32 0.58 8.84
C TYR C 808 -22.73 -0.73 9.32
N PHE C 809 -23.29 -1.84 8.84
CA PHE C 809 -22.82 -3.17 9.20
C PHE C 809 -22.33 -3.90 7.96
N TYR C 810 -21.44 -4.87 8.17
CA TYR C 810 -20.89 -5.67 7.09
C TYR C 810 -21.09 -7.13 7.43
N VAL C 811 -21.73 -7.87 6.53
CA VAL C 811 -22.10 -9.25 6.77
C VAL C 811 -21.43 -10.13 5.73
N ILE C 812 -20.69 -11.12 6.18
CA ILE C 812 -20.14 -12.14 5.30
C ILE C 812 -21.09 -13.33 5.32
N GLU C 813 -21.31 -13.92 4.14
CA GLU C 813 -22.30 -14.97 3.98
C GLU C 813 -21.74 -16.06 3.08
N ALA C 814 -22.14 -17.31 3.36
CA ALA C 814 -21.60 -18.46 2.63
C ALA C 814 -22.59 -19.61 2.68
N ASP C 815 -22.98 -20.08 1.49
CA ASP C 815 -23.77 -21.30 1.31
C ASP C 815 -22.84 -22.40 0.82
N ASN C 816 -22.74 -23.47 1.60
CA ASN C 816 -22.04 -24.68 1.21
C ASN C 816 -22.87 -25.47 0.21
N ASN C 817 -22.17 -26.25 -0.61
CA ASN C 817 -22.81 -27.17 -1.56
C ASN C 817 -23.80 -26.46 -2.46
N THR C 818 -23.56 -25.19 -2.74
CA THR C 818 -24.36 -24.42 -3.70
C THR C 818 -23.40 -23.80 -4.72
N LEU C 819 -23.91 -23.56 -5.93
CA LEU C 819 -22.92 -23.10 -6.87
C LEU C 819 -23.04 -21.60 -7.13
N PRO C 820 -21.93 -20.92 -7.31
CA PRO C 820 -21.92 -19.46 -7.37
C PRO C 820 -22.68 -18.94 -8.59
N PRO C 821 -22.97 -17.64 -8.63
CA PRO C 821 -23.78 -17.12 -9.74
C PRO C 821 -23.10 -17.12 -11.09
N GLU C 822 -21.76 -17.06 -11.14
CA GLU C 822 -21.10 -17.05 -12.44
C GLU C 822 -21.24 -18.39 -13.15
N LEU C 823 -21.36 -19.47 -12.39
CA LEU C 823 -21.52 -20.81 -12.96
C LEU C 823 -22.96 -21.09 -13.38
N ARG C 824 -23.85 -20.11 -13.30
CA ARG C 824 -25.25 -20.26 -13.67
C ARG C 824 -25.59 -19.54 -14.98
N ALA C 825 -24.62 -19.45 -15.89
CA ALA C 825 -24.88 -18.88 -17.21
C ALA C 825 -25.94 -19.74 -17.91
N GLN C 826 -25.56 -20.97 -18.26
CA GLN C 826 -26.50 -22.00 -18.68
C GLN C 826 -27.34 -21.57 -19.88
N LEU C 827 -26.67 -21.11 -20.94
CA LEU C 827 -27.34 -20.84 -22.19
C LEU C 827 -27.18 -22.03 -23.13
N ASP C 837 -36.24 -19.45 -22.77
CA ASP C 837 -35.62 -20.76 -22.67
C ASP C 837 -35.46 -21.19 -21.22
N ALA C 838 -34.78 -20.36 -20.44
CA ALA C 838 -34.53 -20.62 -19.02
C ALA C 838 -34.95 -19.41 -18.22
N THR C 839 -35.84 -19.61 -17.24
CA THR C 839 -36.29 -18.57 -16.33
C THR C 839 -35.98 -19.01 -14.91
N VAL C 840 -35.35 -18.11 -14.15
CA VAL C 840 -34.95 -18.45 -12.79
C VAL C 840 -36.19 -18.56 -11.90
N LEU C 841 -36.12 -19.48 -10.95
CA LEU C 841 -37.12 -19.56 -9.89
C LEU C 841 -36.60 -18.82 -8.68
N PRO C 842 -37.41 -17.98 -8.04
CA PRO C 842 -36.91 -17.16 -6.93
C PRO C 842 -36.30 -18.03 -5.86
N PRO C 843 -35.07 -17.72 -5.44
CA PRO C 843 -34.40 -18.56 -4.44
C PRO C 843 -35.05 -18.47 -3.07
N GLU C 844 -35.77 -17.40 -2.78
CA GLU C 844 -36.48 -17.31 -1.51
C GLU C 844 -37.59 -18.35 -1.43
N ASP C 845 -38.13 -18.78 -2.56
CA ASP C 845 -39.21 -19.75 -2.60
C ASP C 845 -38.77 -21.15 -2.97
N PHE C 846 -37.73 -21.30 -3.79
CA PHE C 846 -37.31 -22.61 -4.27
C PHE C 846 -35.88 -22.99 -3.91
N GLY C 847 -35.08 -22.07 -3.40
CA GLY C 847 -33.70 -22.35 -3.06
C GLY C 847 -32.76 -22.19 -4.23
N TYR C 848 -31.48 -22.13 -3.90
CA TYR C 848 -30.44 -22.04 -4.93
C TYR C 848 -30.16 -23.42 -5.51
N PRO C 849 -29.67 -23.47 -6.75
CA PRO C 849 -29.24 -24.76 -7.30
C PRO C 849 -28.02 -25.29 -6.55
N LYS C 850 -28.05 -26.57 -6.23
CA LYS C 850 -27.04 -27.19 -5.38
C LYS C 850 -26.06 -28.01 -6.20
N ALA C 851 -24.84 -28.13 -5.67
CA ALA C 851 -23.78 -28.93 -6.28
C ALA C 851 -22.74 -29.22 -5.21
N ARG C 852 -22.42 -30.50 -5.02
CA ARG C 852 -21.57 -30.89 -3.90
C ARG C 852 -20.15 -30.38 -4.10
N GLY C 853 -19.61 -29.74 -3.06
CA GLY C 853 -18.25 -29.26 -3.06
C GLY C 853 -18.08 -27.81 -3.43
N ARG C 854 -19.08 -27.19 -4.02
CA ARG C 854 -18.98 -25.82 -4.48
C ARG C 854 -19.62 -24.87 -3.48
N TRP C 855 -19.07 -23.66 -3.38
CA TRP C 855 -19.50 -22.67 -2.42
C TRP C 855 -20.03 -21.44 -3.14
N ALA C 856 -21.00 -20.77 -2.51
CA ALA C 856 -21.44 -19.46 -2.97
C ALA C 856 -21.38 -18.51 -1.78
N SER C 857 -20.51 -17.51 -1.84
CA SER C 857 -20.32 -16.61 -0.72
C SER C 857 -20.33 -15.17 -1.22
N CYS C 858 -20.48 -14.23 -0.28
CA CYS C 858 -20.57 -12.83 -0.64
C CYS C 858 -20.43 -11.99 0.62
N ILE C 859 -20.22 -10.69 0.39
CA ILE C 859 -20.28 -9.67 1.43
C ILE C 859 -21.44 -8.76 1.12
N GLU C 860 -22.21 -8.39 2.13
CA GLU C 860 -23.29 -7.44 1.97
C GLU C 860 -23.13 -6.31 2.97
N ILE C 861 -23.40 -5.09 2.51
CA ILE C 861 -23.40 -3.89 3.36
C ILE C 861 -24.83 -3.63 3.79
N VAL C 862 -25.04 -3.48 5.09
CA VAL C 862 -26.37 -3.28 5.65
C VAL C 862 -26.45 -1.86 6.21
N ASP C 863 -27.46 -1.13 5.76
CA ASP C 863 -27.82 0.20 6.25
C ASP C 863 -29.08 0.08 7.10
N PRO C 864 -28.96 -0.03 8.41
CA PRO C 864 -30.12 -0.37 9.22
C PRO C 864 -31.11 0.76 9.48
N VAL C 865 -30.64 2.00 9.64
CA VAL C 865 -31.45 3.05 10.25
C VAL C 865 -31.65 4.27 9.36
N SER C 866 -31.05 4.32 8.17
CA SER C 866 -31.24 5.51 7.35
C SER C 866 -32.68 5.66 6.88
N GLU C 867 -33.37 4.56 6.64
CA GLU C 867 -34.75 4.58 6.21
C GLU C 867 -35.62 3.82 7.20
N GLU C 868 -36.86 3.52 6.77
CA GLU C 868 -37.78 2.82 7.65
C GLU C 868 -37.34 1.39 7.90
N GLN C 869 -36.99 0.67 6.85
CA GLN C 869 -36.50 -0.68 6.98
C GLN C 869 -35.00 -0.72 6.71
N PRO C 870 -34.27 -1.62 7.36
CA PRO C 870 -32.88 -1.87 6.95
C PRO C 870 -32.81 -2.27 5.49
N ARG C 871 -31.69 -1.94 4.86
CA ARG C 871 -31.53 -2.16 3.42
C ARG C 871 -30.09 -2.56 3.15
N VAL C 872 -29.91 -3.42 2.16
CA VAL C 872 -28.57 -3.84 1.73
C VAL C 872 -28.09 -2.87 0.66
N LEU C 873 -26.97 -2.19 0.93
CA LEU C 873 -26.48 -1.14 0.05
C LEU C 873 -25.69 -1.71 -1.12
N LYS C 874 -24.86 -2.73 -0.88
CA LYS C 874 -24.02 -3.30 -1.91
C LYS C 874 -23.74 -4.76 -1.59
N ARG C 875 -23.63 -5.56 -2.65
CA ARG C 875 -23.25 -6.97 -2.55
C ARG C 875 -21.99 -7.21 -3.38
N ILE C 876 -21.00 -7.83 -2.76
CA ILE C 876 -19.74 -8.21 -3.41
C ILE C 876 -19.73 -9.73 -3.47
N GLU C 877 -19.73 -10.29 -4.68
CA GLU C 877 -19.73 -11.74 -4.86
C GLU C 877 -18.30 -12.26 -4.89
N LEU C 878 -18.04 -13.29 -4.08
CA LEU C 878 -16.78 -13.99 -4.15
C LEU C 878 -16.78 -14.94 -5.34
N GLU C 879 -15.62 -15.51 -5.63
CA GLU C 879 -15.48 -16.34 -6.83
C GLU C 879 -14.34 -17.31 -6.64
N GLY C 880 -14.21 -18.21 -7.61
CA GLY C 880 -13.16 -19.22 -7.55
C GLY C 880 -13.35 -20.20 -6.41
N ASN C 881 -14.60 -20.55 -6.10
CA ASN C 881 -14.93 -21.49 -5.03
C ASN C 881 -14.37 -21.00 -3.69
N GLU C 882 -14.44 -19.70 -3.47
CA GLU C 882 -13.99 -19.07 -2.24
C GLU C 882 -15.18 -18.83 -1.32
N ALA C 883 -14.93 -18.91 -0.01
CA ALA C 883 -16.01 -18.82 0.97
C ALA C 883 -15.54 -18.04 2.18
N ALA C 884 -16.28 -17.00 2.52
CA ALA C 884 -15.97 -16.17 3.68
C ALA C 884 -16.31 -16.90 4.97
N VAL C 885 -15.40 -16.82 5.94
CA VAL C 885 -15.54 -17.61 7.16
C VAL C 885 -15.26 -16.77 8.40
N SER C 886 -14.76 -15.55 8.21
CA SER C 886 -14.47 -14.67 9.35
C SER C 886 -14.38 -13.25 8.84
N ALA C 887 -14.43 -12.32 9.78
CA ALA C 887 -14.37 -10.90 9.43
C ALA C 887 -14.04 -10.09 10.68
N ALA C 888 -13.47 -8.93 10.46
CA ALA C 888 -13.16 -8.00 11.53
C ALA C 888 -12.92 -6.63 10.93
N VAL C 889 -12.98 -5.61 11.78
CA VAL C 889 -12.62 -4.25 11.42
C VAL C 889 -11.41 -3.87 12.27
N VAL C 890 -10.30 -3.56 11.60
CA VAL C 890 -9.03 -3.37 12.28
C VAL C 890 -8.43 -2.02 11.91
N PRO C 891 -7.97 -1.24 12.89
CA PRO C 891 -7.18 -0.04 12.58
C PRO C 891 -5.70 -0.34 12.57
N PHE C 892 -5.02 0.18 11.55
CA PHE C 892 -3.59 -0.06 11.35
C PHE C 892 -2.80 1.21 11.67
N ALA C 893 -1.81 1.08 12.55
CA ALA C 893 -0.92 2.21 12.82
C ALA C 893 -0.12 2.60 11.58
N SER C 894 0.04 1.68 10.63
CA SER C 894 0.78 1.99 9.41
C SER C 894 0.06 3.01 8.56
N GLN C 895 -1.26 3.11 8.68
CA GLN C 895 -2.06 4.00 7.84
C GLN C 895 -2.73 5.10 8.68
N ASP C 896 -2.05 5.56 9.72
CA ASP C 896 -2.52 6.62 10.61
C ASP C 896 -3.77 6.25 11.38
N GLY C 897 -4.01 4.96 11.61
CA GLY C 897 -5.15 4.54 12.40
C GLY C 897 -6.42 4.31 11.62
N GLU C 898 -6.41 4.47 10.30
CA GLU C 898 -7.58 4.16 9.50
C GLU C 898 -7.95 2.69 9.66
N SER C 899 -9.24 2.42 9.72
CA SER C 899 -9.73 1.07 9.89
C SER C 899 -10.10 0.46 8.55
N PHE C 900 -9.90 -0.85 8.44
CA PHE C 900 -10.15 -1.60 7.22
C PHE C 900 -11.02 -2.81 7.52
N LEU C 901 -11.67 -3.33 6.50
CA LEU C 901 -12.47 -4.54 6.63
C LEU C 901 -11.61 -5.74 6.24
N ILE C 902 -11.35 -6.62 7.20
CA ILE C 902 -10.55 -7.81 7.00
C ILE C 902 -11.49 -9.00 6.87
N VAL C 903 -11.37 -9.76 5.79
CA VAL C 903 -12.28 -10.87 5.52
C VAL C 903 -11.46 -12.12 5.20
N GLY C 904 -11.51 -13.11 6.08
CA GLY C 904 -10.81 -14.36 5.84
C GLY C 904 -11.67 -15.38 5.11
N THR C 905 -11.08 -16.07 4.14
CA THR C 905 -11.80 -16.99 3.29
C THR C 905 -11.05 -18.31 3.17
N GLY C 906 -11.77 -19.32 2.70
CA GLY C 906 -11.16 -20.59 2.35
C GLY C 906 -11.60 -21.02 0.97
N LYS C 907 -10.74 -21.82 0.32
CA LYS C 907 -10.99 -22.28 -1.04
C LYS C 907 -11.18 -23.79 -1.04
N ASP C 908 -12.25 -24.24 -1.70
CA ASP C 908 -12.57 -25.67 -1.83
C ASP C 908 -12.67 -26.34 -0.47
N MET C 909 -13.35 -25.69 0.47
CA MET C 909 -13.44 -26.21 1.83
C MET C 909 -14.37 -27.41 1.90
N VAL C 910 -14.04 -28.34 2.77
CA VAL C 910 -14.88 -29.47 3.11
C VAL C 910 -14.88 -29.60 4.63
N LEU C 911 -16.05 -29.74 5.22
CA LEU C 911 -16.18 -29.65 6.68
C LEU C 911 -15.91 -30.96 7.39
N ASN C 912 -16.18 -32.09 6.75
CA ASN C 912 -15.82 -33.38 7.35
C ASN C 912 -15.45 -34.39 6.29
N PRO C 913 -14.15 -34.78 6.24
CA PRO C 913 -13.06 -34.30 7.11
C PRO C 913 -12.57 -32.90 6.73
N ARG C 914 -12.16 -32.12 7.72
CA ARG C 914 -11.80 -30.73 7.48
C ARG C 914 -10.59 -30.64 6.58
N ALA C 915 -10.74 -29.98 5.44
CA ALA C 915 -9.67 -29.87 4.46
C ALA C 915 -9.94 -28.67 3.57
N SER C 916 -8.87 -28.16 2.97
CA SER C 916 -8.98 -26.94 2.17
C SER C 916 -7.79 -26.85 1.24
N THR C 917 -8.04 -26.35 0.03
CA THR C 917 -6.95 -26.07 -0.91
C THR C 917 -6.03 -25.01 -0.36
N GLU C 918 -6.60 -23.91 0.12
CA GLU C 918 -5.83 -22.76 0.61
C GLU C 918 -6.77 -21.85 1.38
N GLY C 919 -6.18 -21.01 2.23
CA GLY C 919 -6.89 -19.92 2.86
C GLY C 919 -6.49 -18.60 2.24
N ALA C 920 -7.16 -17.54 2.66
CA ALA C 920 -6.84 -16.22 2.13
C ALA C 920 -7.35 -15.15 3.08
N ILE C 921 -6.74 -13.97 3.00
CA ILE C 921 -7.21 -12.80 3.73
C ILE C 921 -7.42 -11.67 2.74
N HIS C 922 -8.62 -11.09 2.74
CA HIS C 922 -8.97 -9.93 1.95
C HIS C 922 -8.87 -8.68 2.81
N VAL C 923 -8.34 -7.61 2.23
CA VAL C 923 -8.37 -6.29 2.87
C VAL C 923 -9.20 -5.36 2.01
N TYR C 924 -10.18 -4.71 2.62
CA TYR C 924 -11.05 -3.74 1.96
C TYR C 924 -10.93 -2.42 2.69
N ARG C 925 -11.01 -1.32 1.94
CA ARG C 925 -10.98 0.01 2.52
C ARG C 925 -12.37 0.64 2.43
N PHE C 926 -12.75 1.36 3.48
CA PHE C 926 -14.05 2.02 3.52
C PHE C 926 -14.03 3.23 2.61
N ILE C 927 -14.95 3.29 1.66
CA ILE C 927 -15.11 4.47 0.83
C ILE C 927 -16.56 4.94 0.96
N ASP C 928 -16.75 6.25 0.85
CA ASP C 928 -18.06 6.89 1.01
C ASP C 928 -18.61 6.66 2.42
N ASP C 929 -17.78 6.97 3.41
CA ASP C 929 -18.18 6.93 4.82
C ASP C 929 -18.68 5.56 5.26
N GLY C 930 -18.31 4.50 4.54
CA GLY C 930 -18.71 3.15 4.88
C GLY C 930 -19.78 2.56 3.98
N ARG C 931 -20.42 3.37 3.14
CA ARG C 931 -21.48 2.89 2.27
C ARG C 931 -20.96 2.09 1.08
N ASP C 932 -19.64 1.94 0.94
CA ASP C 932 -19.09 1.14 -0.14
C ASP C 932 -17.72 0.63 0.29
N LEU C 933 -17.21 -0.35 -0.45
CA LEU C 933 -15.94 -1.00 -0.15
C LEU C 933 -15.08 -1.03 -1.41
N GLU C 934 -13.82 -0.65 -1.27
CA GLU C 934 -12.83 -0.79 -2.33
C GLU C 934 -11.90 -1.93 -1.98
N PHE C 935 -11.71 -2.86 -2.91
CA PHE C 935 -10.84 -3.99 -2.68
C PHE C 935 -9.39 -3.56 -2.79
N ILE C 936 -8.59 -3.89 -1.78
CA ILE C 936 -7.18 -3.53 -1.74
C ILE C 936 -6.36 -4.69 -2.28
N HIS C 937 -6.21 -5.75 -1.48
CA HIS C 937 -5.50 -6.92 -1.97
C HIS C 937 -5.88 -8.15 -1.14
N LYS C 938 -5.55 -9.31 -1.71
CA LYS C 938 -5.86 -10.61 -1.16
C LYS C 938 -4.57 -11.40 -1.02
N THR C 939 -4.30 -11.91 0.17
CA THR C 939 -3.05 -12.59 0.46
C THR C 939 -3.34 -14.04 0.84
N ILE C 940 -2.77 -14.96 0.08
CA ILE C 940 -3.03 -16.39 0.27
C ILE C 940 -2.29 -16.89 1.49
N ILE C 941 -2.90 -17.82 2.20
CA ILE C 941 -2.31 -18.48 3.35
C ILE C 941 -2.63 -19.98 3.26
N GLU C 942 -2.08 -20.74 4.20
CA GLU C 942 -2.07 -22.19 4.08
C GLU C 942 -3.41 -22.85 4.39
N GLU C 943 -4.29 -22.18 5.11
CA GLU C 943 -5.59 -22.74 5.47
C GLU C 943 -6.49 -21.61 5.97
N PRO C 944 -7.79 -21.82 6.03
CA PRO C 944 -8.72 -20.71 6.31
C PRO C 944 -8.54 -20.15 7.70
N PRO C 945 -8.57 -18.83 7.84
CA PRO C 945 -8.46 -18.20 9.16
C PRO C 945 -9.81 -18.02 9.83
N LEU C 946 -10.00 -18.62 10.99
CA LEU C 946 -11.30 -18.62 11.64
C LEU C 946 -11.45 -17.51 12.66
N ALA C 947 -10.41 -16.73 12.92
CA ALA C 947 -10.50 -15.68 13.91
C ALA C 947 -9.58 -14.53 13.52
N PHE C 948 -10.05 -13.32 13.79
CA PHE C 948 -9.27 -12.10 13.64
C PHE C 948 -9.41 -11.29 14.92
N CYS C 949 -8.56 -10.29 15.05
CA CYS C 949 -8.58 -9.43 16.21
C CYS C 949 -7.64 -8.26 16.01
N PRO C 950 -8.07 -7.04 16.31
CA PRO C 950 -7.14 -5.91 16.31
C PRO C 950 -6.22 -5.99 17.51
N PHE C 951 -4.92 -5.81 17.29
CA PHE C 951 -3.92 -5.91 18.35
C PHE C 951 -2.85 -4.86 18.12
N GLN C 952 -2.82 -3.85 18.99
CA GLN C 952 -1.78 -2.82 19.01
C GLN C 952 -1.54 -2.24 17.62
N GLY C 953 -2.60 -1.72 17.01
CA GLY C 953 -2.49 -1.10 15.72
C GLY C 953 -2.09 -2.02 14.59
N ARG C 954 -2.10 -3.34 14.81
CA ARG C 954 -1.82 -4.28 13.74
C ARG C 954 -2.81 -5.44 13.83
N LEU C 955 -2.84 -6.26 12.78
CA LEU C 955 -3.83 -7.32 12.68
C LEU C 955 -3.34 -8.59 13.34
N LEU C 956 -4.26 -9.28 14.03
CA LEU C 956 -3.96 -10.55 14.67
C LEU C 956 -4.82 -11.62 14.03
N ALA C 957 -4.21 -12.70 13.58
CA ALA C 957 -4.93 -13.74 12.86
C ALA C 957 -4.58 -15.11 13.41
N GLY C 958 -5.59 -15.97 13.48
CA GLY C 958 -5.42 -17.34 13.90
C GLY C 958 -5.59 -18.30 12.74
N ILE C 959 -4.54 -19.07 12.44
CA ILE C 959 -4.49 -19.95 11.29
C ILE C 959 -3.94 -21.27 11.77
N GLY C 960 -4.76 -22.33 11.74
CA GLY C 960 -4.30 -23.61 12.27
C GLY C 960 -4.19 -23.53 13.76
N LYS C 961 -3.04 -23.96 14.29
CA LYS C 961 -2.69 -23.74 15.68
C LYS C 961 -1.86 -22.49 15.85
N MET C 962 -1.75 -21.68 14.81
CA MET C 962 -0.75 -20.63 14.69
C MET C 962 -1.38 -19.27 14.95
N LEU C 963 -0.84 -18.53 15.91
CA LEU C 963 -1.15 -17.12 16.09
C LEU C 963 -0.12 -16.29 15.35
N ARG C 964 -0.59 -15.38 14.51
CA ARG C 964 0.28 -14.66 13.59
C ARG C 964 -0.10 -13.18 13.55
N ILE C 965 0.91 -12.31 13.60
CA ILE C 965 0.71 -10.87 13.56
C ILE C 965 0.98 -10.36 12.15
N TYR C 966 0.08 -9.55 11.62
CA TYR C 966 0.19 -8.99 10.29
C TYR C 966 0.17 -7.47 10.37
N ASP C 967 0.78 -6.85 9.37
CA ASP C 967 0.69 -5.41 9.13
C ASP C 967 0.42 -5.19 7.66
N LEU C 968 -0.21 -4.06 7.36
CA LEU C 968 -0.72 -3.83 6.01
C LEU C 968 0.40 -3.35 5.10
N GLY C 969 0.63 -4.09 4.02
CA GLY C 969 1.61 -3.74 3.03
C GLY C 969 0.96 -3.25 1.75
N LEU C 970 1.80 -2.76 0.85
CA LEU C 970 1.31 -2.17 -0.40
C LEU C 970 0.67 -3.22 -1.30
N LYS C 971 1.15 -4.45 -1.26
CA LYS C 971 0.64 -5.52 -2.10
C LYS C 971 0.17 -6.74 -1.33
N GLN C 972 0.60 -6.91 -0.09
CA GLN C 972 0.26 -8.08 0.71
C GLN C 972 0.14 -7.67 2.17
N LEU C 973 -0.31 -8.62 2.98
CA LEU C 973 -0.17 -8.52 4.41
C LEU C 973 1.14 -9.19 4.80
N LEU C 974 1.91 -8.52 5.65
CA LEU C 974 3.29 -8.89 5.92
C LEU C 974 3.41 -9.39 7.34
N ARG C 975 3.92 -10.61 7.50
CA ARG C 975 4.07 -11.20 8.82
C ARG C 975 5.14 -10.48 9.62
N LYS C 976 4.86 -10.24 10.90
CA LYS C 976 5.83 -9.70 11.83
C LYS C 976 6.20 -10.65 12.96
N ALA C 977 5.35 -11.63 13.25
CA ALA C 977 5.60 -12.59 14.33
C ALA C 977 4.59 -13.71 14.20
N GLN C 978 4.92 -14.85 14.81
CA GLN C 978 4.02 -15.99 14.82
C GLN C 978 4.49 -16.98 15.87
N ALA C 979 3.57 -17.86 16.27
CA ALA C 979 3.85 -18.89 17.26
C ALA C 979 2.72 -19.90 17.21
N GLU C 980 2.92 -21.05 17.85
CA GLU C 980 1.89 -22.06 18.00
C GLU C 980 1.38 -22.00 19.44
N VAL C 981 0.08 -21.81 19.60
CA VAL C 981 -0.49 -21.56 20.93
C VAL C 981 -1.70 -22.41 21.25
N SER C 982 -2.38 -23.04 20.29
CA SER C 982 -3.54 -23.80 20.71
C SER C 982 -3.40 -25.26 20.30
N PRO C 983 -4.04 -26.17 21.04
CA PRO C 983 -3.83 -27.60 20.77
C PRO C 983 -4.30 -28.08 19.41
N GLN C 984 -5.37 -27.51 18.83
CA GLN C 984 -5.84 -28.08 17.58
C GLN C 984 -6.25 -27.07 16.52
N LEU C 985 -7.01 -26.04 16.89
CA LEU C 985 -7.49 -25.10 15.90
C LEU C 985 -7.98 -23.84 16.57
N ILE C 986 -7.68 -22.69 15.98
CA ILE C 986 -8.10 -21.39 16.51
C ILE C 986 -9.46 -21.05 15.95
N VAL C 987 -10.38 -20.65 16.84
CA VAL C 987 -11.73 -20.29 16.42
C VAL C 987 -12.16 -18.92 16.91
N SER C 988 -11.49 -18.32 17.88
CA SER C 988 -11.85 -16.99 18.34
C SER C 988 -10.67 -16.36 19.05
N LEU C 989 -10.62 -15.03 19.02
CA LEU C 989 -9.54 -14.27 19.64
C LEU C 989 -10.10 -13.02 20.29
N ASP C 990 -9.43 -12.59 21.35
CA ASP C 990 -9.75 -11.35 22.03
C ASP C 990 -8.52 -10.95 22.84
N THR C 991 -8.30 -9.65 22.98
CA THR C 991 -7.05 -9.18 23.56
C THR C 991 -7.27 -7.98 24.47
N ARG C 992 -6.35 -7.82 25.41
CA ARG C 992 -6.26 -6.64 26.27
C ARG C 992 -4.79 -6.44 26.59
N HIS C 993 -4.27 -5.25 26.31
CA HIS C 993 -2.88 -4.88 26.61
C HIS C 993 -1.95 -5.85 25.89
N ASN C 994 -1.01 -6.49 26.56
CA ASN C 994 -0.11 -7.46 25.95
C ASN C 994 -0.65 -8.88 26.04
N ARG C 995 -1.86 -9.07 26.53
CA ARG C 995 -2.39 -10.41 26.76
C ARG C 995 -3.34 -10.79 25.64
N ILE C 996 -3.18 -12.00 25.12
CA ILE C 996 -4.03 -12.57 24.08
C ILE C 996 -4.75 -13.78 24.67
N VAL C 997 -6.06 -13.84 24.46
CA VAL C 997 -6.86 -15.00 24.81
C VAL C 997 -7.19 -15.73 23.53
N VAL C 998 -6.97 -17.05 23.51
CA VAL C 998 -7.11 -17.86 22.32
C VAL C 998 -8.13 -18.95 22.56
N GLY C 999 -9.11 -19.04 21.67
CA GLY C 999 -10.14 -20.06 21.76
C GLY C 999 -9.85 -21.22 20.82
N ASP C 1000 -9.79 -22.42 21.39
CA ASP C 1000 -9.52 -23.62 20.62
C ASP C 1000 -10.84 -24.33 20.30
N VAL C 1001 -10.86 -25.05 19.19
CA VAL C 1001 -12.07 -25.71 18.75
C VAL C 1001 -12.48 -26.84 19.67
N GLN C 1002 -11.54 -27.40 20.44
CA GLN C 1002 -11.85 -28.56 21.27
C GLN C 1002 -11.30 -28.43 22.69
N HIS C 1003 -10.18 -27.73 22.87
CA HIS C 1003 -9.49 -27.73 24.15
C HIS C 1003 -9.63 -26.41 24.91
N GLY C 1004 -10.62 -25.60 24.55
CA GLY C 1004 -10.95 -24.45 25.37
C GLY C 1004 -9.98 -23.30 25.24
N MET C 1005 -9.78 -22.60 26.34
CA MET C 1005 -9.01 -21.37 26.34
C MET C 1005 -7.52 -21.62 26.51
N THR C 1006 -6.73 -20.75 25.90
CA THR C 1006 -5.28 -20.71 26.11
C THR C 1006 -4.86 -19.25 26.19
N TYR C 1007 -4.29 -18.86 27.33
CA TYR C 1007 -3.77 -17.52 27.54
C TYR C 1007 -2.33 -17.44 27.08
N VAL C 1008 -2.05 -16.51 26.16
CA VAL C 1008 -0.72 -16.23 25.67
C VAL C 1008 -0.38 -14.77 25.99
N VAL C 1009 0.91 -14.48 26.14
CA VAL C 1009 1.36 -13.13 26.43
C VAL C 1009 2.39 -12.73 25.37
N TYR C 1010 2.37 -11.44 25.03
CA TYR C 1010 3.28 -10.87 24.05
C TYR C 1010 4.44 -10.19 24.77
N LYS C 1011 5.65 -10.52 24.35
CA LYS C 1011 6.85 -9.85 24.85
C LYS C 1011 7.37 -8.92 23.76
N PRO C 1012 7.24 -7.61 23.90
CA PRO C 1012 7.66 -6.72 22.80
C PRO C 1012 9.15 -6.77 22.54
N ASP C 1013 9.96 -6.88 23.60
CA ASP C 1013 11.41 -6.96 23.41
C ASP C 1013 11.77 -8.18 22.57
N SER C 1014 11.23 -9.34 22.92
CA SER C 1014 11.60 -10.58 22.26
C SER C 1014 10.84 -10.84 20.98
N ASN C 1015 9.69 -10.18 20.79
CA ASN C 1015 8.80 -10.45 19.65
C ASN C 1015 8.36 -11.91 19.64
N LYS C 1016 7.95 -12.39 20.81
CA LYS C 1016 7.57 -13.79 21.00
C LYS C 1016 6.20 -13.86 21.66
N LEU C 1017 5.37 -14.77 21.17
CA LEU C 1017 4.06 -15.04 21.74
C LEU C 1017 4.17 -16.27 22.62
N ILE C 1018 3.89 -16.11 23.90
CA ILE C 1018 4.18 -17.16 24.88
C ILE C 1018 2.90 -17.64 25.53
N PRO C 1019 2.44 -18.86 25.24
CA PRO C 1019 1.30 -19.44 25.98
C PRO C 1019 1.71 -19.76 27.40
N PHE C 1020 1.09 -19.09 28.36
CA PHE C 1020 1.37 -19.32 29.77
C PHE C 1020 0.21 -19.92 30.54
N ALA C 1021 -1.00 -19.91 30.00
CA ALA C 1021 -2.11 -20.54 30.70
C ALA C 1021 -2.92 -21.39 29.74
N ASP C 1022 -3.56 -22.42 30.29
CA ASP C 1022 -4.29 -23.38 29.49
C ASP C 1022 -5.51 -23.82 30.29
N ASP C 1023 -6.50 -24.37 29.58
CA ASP C 1023 -7.77 -24.71 30.19
C ASP C 1023 -7.73 -26.12 30.77
N THR C 1024 -8.54 -26.33 31.82
CA THR C 1024 -8.60 -27.60 32.50
C THR C 1024 -9.19 -28.68 31.60
N ILE C 1025 -10.49 -28.60 31.34
CA ILE C 1025 -11.20 -29.63 30.59
C ILE C 1025 -11.36 -29.20 29.14
N ALA C 1026 -12.02 -30.03 28.34
CA ALA C 1026 -12.23 -29.73 26.94
C ALA C 1026 -13.51 -28.93 26.76
N ARG C 1027 -13.40 -27.78 26.08
CA ARG C 1027 -14.54 -26.96 25.72
C ARG C 1027 -14.53 -26.75 24.22
N TRP C 1028 -15.67 -27.01 23.58
CA TRP C 1028 -15.80 -26.87 22.13
C TRP C 1028 -16.29 -25.46 21.83
N THR C 1029 -15.36 -24.50 21.94
CA THR C 1029 -15.68 -23.09 21.90
C THR C 1029 -16.47 -22.72 20.66
N THR C 1030 -17.32 -21.72 20.79
CA THR C 1030 -18.15 -21.23 19.70
C THR C 1030 -18.12 -19.71 19.64
N CYS C 1031 -17.89 -19.07 20.78
CA CYS C 1031 -17.84 -17.62 20.87
C CYS C 1031 -17.14 -17.26 22.16
N THR C 1032 -16.62 -16.03 22.22
CA THR C 1032 -15.81 -15.65 23.36
C THR C 1032 -15.74 -14.13 23.46
N THR C 1033 -15.48 -13.64 24.67
CA THR C 1033 -15.22 -12.23 24.91
C THR C 1033 -14.54 -12.09 26.27
N MET C 1034 -13.71 -11.06 26.39
CA MET C 1034 -13.02 -10.77 27.63
C MET C 1034 -13.86 -9.80 28.45
N VAL C 1035 -14.05 -10.12 29.73
CA VAL C 1035 -14.85 -9.26 30.60
C VAL C 1035 -13.93 -8.38 31.45
N ASP C 1036 -12.72 -8.87 31.73
CA ASP C 1036 -11.69 -8.06 32.37
C ASP C 1036 -10.33 -8.58 31.90
N TYR C 1037 -9.27 -8.13 32.56
CA TYR C 1037 -7.94 -8.54 32.15
C TYR C 1037 -7.67 -10.00 32.47
N GLU C 1038 -8.31 -10.54 33.51
CA GLU C 1038 -7.98 -11.87 33.97
C GLU C 1038 -8.94 -12.95 33.49
N SER C 1039 -10.18 -12.60 33.20
CA SER C 1039 -11.23 -13.59 32.93
C SER C 1039 -11.84 -13.39 31.55
N VAL C 1040 -12.34 -14.48 30.99
CA VAL C 1040 -12.96 -14.49 29.67
C VAL C 1040 -14.21 -15.37 29.74
N ALA C 1041 -15.25 -14.95 29.04
CA ALA C 1041 -16.54 -15.65 28.99
C ALA C 1041 -16.78 -16.20 27.59
N GLY C 1042 -17.48 -17.33 27.53
CA GLY C 1042 -17.79 -17.91 26.23
C GLY C 1042 -18.79 -19.03 26.36
N GLY C 1043 -19.16 -19.60 25.20
CA GLY C 1043 -20.04 -20.73 25.16
C GLY C 1043 -19.51 -21.79 24.22
N ASP C 1044 -20.01 -23.02 24.38
CA ASP C 1044 -19.51 -24.12 23.57
C ASP C 1044 -20.66 -24.81 22.83
N LYS C 1045 -20.29 -25.74 21.94
CA LYS C 1045 -21.25 -26.35 21.03
C LYS C 1045 -22.18 -27.35 21.72
N PHE C 1046 -21.91 -27.72 22.96
CA PHE C 1046 -22.80 -28.60 23.70
C PHE C 1046 -23.83 -27.84 24.52
N GLY C 1047 -23.85 -26.53 24.44
CA GLY C 1047 -24.90 -25.75 25.07
C GLY C 1047 -24.53 -25.21 26.43
N ASN C 1048 -23.29 -24.76 26.59
CA ASN C 1048 -22.81 -24.28 27.87
C ASN C 1048 -22.30 -22.85 27.75
N LEU C 1049 -22.45 -22.10 28.84
CA LEU C 1049 -21.84 -20.79 29.04
C LEU C 1049 -20.91 -20.89 30.24
N TRP C 1050 -19.77 -20.23 30.15
CA TRP C 1050 -18.77 -20.32 31.20
C TRP C 1050 -17.95 -19.03 31.24
N ILE C 1051 -17.26 -18.84 32.37
CA ILE C 1051 -16.32 -17.75 32.59
C ILE C 1051 -15.12 -18.34 33.32
N VAL C 1052 -13.92 -18.18 32.75
CA VAL C 1052 -12.69 -18.70 33.33
C VAL C 1052 -11.78 -17.54 33.65
N ARG C 1053 -10.96 -17.71 34.69
CA ARG C 1053 -10.07 -16.67 35.19
C ARG C 1053 -8.67 -17.24 35.37
N CYS C 1054 -7.67 -16.39 35.19
CA CYS C 1054 -6.29 -16.81 35.40
C CYS C 1054 -5.88 -16.58 36.85
N PRO C 1055 -5.12 -17.51 37.44
CA PRO C 1055 -4.65 -17.30 38.81
C PRO C 1055 -3.72 -16.10 38.87
N GLU C 1056 -3.75 -15.41 40.03
CA GLU C 1056 -3.07 -14.13 40.15
C GLU C 1056 -1.54 -14.30 40.08
N ARG C 1057 -1.02 -15.37 40.68
CA ARG C 1057 0.42 -15.62 40.61
C ARG C 1057 0.85 -15.82 39.16
N ALA C 1058 0.21 -16.75 38.45
CA ALA C 1058 0.53 -16.98 37.05
C ALA C 1058 0.25 -15.75 36.19
N SER C 1059 -0.70 -14.92 36.60
CA SER C 1059 -0.98 -13.69 35.84
C SER C 1059 0.13 -12.67 36.02
N LEU C 1060 0.65 -12.53 37.23
CA LEU C 1060 1.70 -11.55 37.48
C LEU C 1060 3.06 -12.02 36.98
N GLU C 1061 3.27 -13.34 36.88
CA GLU C 1061 4.55 -13.84 36.38
C GLU C 1061 4.78 -13.40 34.94
N SER C 1062 3.77 -13.56 34.09
CA SER C 1062 3.83 -12.99 32.76
C SER C 1062 3.79 -11.46 32.86
N ASP C 1063 3.92 -10.80 31.71
CA ASP C 1063 3.91 -9.34 31.62
C ASP C 1063 5.04 -8.67 32.42
N GLU C 1064 6.11 -9.40 32.69
CA GLU C 1064 7.19 -8.91 33.55
C GLU C 1064 7.75 -7.57 33.08
N PRO C 1082 2.34 -25.71 31.41
CA PRO C 1082 1.99 -24.34 31.81
C PRO C 1082 1.21 -24.31 33.13
N ASN C 1083 0.34 -23.31 33.27
CA ASN C 1083 -0.61 -23.25 34.37
C ASN C 1083 -2.01 -23.51 33.84
N ARG C 1084 -2.95 -23.69 34.77
CA ARG C 1084 -4.32 -24.00 34.41
C ARG C 1084 -5.24 -22.89 34.89
N LEU C 1085 -6.27 -22.61 34.10
CA LEU C 1085 -7.23 -21.56 34.42
C LEU C 1085 -8.24 -22.03 35.46
N ASP C 1086 -8.71 -21.09 36.27
CA ASP C 1086 -9.76 -21.37 37.22
C ASP C 1086 -11.12 -21.16 36.55
N LEU C 1087 -12.11 -21.91 37.01
CA LEU C 1087 -13.47 -21.82 36.49
C LEU C 1087 -14.27 -20.88 37.40
N MET C 1088 -14.62 -19.70 36.88
CA MET C 1088 -15.38 -18.76 37.67
C MET C 1088 -16.87 -19.02 37.60
N ALA C 1089 -17.39 -19.44 36.45
CA ALA C 1089 -18.82 -19.70 36.38
C ALA C 1089 -19.14 -20.67 35.26
N HIS C 1090 -20.19 -21.46 35.47
CA HIS C 1090 -20.67 -22.39 34.46
C HIS C 1090 -22.17 -22.50 34.56
N PHE C 1091 -22.83 -22.69 33.42
CA PHE C 1091 -24.28 -22.69 33.37
C PHE C 1091 -24.71 -23.33 32.06
N TYR C 1092 -25.80 -24.08 32.10
CA TYR C 1092 -26.31 -24.79 30.92
C TYR C 1092 -27.59 -24.13 30.43
N PRO C 1093 -27.52 -23.17 29.52
CA PRO C 1093 -28.70 -22.81 28.73
C PRO C 1093 -28.79 -23.79 27.58
N GLN C 1094 -29.96 -24.39 27.39
CA GLN C 1094 -30.08 -25.50 26.45
C GLN C 1094 -29.59 -25.11 25.07
N ASP C 1095 -29.74 -23.84 24.69
CA ASP C 1095 -29.39 -23.39 23.35
C ASP C 1095 -27.88 -23.28 23.19
N LEU C 1096 -27.44 -23.38 21.93
CA LEU C 1096 -26.02 -23.36 21.61
C LEU C 1096 -25.59 -21.92 21.37
N PRO C 1097 -24.68 -21.37 22.18
CA PRO C 1097 -24.31 -19.96 22.02
C PRO C 1097 -23.52 -19.72 20.74
N THR C 1098 -23.90 -18.67 20.02
CA THR C 1098 -23.26 -18.29 18.77
C THR C 1098 -22.54 -16.96 18.83
N SER C 1099 -22.81 -16.14 19.84
CA SER C 1099 -22.13 -14.88 20.02
C SER C 1099 -22.37 -14.42 21.45
N ILE C 1100 -21.37 -13.73 21.99
CA ILE C 1100 -21.44 -13.20 23.35
C ILE C 1100 -20.68 -11.89 23.37
N CYS C 1101 -21.18 -10.94 24.15
CA CYS C 1101 -20.48 -9.67 24.27
C CYS C 1101 -20.82 -9.04 25.61
N LYS C 1102 -19.90 -8.20 26.09
CA LYS C 1102 -20.18 -7.34 27.23
C LYS C 1102 -20.67 -6.01 26.71
N THR C 1103 -21.77 -5.52 27.28
CA THR C 1103 -22.35 -4.27 26.82
C THR C 1103 -23.26 -3.72 27.91
N ASN C 1104 -23.94 -2.64 27.60
CA ASN C 1104 -24.91 -2.02 28.50
C ASN C 1104 -26.21 -1.85 27.74
N LEU C 1105 -27.29 -2.40 28.27
CA LEU C 1105 -28.60 -2.25 27.64
C LEU C 1105 -29.40 -1.09 28.19
N VAL C 1106 -29.07 -0.60 29.37
CA VAL C 1106 -29.75 0.53 29.99
C VAL C 1106 -28.73 1.62 30.29
N VAL C 1107 -29.16 2.87 30.15
CA VAL C 1107 -28.28 4.03 30.31
C VAL C 1107 -27.57 3.96 31.66
N GLY C 1108 -28.31 4.01 32.75
CA GLY C 1108 -27.72 3.91 34.07
C GLY C 1108 -27.63 2.48 34.54
N GLY C 1109 -27.59 1.55 33.59
CA GLY C 1109 -27.67 0.14 33.90
C GLY C 1109 -26.33 -0.51 34.15
N GLN C 1110 -26.39 -1.70 34.73
CA GLN C 1110 -25.22 -2.50 34.98
C GLN C 1110 -24.57 -2.93 33.67
N ASP C 1111 -23.27 -3.22 33.73
CA ASP C 1111 -22.63 -3.93 32.63
C ASP C 1111 -23.16 -5.36 32.61
N VAL C 1112 -23.57 -5.83 31.43
CA VAL C 1112 -24.19 -7.15 31.31
C VAL C 1112 -23.49 -7.92 30.20
N LEU C 1113 -23.72 -9.23 30.20
CA LEU C 1113 -23.29 -10.11 29.13
C LEU C 1113 -24.51 -10.48 28.30
N VAL C 1114 -24.50 -10.12 27.03
CA VAL C 1114 -25.60 -10.44 26.12
C VAL C 1114 -25.12 -11.52 25.16
N TRP C 1115 -25.89 -12.60 25.06
CA TRP C 1115 -25.49 -13.72 24.24
C TRP C 1115 -26.65 -14.15 23.36
N SER C 1116 -26.31 -14.84 22.28
CA SER C 1116 -27.28 -15.34 21.32
C SER C 1116 -27.13 -16.85 21.20
N GLY C 1117 -28.25 -17.55 21.07
CA GLY C 1117 -28.24 -18.97 20.86
C GLY C 1117 -28.74 -19.31 19.47
N ILE C 1118 -28.37 -20.48 18.93
CA ILE C 1118 -28.78 -20.83 17.58
C ILE C 1118 -30.29 -20.71 17.45
N GLN C 1119 -31.02 -21.48 18.24
CA GLN C 1119 -32.45 -21.63 18.09
C GLN C 1119 -33.22 -20.32 18.23
N GLY C 1120 -32.52 -19.22 18.45
CA GLY C 1120 -33.12 -17.91 18.50
C GLY C 1120 -33.00 -17.21 19.83
N THR C 1121 -32.47 -17.86 20.85
CA THR C 1121 -32.38 -17.26 22.16
C THR C 1121 -31.49 -16.02 22.13
N VAL C 1122 -32.00 -14.92 22.66
CA VAL C 1122 -31.19 -13.79 23.07
C VAL C 1122 -31.31 -13.71 24.59
N GLY C 1123 -30.19 -13.82 25.29
CA GLY C 1123 -30.20 -13.90 26.73
C GLY C 1123 -29.22 -12.93 27.36
N VAL C 1124 -29.39 -12.72 28.66
CA VAL C 1124 -28.55 -11.82 29.44
C VAL C 1124 -28.04 -12.53 30.68
N LEU C 1125 -26.83 -12.15 31.09
CA LEU C 1125 -26.28 -12.44 32.39
C LEU C 1125 -26.03 -11.10 33.06
N ILE C 1126 -26.64 -10.89 34.22
CA ILE C 1126 -26.70 -9.61 34.91
C ILE C 1126 -26.09 -9.79 36.29
N PRO C 1127 -25.07 -9.05 36.66
CA PRO C 1127 -24.49 -9.19 38.00
C PRO C 1127 -25.32 -8.46 39.04
N PHE C 1128 -25.35 -9.03 40.24
CA PHE C 1128 -26.08 -8.42 41.34
C PHE C 1128 -25.36 -7.18 41.82
N VAL C 1129 -26.13 -6.21 42.30
CA VAL C 1129 -25.52 -4.97 42.76
C VAL C 1129 -25.02 -5.10 44.19
N THR C 1130 -25.66 -5.96 44.99
CA THR C 1130 -25.25 -6.19 46.38
C THR C 1130 -25.32 -7.68 46.67
N ARG C 1131 -24.61 -8.08 47.73
CA ARG C 1131 -24.68 -9.46 48.18
C ARG C 1131 -26.10 -9.83 48.59
N GLU C 1132 -26.77 -8.94 49.31
CA GLU C 1132 -28.11 -9.22 49.82
C GLU C 1132 -29.06 -9.59 48.69
N ASP C 1133 -28.96 -8.89 47.55
CA ASP C 1133 -29.76 -9.25 46.39
C ASP C 1133 -29.42 -10.65 45.91
N ALA C 1134 -28.14 -11.01 45.90
CA ALA C 1134 -27.73 -12.33 45.46
C ALA C 1134 -28.31 -13.41 46.34
N ASP C 1135 -28.22 -13.23 47.67
CA ASP C 1135 -28.83 -14.20 48.58
C ASP C 1135 -30.32 -14.27 48.37
N PHE C 1136 -30.97 -13.12 48.15
CA PHE C 1136 -32.41 -13.12 47.91
C PHE C 1136 -32.77 -13.99 46.73
N PHE C 1137 -32.14 -13.77 45.57
CA PHE C 1137 -32.51 -14.54 44.40
C PHE C 1137 -32.04 -15.99 44.48
N GLN C 1138 -31.01 -16.28 45.28
CA GLN C 1138 -30.61 -17.66 45.48
C GLN C 1138 -31.67 -18.42 46.26
N ASN C 1139 -32.14 -17.85 47.37
CA ASN C 1139 -33.16 -18.53 48.17
C ASN C 1139 -34.50 -18.58 47.44
N LEU C 1140 -34.85 -17.49 46.75
CA LEU C 1140 -36.03 -17.52 45.90
C LEU C 1140 -35.91 -18.63 44.87
N GLU C 1141 -34.72 -18.83 44.32
CA GLU C 1141 -34.51 -19.90 43.36
C GLU C 1141 -34.74 -21.26 44.01
N SER C 1142 -34.19 -21.47 45.21
CA SER C 1142 -34.37 -22.75 45.90
C SER C 1142 -35.86 -23.04 46.12
N HIS C 1143 -36.60 -22.06 46.64
CA HIS C 1143 -38.01 -22.29 46.88
C HIS C 1143 -38.77 -22.50 45.59
N MET C 1144 -38.37 -21.83 44.50
CA MET C 1144 -39.01 -22.08 43.21
C MET C 1144 -38.72 -23.49 42.71
N ARG C 1145 -37.53 -24.01 42.98
CA ARG C 1145 -37.22 -25.39 42.61
C ARG C 1145 -38.09 -26.35 43.39
N ALA C 1146 -38.37 -26.04 44.65
CA ALA C 1146 -39.19 -26.94 45.46
C ALA C 1146 -40.68 -26.84 45.14
N GLU C 1147 -41.15 -25.67 44.70
CA GLU C 1147 -42.58 -25.42 44.59
C GLU C 1147 -43.13 -25.48 43.17
N ASP C 1148 -42.32 -25.19 42.16
CA ASP C 1148 -42.72 -25.31 40.76
C ASP C 1148 -41.66 -26.08 40.01
N PRO C 1149 -41.50 -27.37 40.29
CA PRO C 1149 -40.44 -28.15 39.67
C PRO C 1149 -40.65 -28.24 38.17
N PRO C 1150 -39.60 -28.57 37.42
CA PRO C 1150 -39.73 -28.61 35.96
C PRO C 1150 -40.83 -29.55 35.51
N LEU C 1151 -41.48 -29.17 34.41
CA LEU C 1151 -42.71 -29.84 33.98
C LEU C 1151 -42.46 -31.28 33.55
N ALA C 1152 -41.35 -31.53 32.87
CA ALA C 1152 -41.11 -32.83 32.26
C ALA C 1152 -40.37 -33.80 33.16
N GLY C 1153 -40.05 -33.40 34.38
CA GLY C 1153 -39.46 -34.32 35.35
C GLY C 1153 -38.01 -34.09 35.68
N ARG C 1154 -37.38 -33.08 35.11
CA ARG C 1154 -35.98 -32.80 35.42
C ARG C 1154 -35.85 -32.27 36.84
N ASP C 1155 -34.64 -32.38 37.37
CA ASP C 1155 -34.25 -31.67 38.58
C ASP C 1155 -33.52 -30.42 38.13
N HIS C 1156 -34.06 -29.25 38.49
CA HIS C 1156 -33.57 -27.99 37.94
C HIS C 1156 -32.07 -27.83 38.13
N LEU C 1157 -31.57 -28.17 39.32
CA LEU C 1157 -30.15 -28.00 39.60
C LEU C 1157 -29.29 -28.88 38.70
N ILE C 1158 -29.72 -30.13 38.49
CA ILE C 1158 -28.96 -31.04 37.65
C ILE C 1158 -29.07 -30.64 36.19
N TYR C 1159 -30.23 -30.14 35.78
CA TYR C 1159 -30.42 -29.70 34.40
C TYR C 1159 -29.49 -28.54 34.08
N ARG C 1160 -29.46 -27.53 34.94
CA ARG C 1160 -28.55 -26.41 34.69
C ARG C 1160 -27.09 -26.79 34.90
N GLY C 1161 -26.83 -27.97 35.42
CA GLY C 1161 -25.48 -28.50 35.50
C GLY C 1161 -25.34 -29.76 34.69
N TYR C 1162 -25.88 -29.73 33.47
CA TYR C 1162 -25.95 -30.92 32.63
C TYR C 1162 -24.59 -31.58 32.49
N TYR C 1163 -23.57 -30.80 32.13
CA TYR C 1163 -22.21 -31.30 31.97
C TYR C 1163 -21.28 -30.90 33.11
N VAL C 1164 -21.35 -29.65 33.56
CA VAL C 1164 -20.54 -29.15 34.66
C VAL C 1164 -21.50 -28.59 35.71
N PRO C 1165 -21.30 -28.89 37.00
CA PRO C 1165 -22.22 -28.38 38.02
C PRO C 1165 -22.35 -26.87 38.00
N VAL C 1166 -23.52 -26.39 38.44
CA VAL C 1166 -23.80 -24.96 38.39
C VAL C 1166 -22.83 -24.21 39.28
N LYS C 1167 -22.19 -23.18 38.74
CA LYS C 1167 -21.29 -22.33 39.51
C LYS C 1167 -21.62 -20.88 39.19
N GLY C 1168 -22.12 -20.15 40.19
CA GLY C 1168 -22.19 -18.71 40.16
C GLY C 1168 -23.36 -18.10 39.42
N VAL C 1169 -24.31 -18.89 38.92
CA VAL C 1169 -25.41 -18.36 38.13
C VAL C 1169 -26.73 -18.77 38.75
N ILE C 1170 -27.61 -17.79 38.94
CA ILE C 1170 -28.98 -18.01 39.36
C ILE C 1170 -29.86 -17.96 38.12
N ASP C 1171 -30.85 -18.84 38.05
CA ASP C 1171 -31.73 -18.90 36.89
C ASP C 1171 -32.89 -17.93 37.10
N GLY C 1172 -32.86 -16.81 36.40
CA GLY C 1172 -33.95 -15.86 36.50
C GLY C 1172 -35.21 -16.33 35.80
N ASP C 1173 -35.06 -17.10 34.73
CA ASP C 1173 -36.23 -17.61 34.02
C ASP C 1173 -37.13 -18.41 34.92
N LEU C 1174 -36.57 -19.04 35.96
CA LEU C 1174 -37.37 -19.76 36.93
C LEU C 1174 -37.92 -18.84 38.01
N CYS C 1175 -37.13 -17.86 38.45
CA CYS C 1175 -37.60 -16.93 39.47
C CYS C 1175 -38.81 -16.15 38.98
N GLU C 1176 -38.82 -15.78 37.70
CA GLU C 1176 -39.93 -15.01 37.15
C GLU C 1176 -41.22 -15.80 37.06
N ARG C 1177 -41.18 -17.11 37.28
CA ARG C 1177 -42.39 -17.90 37.32
C ARG C 1177 -43.06 -17.86 38.68
N PHE C 1178 -42.48 -17.12 39.62
CA PHE C 1178 -43.12 -16.93 40.93
C PHE C 1178 -44.52 -16.35 40.79
N THR C 1179 -44.71 -15.43 39.85
CA THR C 1179 -45.99 -14.76 39.68
C THR C 1179 -47.08 -15.69 39.19
N LEU C 1180 -46.73 -16.89 38.72
CA LEU C 1180 -47.72 -17.86 38.27
C LEU C 1180 -48.17 -18.80 39.37
N LEU C 1181 -47.49 -18.82 40.50
CA LEU C 1181 -47.83 -19.71 41.59
C LEU C 1181 -49.21 -19.38 42.15
N PRO C 1182 -49.87 -20.36 42.77
CA PRO C 1182 -51.06 -20.05 43.55
C PRO C 1182 -50.70 -19.23 44.78
N ASN C 1183 -51.69 -18.51 45.29
CA ASN C 1183 -51.43 -17.55 46.37
C ASN C 1183 -51.00 -18.25 47.65
N ASP C 1184 -51.42 -19.50 47.85
CA ASP C 1184 -50.90 -20.31 48.95
C ASP C 1184 -49.38 -20.36 48.91
N LYS C 1185 -48.83 -20.85 47.79
CA LYS C 1185 -47.39 -20.97 47.66
C LYS C 1185 -46.70 -19.62 47.73
N LYS C 1186 -47.26 -18.61 47.04
CA LYS C 1186 -46.69 -17.26 47.10
C LYS C 1186 -46.56 -16.78 48.53
N GLN C 1187 -47.61 -16.96 49.34
CA GLN C 1187 -47.56 -16.49 50.71
C GLN C 1187 -46.56 -17.28 51.52
N MET C 1188 -46.47 -18.59 51.31
CA MET C 1188 -45.48 -19.37 52.04
C MET C 1188 -44.07 -18.89 51.76
N ILE C 1189 -43.74 -18.72 50.47
CA ILE C 1189 -42.42 -18.23 50.10
C ILE C 1189 -42.20 -16.84 50.68
N ALA C 1190 -43.22 -15.99 50.64
CA ALA C 1190 -43.13 -14.67 51.23
C ALA C 1190 -42.75 -14.76 52.70
N GLY C 1191 -43.33 -15.72 53.42
CA GLY C 1191 -42.96 -15.90 54.81
C GLY C 1191 -41.51 -16.32 54.97
N GLU C 1192 -41.09 -17.35 54.22
CA GLU C 1192 -39.74 -17.87 54.41
C GLU C 1192 -38.68 -16.85 54.01
N LEU C 1193 -38.98 -15.96 53.06
CA LEU C 1193 -38.03 -14.95 52.63
C LEU C 1193 -38.16 -13.64 53.40
N ASP C 1194 -39.17 -13.52 54.28
CA ASP C 1194 -39.35 -12.34 55.12
C ASP C 1194 -39.57 -11.07 54.31
N ARG C 1195 -40.37 -11.18 53.26
CA ARG C 1195 -40.81 -10.03 52.49
C ARG C 1195 -42.24 -10.27 52.03
N SER C 1196 -42.92 -9.19 51.67
CA SER C 1196 -44.29 -9.33 51.18
C SER C 1196 -44.29 -9.82 49.75
N VAL C 1197 -45.45 -10.30 49.29
CA VAL C 1197 -45.55 -10.81 47.93
C VAL C 1197 -45.23 -9.72 46.92
N ARG C 1198 -45.91 -8.58 47.02
CA ARG C 1198 -45.66 -7.49 46.08
C ARG C 1198 -44.24 -6.96 46.20
N GLU C 1199 -43.60 -7.12 47.36
CA GLU C 1199 -42.17 -6.84 47.46
C GLU C 1199 -41.37 -7.77 46.55
N ILE C 1200 -41.69 -9.07 46.59
CA ILE C 1200 -41.02 -10.05 45.74
C ILE C 1200 -41.21 -9.68 44.27
N GLU C 1201 -42.47 -9.56 43.85
CA GLU C 1201 -42.75 -9.20 42.47
C GLU C 1201 -42.02 -7.92 42.07
N ARG C 1202 -41.89 -6.98 43.00
CA ARG C 1202 -41.20 -5.73 42.71
C ARG C 1202 -39.72 -5.97 42.45
N LYS C 1203 -39.06 -6.78 43.28
CA LYS C 1203 -37.63 -7.03 43.05
C LYS C 1203 -37.43 -7.81 41.77
N ILE C 1204 -38.25 -8.84 41.53
CA ILE C 1204 -38.12 -9.63 40.30
C ILE C 1204 -38.26 -8.74 39.08
N SER C 1205 -39.28 -7.91 39.05
CA SER C 1205 -39.45 -6.99 37.92
C SER C 1205 -38.30 -5.99 37.84
N ASP C 1206 -37.83 -5.52 39.00
CA ASP C 1206 -36.90 -4.40 39.02
C ASP C 1206 -35.51 -4.81 38.53
N ILE C 1207 -35.02 -5.99 38.95
CA ILE C 1207 -33.69 -6.40 38.51
C ILE C 1207 -33.63 -6.52 37.00
N ARG C 1208 -34.75 -6.85 36.36
CA ARG C 1208 -34.80 -6.99 34.92
C ARG C 1208 -34.90 -5.64 34.23
N THR C 1209 -35.76 -4.75 34.74
CA THR C 1209 -35.92 -3.45 34.10
C THR C 1209 -34.69 -2.56 34.31
N ARG C 1210 -33.94 -2.78 35.38
CA ARG C 1210 -32.84 -1.87 35.71
C ARG C 1210 -31.64 -2.06 34.80
N SER C 1211 -31.46 -3.26 34.25
CA SER C 1211 -30.24 -3.57 33.53
C SER C 1211 -30.47 -4.29 32.20
N ALA C 1212 -31.73 -4.45 31.78
CA ALA C 1212 -31.99 -5.24 30.58
C ALA C 1212 -33.17 -4.65 29.83
N PHE C 1213 -33.33 -5.13 28.59
CA PHE C 1213 -34.41 -4.74 27.67
C PHE C 1213 -34.14 -3.40 27.01
N THR D 27 -7.17 -47.49 22.67
CA THR D 27 -7.43 -48.78 23.28
C THR D 27 -8.10 -49.72 22.27
N SER D 28 -8.83 -50.71 22.75
CA SER D 28 -9.46 -51.70 21.88
C SER D 28 -10.41 -51.02 20.89
N TRP D 29 -10.54 -51.64 19.72
CA TRP D 29 -11.48 -51.17 18.70
C TRP D 29 -12.91 -51.07 19.25
N GLU D 30 -13.26 -51.95 20.18
CA GLU D 30 -14.57 -51.87 20.81
C GLU D 30 -14.74 -50.54 21.54
N TRP D 31 -13.73 -50.10 22.28
CA TRP D 31 -13.79 -48.84 23.00
C TRP D 31 -14.05 -47.69 22.03
N LYS D 32 -13.17 -47.52 21.05
CA LYS D 32 -13.35 -46.45 20.06
C LYS D 32 -14.74 -46.51 19.44
N THR D 33 -15.19 -47.70 19.08
CA THR D 33 -16.49 -47.84 18.44
C THR D 33 -17.60 -47.35 19.36
N ASN D 34 -17.53 -47.69 20.64
CA ASN D 34 -18.53 -47.23 21.60
C ASN D 34 -18.49 -45.71 21.72
N ILE D 35 -17.29 -45.13 21.83
CA ILE D 35 -17.19 -43.67 21.96
C ILE D 35 -17.83 -42.98 20.76
N HIS D 36 -17.54 -43.47 19.56
CA HIS D 36 -18.13 -42.87 18.37
C HIS D 36 -19.64 -43.02 18.37
N ARG D 37 -20.14 -44.20 18.72
CA ARG D 37 -21.58 -44.40 18.72
C ARG D 37 -22.27 -43.49 19.72
N ASP D 38 -21.67 -43.30 20.90
CA ASP D 38 -22.23 -42.36 21.86
C ASP D 38 -22.21 -40.94 21.32
N THR D 39 -21.14 -40.57 20.62
CA THR D 39 -21.07 -39.21 20.07
C THR D 39 -22.16 -38.97 19.03
N TYR D 40 -22.35 -39.92 18.11
CA TYR D 40 -23.42 -39.77 17.12
C TYR D 40 -24.78 -39.73 17.81
N SER D 41 -25.00 -40.60 18.79
CA SER D 41 -26.24 -40.57 19.56
C SER D 41 -26.49 -39.20 20.16
N SER D 42 -25.45 -38.57 20.70
CA SER D 42 -25.60 -37.26 21.29
C SER D 42 -25.88 -36.19 20.23
N ILE D 43 -25.26 -36.30 19.06
CA ILE D 43 -25.53 -35.33 18.00
C ILE D 43 -26.99 -35.39 17.60
N VAL D 44 -27.52 -36.60 17.40
CA VAL D 44 -28.92 -36.74 17.01
C VAL D 44 -29.85 -36.38 18.16
N GLY D 45 -29.39 -36.50 19.39
CA GLY D 45 -30.27 -36.27 20.53
C GLY D 45 -30.47 -34.82 20.91
N HIS D 46 -29.46 -33.98 20.71
CA HIS D 46 -29.56 -32.58 21.09
C HIS D 46 -29.92 -31.74 19.88
N PRO D 47 -31.13 -31.21 19.79
CA PRO D 47 -31.56 -30.48 18.57
C PRO D 47 -30.66 -29.32 18.21
N PRO D 48 -30.14 -28.55 19.17
CA PRO D 48 -29.31 -27.39 18.77
C PRO D 48 -28.04 -27.78 18.04
N LEU D 49 -27.29 -28.76 18.56
CA LEU D 49 -26.08 -29.21 17.90
C LEU D 49 -26.38 -29.76 16.51
N LEU D 50 -27.40 -30.60 16.41
CA LEU D 50 -27.77 -31.15 15.10
C LEU D 50 -28.09 -30.06 14.11
N SER D 51 -28.83 -29.04 14.54
CA SER D 51 -29.11 -27.90 13.66
C SER D 51 -27.83 -27.18 13.26
N TYR D 52 -26.90 -27.03 14.21
CA TYR D 52 -25.64 -26.35 13.93
C TYR D 52 -24.87 -27.08 12.83
N MET D 53 -24.65 -28.37 13.01
CA MET D 53 -23.89 -29.15 12.04
C MET D 53 -24.60 -29.20 10.70
N ALA D 54 -25.90 -29.46 10.71
CA ALA D 54 -26.64 -29.53 9.45
C ALA D 54 -26.61 -28.20 8.71
N LEU D 55 -26.69 -27.09 9.44
CA LEU D 55 -26.59 -25.79 8.80
C LEU D 55 -25.20 -25.58 8.21
N ALA D 56 -24.16 -26.00 8.92
CA ALA D 56 -22.81 -25.90 8.38
C ALA D 56 -22.67 -26.68 7.08
N GLN D 57 -23.23 -27.87 7.02
CA GLN D 57 -23.17 -28.68 5.81
C GLN D 57 -24.19 -28.25 4.76
N ASN D 58 -25.08 -27.32 5.10
CA ASN D 58 -26.18 -26.89 4.23
C ASN D 58 -27.01 -28.08 3.77
N GLU D 59 -27.33 -28.95 4.71
CA GLU D 59 -28.18 -30.10 4.44
C GLU D 59 -29.45 -30.01 5.26
N PRO D 60 -30.55 -30.59 4.80
CA PRO D 60 -31.74 -30.65 5.64
C PRO D 60 -31.45 -31.41 6.92
N VAL D 61 -32.06 -30.96 8.02
CA VAL D 61 -31.76 -31.53 9.33
C VAL D 61 -32.12 -33.00 9.37
N ALA D 62 -33.21 -33.38 8.69
CA ALA D 62 -33.60 -34.79 8.65
C ALA D 62 -32.55 -35.63 7.94
N LYS D 63 -32.03 -35.13 6.81
CA LYS D 63 -31.03 -35.88 6.05
C LYS D 63 -29.75 -36.04 6.85
N PHE D 64 -29.28 -34.96 7.48
CA PHE D 64 -28.10 -35.05 8.31
C PHE D 64 -28.31 -36.01 9.47
N ARG D 65 -29.50 -35.99 10.07
CA ARG D 65 -29.85 -36.96 11.11
C ARG D 65 -29.70 -38.39 10.61
N VAL D 66 -30.18 -38.67 9.40
CA VAL D 66 -30.11 -40.02 8.86
C VAL D 66 -28.67 -40.42 8.60
N GLN D 67 -27.86 -39.50 8.08
CA GLN D 67 -26.43 -39.80 7.89
C GLN D 67 -25.78 -40.15 9.22
N MET D 68 -26.05 -39.36 10.25
CA MET D 68 -25.44 -39.60 11.56
C MET D 68 -25.85 -40.95 12.11
N ILE D 69 -27.13 -41.32 12.00
CA ILE D 69 -27.55 -42.63 12.50
C ILE D 69 -26.93 -43.75 11.69
N ARG D 70 -26.78 -43.55 10.38
CA ARG D 70 -26.16 -44.56 9.53
C ARG D 70 -24.70 -44.80 9.90
N LYS D 71 -23.99 -43.76 10.33
CA LYS D 71 -22.59 -43.92 10.69
C LYS D 71 -22.38 -44.88 11.86
N MET D 72 -23.42 -45.17 12.64
CA MET D 72 -23.28 -45.99 13.84
C MET D 72 -22.97 -47.45 13.52
N LEU D 73 -23.15 -47.90 12.28
CA LEU D 73 -22.93 -49.29 11.95
C LEU D 73 -21.49 -49.70 12.19
N GLN D 74 -20.56 -48.97 11.56
CA GLN D 74 -19.13 -49.24 11.72
C GLN D 74 -18.42 -47.90 11.61
N PRO D 75 -18.40 -47.12 12.69
CA PRO D 75 -17.84 -45.77 12.59
C PRO D 75 -16.35 -45.73 12.36
N VAL D 76 -15.58 -46.61 12.99
CA VAL D 76 -14.13 -46.53 12.96
C VAL D 76 -13.49 -47.66 12.15
N GLY D 77 -14.25 -48.32 11.28
CA GLY D 77 -13.69 -49.37 10.46
C GLY D 77 -13.91 -50.77 11.01
N PRO D 78 -13.60 -51.78 10.20
CA PRO D 78 -13.87 -53.15 10.62
C PRO D 78 -13.01 -53.54 11.81
N PRO D 79 -13.47 -54.49 12.62
CA PRO D 79 -12.72 -54.90 13.82
C PRO D 79 -11.47 -55.66 13.45
N PRO D 80 -10.53 -55.78 14.37
CA PRO D 80 -9.38 -56.66 14.14
C PRO D 80 -9.79 -58.11 14.32
N PRO D 81 -9.06 -59.05 13.71
CA PRO D 81 -9.37 -60.47 13.87
C PRO D 81 -8.52 -61.13 14.95
#